data_5W0Y
#
_entry.id   5W0Y
#
_entity_poly.entity_id   1
_entity_poly.type   'polypeptide(L)'
_entity_poly.pdbx_seq_one_letter_code
;GSGSSQCNAGPVQCCNTLTSASNSQAAGLIQQLGLSGVGANVPVGINCNPITGIGAGSGSSCNANPACCDNVYTNGLGVQ
CNPINVNL
;
_entity_poly.pdbx_strand_id   A
#
# COMPACT_ATOMS: atom_id res chain seq x y z
N GLY A 1 -20.55 -5.89 -0.78
CA GLY A 1 -19.21 -5.50 -1.27
C GLY A 1 -18.38 -4.87 -0.18
N SER A 2 -17.12 -5.29 -0.09
CA SER A 2 -16.22 -4.76 0.93
C SER A 2 -15.45 -3.56 0.39
N GLY A 3 -15.37 -3.48 -0.94
CA GLY A 3 -14.63 -2.41 -1.57
C GLY A 3 -13.31 -2.89 -2.10
N SER A 4 -12.93 -4.09 -1.72
CA SER A 4 -11.67 -4.67 -2.14
C SER A 4 -11.89 -5.63 -3.30
N SER A 5 -12.20 -5.06 -4.46
CA SER A 5 -12.37 -5.85 -5.67
C SER A 5 -11.03 -6.02 -6.38
N GLN A 6 -10.20 -5.00 -6.24
CA GLN A 6 -8.87 -5.00 -6.85
C GLN A 6 -7.86 -5.66 -5.92
N CYS A 7 -6.64 -5.87 -6.43
CA CYS A 7 -5.54 -6.46 -5.68
C CYS A 7 -5.76 -7.94 -5.44
N ASN A 8 -4.93 -8.76 -6.08
CA ASN A 8 -5.01 -10.20 -5.92
C ASN A 8 -4.10 -10.68 -4.79
N ALA A 9 -3.23 -9.80 -4.33
CA ALA A 9 -2.28 -10.13 -3.27
C ALA A 9 -2.83 -9.76 -1.90
N GLY A 10 -4.06 -9.27 -1.89
CA GLY A 10 -4.71 -8.92 -0.63
C GLY A 10 -5.81 -7.91 -0.86
N PRO A 11 -6.14 -7.10 0.15
CA PRO A 11 -7.13 -6.03 0.00
C PRO A 11 -6.51 -4.77 -0.59
N VAL A 12 -7.37 -3.89 -1.07
CA VAL A 12 -6.95 -2.63 -1.68
C VAL A 12 -6.34 -1.70 -0.64
N GLN A 13 -5.23 -1.06 -0.99
CA GLN A 13 -4.54 -0.20 -0.04
C GLN A 13 -4.53 1.25 -0.51
N CYS A 14 -4.60 2.15 0.46
CA CYS A 14 -4.52 3.59 0.22
C CYS A 14 -3.30 4.15 0.91
N CYS A 15 -2.24 4.36 0.15
CA CYS A 15 -0.96 4.79 0.68
C CYS A 15 -0.82 6.30 0.58
N ASN A 16 -0.19 6.89 1.60
CA ASN A 16 0.14 8.31 1.59
C ASN A 16 1.17 8.58 0.52
N THR A 17 2.02 7.60 0.29
CA THR A 17 3.07 7.71 -0.70
C THR A 17 3.46 6.35 -1.25
N LEU A 18 3.40 6.19 -2.56
CA LEU A 18 3.93 5.00 -3.20
C LEU A 18 5.34 5.28 -3.68
N THR A 19 6.29 4.59 -3.10
CA THR A 19 7.69 4.80 -3.42
C THR A 19 8.46 3.50 -3.25
N SER A 20 9.77 3.56 -3.39
CA SER A 20 10.61 2.38 -3.30
C SER A 20 11.15 2.23 -1.89
N ALA A 21 11.58 1.01 -1.55
CA ALA A 21 12.06 0.70 -0.21
C ALA A 21 13.37 1.42 0.10
N SER A 22 13.91 2.12 -0.89
CA SER A 22 15.11 2.91 -0.70
C SER A 22 14.76 4.27 -0.13
N ASN A 23 13.47 4.58 -0.11
CA ASN A 23 12.99 5.84 0.44
C ASN A 23 13.15 5.84 1.95
N SER A 24 13.57 6.97 2.49
CA SER A 24 13.78 7.13 3.92
C SER A 24 12.50 6.89 4.70
N GLN A 25 11.37 7.22 4.10
CA GLN A 25 10.08 7.00 4.72
C GLN A 25 9.83 5.52 4.87
N ALA A 26 10.12 4.77 3.81
CA ALA A 26 9.89 3.34 3.78
C ALA A 26 10.85 2.62 4.70
N ALA A 27 12.16 2.84 4.51
CA ALA A 27 13.16 2.13 5.29
C ALA A 27 13.04 2.43 6.77
N GLY A 28 12.60 3.64 7.11
CA GLY A 28 12.32 3.96 8.49
C GLY A 28 11.30 3.00 9.08
N LEU A 29 10.22 2.81 8.33
CA LEU A 29 9.16 1.88 8.69
C LEU A 29 9.66 0.43 8.65
N ILE A 30 10.29 0.08 7.53
CA ILE A 30 10.86 -1.25 7.31
C ILE A 30 11.75 -1.65 8.48
N GLN A 31 12.62 -0.75 8.88
CA GLN A 31 13.51 -1.00 9.97
C GLN A 31 12.80 -0.92 11.31
N GLN A 32 11.62 -0.30 11.35
CA GLN A 32 10.80 -0.31 12.56
C GLN A 32 10.20 -1.68 12.78
N LEU A 33 9.77 -2.29 11.68
CA LEU A 33 9.16 -3.60 11.73
C LEU A 33 10.24 -4.67 11.79
N GLY A 34 11.41 -4.33 11.27
CA GLY A 34 12.53 -5.24 11.21
C GLY A 34 12.43 -6.15 10.01
N LEU A 35 12.01 -5.60 8.88
CA LEU A 35 11.80 -6.35 7.66
C LEU A 35 13.10 -6.56 6.89
N SER A 36 13.51 -7.81 6.75
CA SER A 36 14.68 -8.15 5.97
C SER A 36 14.25 -8.69 4.60
N GLY A 37 15.03 -8.40 3.57
CA GLY A 37 14.76 -8.94 2.26
C GLY A 37 14.24 -7.91 1.29
N VAL A 38 13.79 -6.78 1.82
CA VAL A 38 13.28 -5.71 1.00
C VAL A 38 14.43 -4.86 0.48
N GLY A 39 14.69 -4.96 -0.82
CA GLY A 39 15.78 -4.21 -1.42
C GLY A 39 15.35 -2.82 -1.82
N ALA A 40 16.23 -2.11 -2.51
CA ALA A 40 16.00 -0.70 -2.80
C ALA A 40 15.03 -0.50 -3.97
N ASN A 41 14.91 -1.50 -4.83
CA ASN A 41 14.05 -1.39 -6.01
C ASN A 41 12.65 -1.94 -5.68
N VAL A 42 12.53 -2.49 -4.49
CA VAL A 42 11.27 -3.09 -4.04
C VAL A 42 10.22 -2.01 -3.80
N PRO A 43 8.99 -2.26 -4.27
CA PRO A 43 7.89 -1.34 -4.10
C PRO A 43 7.38 -1.35 -2.67
N VAL A 44 7.01 -0.19 -2.15
CA VAL A 44 6.44 -0.11 -0.82
C VAL A 44 5.36 0.95 -0.77
N GLY A 45 4.44 0.79 0.16
CA GLY A 45 3.41 1.77 0.34
C GLY A 45 3.52 2.45 1.68
N ILE A 46 3.72 3.75 1.63
CA ILE A 46 3.89 4.56 2.81
C ILE A 46 2.52 4.87 3.42
N ASN A 47 2.34 4.51 4.68
CA ASN A 47 1.13 4.87 5.42
C ASN A 47 -0.11 4.35 4.71
N CYS A 48 -0.12 3.07 4.41
CA CYS A 48 -1.21 2.50 3.65
C CYS A 48 -2.25 1.86 4.55
N ASN A 49 -3.50 2.09 4.21
CA ASN A 49 -4.62 1.46 4.89
C ASN A 49 -5.52 0.78 3.86
N PRO A 50 -6.35 -0.16 4.30
CA PRO A 50 -7.20 -0.92 3.41
C PRO A 50 -8.46 -0.14 3.05
N ILE A 51 -8.64 0.13 1.77
CA ILE A 51 -9.75 0.94 1.30
C ILE A 51 -11.04 0.15 1.38
N THR A 52 -11.69 0.20 2.51
CA THR A 52 -12.89 -0.57 2.71
C THR A 52 -14.07 0.35 3.02
N GLY A 53 -13.91 1.60 2.66
CA GLY A 53 -14.98 2.57 2.82
C GLY A 53 -15.52 3.02 1.49
N ILE A 54 -16.44 2.24 0.92
CA ILE A 54 -17.00 2.55 -0.37
C ILE A 54 -17.77 3.87 -0.33
N GLY A 55 -17.42 4.75 -1.25
CA GLY A 55 -18.00 6.07 -1.29
C GLY A 55 -16.94 7.12 -1.45
N ALA A 56 -15.72 6.78 -1.07
CA ALA A 56 -14.59 7.68 -1.19
C ALA A 56 -14.11 7.74 -2.63
N GLY A 57 -14.48 8.81 -3.32
CA GLY A 57 -14.08 8.98 -4.70
C GLY A 57 -15.17 8.54 -5.65
N SER A 58 -14.82 7.70 -6.61
CA SER A 58 -15.79 7.18 -7.58
C SER A 58 -16.41 5.89 -7.06
N GLY A 59 -16.02 5.52 -5.85
CA GLY A 59 -16.48 4.29 -5.24
C GLY A 59 -15.49 3.81 -4.22
N SER A 60 -14.66 2.87 -4.60
CA SER A 60 -13.53 2.49 -3.79
C SER A 60 -12.25 2.97 -4.47
N SER A 61 -11.53 3.86 -3.79
CA SER A 61 -10.31 4.43 -4.33
C SER A 61 -9.55 5.19 -3.26
N CYS A 62 -8.35 5.64 -3.58
CA CYS A 62 -7.51 6.32 -2.60
C CYS A 62 -7.22 7.74 -3.05
N ASN A 63 -7.48 8.68 -2.15
CA ASN A 63 -7.24 10.09 -2.40
C ASN A 63 -5.76 10.34 -2.67
N ALA A 64 -4.92 9.57 -2.00
CA ALA A 64 -3.48 9.73 -2.15
C ALA A 64 -2.95 8.81 -3.24
N ASN A 65 -2.62 7.57 -2.89
CA ASN A 65 -2.12 6.59 -3.85
C ASN A 65 -2.68 5.22 -3.55
N PRO A 66 -3.46 4.67 -4.47
CA PRO A 66 -4.02 3.32 -4.32
C PRO A 66 -3.04 2.24 -4.77
N ALA A 67 -2.90 1.20 -3.98
CA ALA A 67 -1.94 0.15 -4.28
C ALA A 67 -2.41 -1.22 -3.85
N CYS A 68 -1.74 -2.23 -4.38
CA CYS A 68 -1.89 -3.60 -3.92
C CYS A 68 -0.56 -4.07 -3.39
N CYS A 69 -0.55 -4.61 -2.18
CA CYS A 69 0.70 -5.02 -1.56
C CYS A 69 0.68 -6.47 -1.16
N ASP A 70 1.88 -7.03 -1.02
CA ASP A 70 2.04 -8.38 -0.55
C ASP A 70 1.71 -8.44 0.94
N ASN A 71 2.22 -7.47 1.68
CA ASN A 71 1.95 -7.35 3.11
C ASN A 71 1.85 -5.90 3.50
N VAL A 72 0.91 -5.58 4.38
CA VAL A 72 0.82 -4.23 4.94
C VAL A 72 0.74 -4.31 6.44
N TYR A 73 1.68 -3.66 7.10
CA TYR A 73 1.80 -3.73 8.53
C TYR A 73 1.08 -2.54 9.16
N THR A 74 0.76 -2.67 10.44
CA THR A 74 -0.17 -1.77 11.11
C THR A 74 0.38 -0.35 11.26
N ASN A 75 1.70 -0.20 11.19
CA ASN A 75 2.32 1.12 11.14
C ASN A 75 1.94 1.80 9.83
N GLY A 76 1.51 0.97 8.89
CA GLY A 76 1.09 1.44 7.60
C GLY A 76 2.12 1.18 6.53
N LEU A 77 3.07 0.29 6.79
CA LEU A 77 4.11 0.02 5.83
C LEU A 77 3.69 -1.15 4.95
N GLY A 78 3.63 -0.90 3.66
CA GLY A 78 3.31 -1.94 2.72
C GLY A 78 4.54 -2.41 1.97
N VAL A 79 4.62 -3.71 1.72
CA VAL A 79 5.72 -4.26 0.96
C VAL A 79 5.21 -4.84 -0.36
N GLN A 80 5.85 -4.45 -1.45
CA GLN A 80 5.47 -4.88 -2.79
C GLN A 80 4.14 -4.26 -3.20
N CYS A 81 4.03 -2.96 -3.00
CA CYS A 81 2.83 -2.22 -3.38
C CYS A 81 2.89 -1.80 -4.83
N ASN A 82 1.99 -2.36 -5.62
CA ASN A 82 1.86 -1.98 -7.02
C ASN A 82 0.71 -1.01 -7.19
N PRO A 83 0.94 0.09 -7.91
CA PRO A 83 -0.06 1.15 -8.12
C PRO A 83 -1.30 0.65 -8.82
N ILE A 84 -2.45 1.03 -8.28
CA ILE A 84 -3.74 0.63 -8.85
C ILE A 84 -4.19 1.64 -9.90
N ASN A 85 -4.89 1.14 -10.90
CA ASN A 85 -5.42 1.97 -11.97
C ASN A 85 -6.72 2.60 -11.49
N VAL A 86 -6.66 3.88 -11.20
CA VAL A 86 -7.83 4.64 -10.80
C VAL A 86 -7.92 5.86 -11.70
N ASN A 87 -8.55 5.65 -12.86
CA ASN A 87 -8.54 6.63 -13.94
C ASN A 87 -7.08 6.95 -14.29
N LEU A 88 -6.28 5.90 -14.40
CA LEU A 88 -4.83 6.02 -14.61
C LEU A 88 -4.52 6.78 -15.89
N GLY A 1 -19.87 -5.89 3.03
CA GLY A 1 -19.33 -6.71 1.92
C GLY A 1 -17.85 -6.50 1.73
N SER A 2 -17.31 -7.01 0.64
CA SER A 2 -15.89 -6.87 0.35
C SER A 2 -15.66 -5.62 -0.50
N GLY A 3 -14.79 -4.74 -0.02
CA GLY A 3 -14.47 -3.53 -0.75
C GLY A 3 -13.31 -3.72 -1.69
N SER A 4 -12.60 -4.82 -1.51
CA SER A 4 -11.43 -5.12 -2.32
C SER A 4 -11.83 -5.93 -3.55
N SER A 5 -12.21 -5.24 -4.60
CA SER A 5 -12.48 -5.89 -5.87
C SER A 5 -11.19 -5.98 -6.69
N GLN A 6 -10.24 -5.12 -6.36
CA GLN A 6 -8.91 -5.14 -6.95
C GLN A 6 -7.95 -5.91 -6.04
N CYS A 7 -6.74 -6.14 -6.55
CA CYS A 7 -5.66 -6.74 -5.79
C CYS A 7 -5.87 -8.24 -5.57
N ASN A 8 -4.99 -9.04 -6.18
CA ASN A 8 -5.03 -10.48 -6.02
C ASN A 8 -4.15 -10.91 -4.84
N ALA A 9 -3.10 -10.11 -4.59
CA ALA A 9 -2.15 -10.43 -3.53
C ALA A 9 -2.66 -9.99 -2.16
N GLY A 10 -3.89 -9.50 -2.11
CA GLY A 10 -4.47 -9.07 -0.86
C GLY A 10 -5.64 -8.13 -1.09
N PRO A 11 -5.89 -7.22 -0.14
CA PRO A 11 -6.95 -6.24 -0.25
C PRO A 11 -6.49 -4.95 -0.94
N VAL A 12 -7.42 -4.07 -1.21
CA VAL A 12 -7.08 -2.78 -1.80
C VAL A 12 -6.45 -1.89 -0.75
N GLN A 13 -5.23 -1.46 -1.02
CA GLN A 13 -4.53 -0.62 -0.07
C GLN A 13 -4.48 0.80 -0.57
N CYS A 14 -4.45 1.73 0.36
CA CYS A 14 -4.40 3.15 0.06
C CYS A 14 -3.24 3.80 0.79
N CYS A 15 -2.25 4.20 0.02
CA CYS A 15 -1.00 4.67 0.58
C CYS A 15 -0.79 6.14 0.31
N ASN A 16 -0.20 6.81 1.29
CA ASN A 16 0.11 8.23 1.18
C ASN A 16 1.14 8.44 0.09
N THR A 17 2.24 7.72 0.20
CA THR A 17 3.33 7.82 -0.76
C THR A 17 3.69 6.44 -1.29
N LEU A 18 3.56 6.25 -2.60
CA LEU A 18 4.06 5.03 -3.22
C LEU A 18 5.47 5.28 -3.72
N THR A 19 6.39 4.46 -3.26
CA THR A 19 7.79 4.62 -3.60
C THR A 19 8.53 3.30 -3.34
N SER A 20 9.84 3.34 -3.44
CA SER A 20 10.66 2.14 -3.28
C SER A 20 11.24 2.08 -1.88
N ALA A 21 11.72 0.90 -1.49
CA ALA A 21 12.29 0.70 -0.16
C ALA A 21 13.62 1.42 0.01
N SER A 22 14.04 2.12 -1.03
CA SER A 22 15.26 2.91 -0.97
C SER A 22 14.95 4.29 -0.40
N ASN A 23 13.65 4.60 -0.30
CA ASN A 23 13.20 5.88 0.26
C ASN A 23 13.32 5.85 1.77
N SER A 24 13.79 6.96 2.34
CA SER A 24 13.99 7.06 3.77
C SER A 24 12.67 6.96 4.51
N GLN A 25 11.59 7.32 3.84
CA GLN A 25 10.26 7.18 4.40
C GLN A 25 9.95 5.71 4.63
N ALA A 26 10.21 4.92 3.60
CA ALA A 26 9.95 3.49 3.63
C ALA A 26 10.89 2.77 4.57
N ALA A 27 12.19 2.95 4.36
CA ALA A 27 13.20 2.24 5.15
C ALA A 27 13.07 2.57 6.63
N GLY A 28 12.65 3.79 6.94
CA GLY A 28 12.36 4.12 8.32
C GLY A 28 11.34 3.17 8.91
N LEU A 29 10.23 3.01 8.19
CA LEU A 29 9.17 2.10 8.56
C LEU A 29 9.65 0.65 8.55
N ILE A 30 10.29 0.26 7.44
CA ILE A 30 10.84 -1.09 7.29
C ILE A 30 11.72 -1.45 8.46
N GLN A 31 12.59 -0.54 8.83
CA GLN A 31 13.49 -0.74 9.92
C GLN A 31 12.77 -0.67 11.27
N GLN A 32 11.57 -0.10 11.30
CA GLN A 32 10.79 -0.10 12.54
C GLN A 32 10.18 -1.47 12.75
N LEU A 33 9.63 -2.02 11.69
CA LEU A 33 9.00 -3.32 11.76
C LEU A 33 10.05 -4.41 11.89
N GLY A 34 11.22 -4.13 11.34
CA GLY A 34 12.30 -5.09 11.32
C GLY A 34 12.20 -6.03 10.15
N LEU A 35 11.82 -5.47 9.00
CA LEU A 35 11.61 -6.27 7.81
C LEU A 35 12.92 -6.60 7.11
N SER A 36 13.24 -7.88 7.09
CA SER A 36 14.40 -8.37 6.35
C SER A 36 13.95 -8.99 5.04
N GLY A 37 14.61 -8.63 3.95
CA GLY A 37 14.26 -9.18 2.65
C GLY A 37 13.83 -8.11 1.68
N VAL A 38 13.45 -6.96 2.21
CA VAL A 38 13.05 -5.82 1.39
C VAL A 38 14.29 -5.03 0.99
N GLY A 39 14.65 -5.11 -0.27
CA GLY A 39 15.78 -4.37 -0.79
C GLY A 39 15.35 -3.03 -1.36
N ALA A 40 16.30 -2.25 -1.85
CA ALA A 40 16.02 -0.89 -2.30
C ALA A 40 15.25 -0.89 -3.62
N ASN A 41 15.25 -2.02 -4.32
CA ASN A 41 14.55 -2.15 -5.59
C ASN A 41 13.12 -2.61 -5.37
N VAL A 42 12.74 -2.78 -4.11
CA VAL A 42 11.44 -3.31 -3.75
C VAL A 42 10.41 -2.18 -3.66
N PRO A 43 9.22 -2.41 -4.23
CA PRO A 43 8.12 -1.47 -4.15
C PRO A 43 7.52 -1.46 -2.76
N VAL A 44 7.16 -0.31 -2.26
CA VAL A 44 6.53 -0.22 -0.95
C VAL A 44 5.45 0.84 -0.94
N GLY A 45 4.69 0.87 0.14
CA GLY A 45 3.69 1.87 0.31
C GLY A 45 3.83 2.57 1.63
N ILE A 46 3.84 3.89 1.58
CA ILE A 46 3.98 4.71 2.76
C ILE A 46 2.61 5.07 3.29
N ASN A 47 2.29 4.63 4.50
CA ASN A 47 1.02 4.94 5.14
C ASN A 47 -0.14 4.34 4.35
N CYS A 48 -0.17 3.02 4.28
CA CYS A 48 -1.21 2.31 3.56
C CYS A 48 -2.31 1.85 4.51
N ASN A 49 -3.54 1.94 4.03
CA ASN A 49 -4.69 1.37 4.72
C ASN A 49 -5.62 0.71 3.72
N PRO A 50 -6.34 -0.33 4.17
CA PRO A 50 -7.27 -1.07 3.33
C PRO A 50 -8.52 -0.25 3.01
N ILE A 51 -8.77 -0.03 1.74
CA ILE A 51 -9.90 0.78 1.32
C ILE A 51 -11.18 -0.03 1.41
N THR A 52 -11.80 -0.03 2.56
CA THR A 52 -13.02 -0.79 2.75
C THR A 52 -14.19 0.11 3.14
N GLY A 53 -13.96 1.41 3.03
CA GLY A 53 -15.01 2.37 3.27
C GLY A 53 -15.58 2.90 1.97
N ILE A 54 -16.55 2.19 1.42
CA ILE A 54 -17.13 2.55 0.14
C ILE A 54 -17.84 3.90 0.21
N GLY A 55 -17.64 4.71 -0.81
CA GLY A 55 -18.35 5.96 -0.92
C GLY A 55 -19.41 5.88 -1.99
N ALA A 56 -20.62 6.32 -1.64
CA ALA A 56 -21.72 6.32 -2.58
C ALA A 56 -21.41 7.20 -3.79
N GLY A 57 -21.25 6.57 -4.94
CA GLY A 57 -20.94 7.31 -6.14
C GLY A 57 -19.76 6.72 -6.89
N SER A 58 -18.57 7.01 -6.42
CA SER A 58 -17.35 6.58 -7.09
C SER A 58 -16.80 5.29 -6.50
N GLY A 59 -17.50 4.75 -5.51
CA GLY A 59 -17.05 3.53 -4.87
C GLY A 59 -16.04 3.82 -3.78
N SER A 60 -15.16 2.88 -3.52
CA SER A 60 -14.13 3.06 -2.53
C SER A 60 -12.98 3.88 -3.11
N SER A 61 -12.72 5.04 -2.52
CA SER A 61 -11.69 5.93 -3.03
C SER A 61 -10.49 6.00 -2.10
N CYS A 62 -9.32 6.18 -2.67
CA CYS A 62 -8.10 6.35 -1.91
C CYS A 62 -7.74 7.83 -1.82
N ASN A 63 -7.37 8.27 -0.62
CA ASN A 63 -7.07 9.68 -0.37
C ASN A 63 -5.83 10.12 -1.13
N ALA A 64 -4.99 9.17 -1.46
CA ALA A 64 -3.71 9.50 -2.06
C ALA A 64 -3.36 8.55 -3.20
N ASN A 65 -2.62 7.48 -2.90
CA ASN A 65 -2.20 6.54 -3.92
C ASN A 65 -2.58 5.12 -3.55
N PRO A 66 -3.48 4.53 -4.34
CA PRO A 66 -3.93 3.16 -4.16
C PRO A 66 -2.92 2.15 -4.68
N ALA A 67 -2.80 1.03 -3.99
CA ALA A 67 -1.82 0.02 -4.35
C ALA A 67 -2.26 -1.36 -3.89
N CYS A 68 -1.75 -2.38 -4.54
CA CYS A 68 -1.89 -3.74 -4.08
C CYS A 68 -0.55 -4.24 -3.60
N CYS A 69 -0.46 -4.56 -2.32
CA CYS A 69 0.80 -4.97 -1.76
C CYS A 69 0.77 -6.43 -1.35
N ASP A 70 1.94 -7.01 -1.14
CA ASP A 70 2.03 -8.40 -0.71
C ASP A 70 1.68 -8.51 0.77
N ASN A 71 2.28 -7.63 1.57
CA ASN A 71 1.92 -7.49 2.97
C ASN A 71 2.05 -6.02 3.38
N VAL A 72 1.04 -5.47 4.04
CA VAL A 72 1.23 -4.18 4.67
C VAL A 72 1.11 -4.33 6.18
N TYR A 73 1.62 -3.36 6.89
CA TYR A 73 1.68 -3.41 8.33
C TYR A 73 1.00 -2.19 8.91
N THR A 74 0.60 -2.28 10.18
CA THR A 74 -0.31 -1.32 10.79
C THR A 74 0.32 0.07 11.00
N ASN A 75 1.64 0.15 10.90
CA ASN A 75 2.30 1.46 10.88
C ASN A 75 2.00 2.14 9.56
N GLY A 76 1.56 1.33 8.61
CA GLY A 76 1.20 1.82 7.31
C GLY A 76 2.22 1.46 6.25
N LEU A 77 3.15 0.57 6.59
CA LEU A 77 4.20 0.22 5.65
C LEU A 77 3.75 -0.96 4.80
N GLY A 78 3.66 -0.74 3.50
CA GLY A 78 3.30 -1.80 2.60
C GLY A 78 4.49 -2.34 1.84
N VAL A 79 4.55 -3.66 1.69
CA VAL A 79 5.62 -4.29 0.94
C VAL A 79 5.10 -4.77 -0.41
N GLN A 80 5.86 -4.49 -1.46
CA GLN A 80 5.51 -4.90 -2.82
C GLN A 80 4.20 -4.28 -3.24
N CYS A 81 4.17 -2.96 -3.20
CA CYS A 81 2.97 -2.19 -3.50
C CYS A 81 2.97 -1.69 -4.93
N ASN A 82 2.07 -2.18 -5.73
CA ASN A 82 1.92 -1.70 -7.10
C ASN A 82 0.72 -0.76 -7.22
N PRO A 83 0.88 0.36 -7.93
CA PRO A 83 -0.15 1.42 -8.05
C PRO A 83 -1.41 0.95 -8.75
N ILE A 84 -2.55 1.53 -8.37
CA ILE A 84 -3.83 1.18 -8.96
C ILE A 84 -4.40 2.34 -9.76
N ASN A 85 -5.11 2.00 -10.81
CA ASN A 85 -5.77 2.97 -11.65
C ASN A 85 -7.08 3.40 -10.99
N VAL A 86 -7.11 4.64 -10.54
CA VAL A 86 -8.30 5.21 -9.93
C VAL A 86 -8.59 6.55 -10.61
N ASN A 87 -9.37 6.46 -11.68
CA ASN A 87 -9.70 7.60 -12.54
C ASN A 87 -8.53 7.92 -13.48
N LEU A 88 -7.32 7.67 -12.97
CA LEU A 88 -6.08 7.91 -13.69
C LEU A 88 -5.77 9.40 -13.76
N GLY A 1 -18.13 -7.18 -1.64
CA GLY A 1 -16.70 -7.30 -1.24
C GLY A 1 -16.37 -6.40 -0.07
N SER A 2 -15.22 -6.64 0.55
CA SER A 2 -14.79 -5.84 1.69
C SER A 2 -14.38 -4.45 1.23
N GLY A 3 -13.73 -4.39 0.07
CA GLY A 3 -13.29 -3.13 -0.47
C GLY A 3 -12.67 -3.30 -1.84
N SER A 4 -13.34 -2.78 -2.87
CA SER A 4 -12.87 -2.86 -4.25
C SER A 4 -12.77 -4.30 -4.74
N SER A 5 -12.48 -4.46 -6.02
CA SER A 5 -12.32 -5.77 -6.63
C SER A 5 -10.89 -5.96 -7.10
N GLN A 6 -10.03 -5.06 -6.70
CA GLN A 6 -8.64 -5.09 -7.12
C GLN A 6 -7.78 -5.85 -6.11
N CYS A 7 -6.55 -6.14 -6.52
CA CYS A 7 -5.55 -6.77 -5.68
C CYS A 7 -5.89 -8.22 -5.37
N ASN A 8 -5.16 -9.14 -5.99
CA ASN A 8 -5.40 -10.56 -5.81
C ASN A 8 -4.57 -11.13 -4.66
N ALA A 9 -3.46 -10.46 -4.35
CA ALA A 9 -2.54 -10.93 -3.30
C ALA A 9 -2.90 -10.35 -1.94
N GLY A 10 -4.02 -9.65 -1.88
CA GLY A 10 -4.46 -9.04 -0.65
C GLY A 10 -5.51 -8.00 -0.91
N PRO A 11 -5.99 -7.29 0.11
CA PRO A 11 -6.99 -6.24 -0.06
C PRO A 11 -6.37 -4.95 -0.59
N VAL A 12 -7.21 -4.08 -1.11
CA VAL A 12 -6.77 -2.81 -1.67
C VAL A 12 -6.22 -1.89 -0.61
N GLN A 13 -5.08 -1.27 -0.88
CA GLN A 13 -4.45 -0.37 0.05
C GLN A 13 -4.41 1.04 -0.49
N CYS A 14 -4.49 2.00 0.42
CA CYS A 14 -4.39 3.41 0.05
C CYS A 14 -3.21 4.04 0.77
N CYS A 15 -2.12 4.20 0.03
CA CYS A 15 -0.89 4.72 0.57
C CYS A 15 -0.82 6.22 0.39
N ASN A 16 -0.13 6.89 1.29
CA ASN A 16 0.12 8.31 1.16
C ASN A 16 1.19 8.54 0.10
N THR A 17 2.17 7.66 0.10
CA THR A 17 3.25 7.73 -0.86
C THR A 17 3.61 6.33 -1.36
N LEU A 18 3.60 6.15 -2.67
CA LEU A 18 4.06 4.91 -3.27
C LEU A 18 5.47 5.12 -3.77
N THR A 19 6.39 4.35 -3.25
CA THR A 19 7.78 4.48 -3.59
C THR A 19 8.51 3.16 -3.35
N SER A 20 9.82 3.17 -3.43
CA SER A 20 10.60 1.96 -3.28
C SER A 20 11.29 1.95 -1.92
N ALA A 21 11.76 0.78 -1.51
CA ALA A 21 12.37 0.61 -0.19
C ALA A 21 13.71 1.33 -0.08
N SER A 22 14.09 2.03 -1.14
CA SER A 22 15.26 2.87 -1.12
C SER A 22 14.94 4.24 -0.54
N ASN A 23 13.65 4.48 -0.31
CA ASN A 23 13.19 5.76 0.22
C ASN A 23 13.34 5.77 1.73
N SER A 24 13.84 6.89 2.25
CA SER A 24 14.06 7.05 3.68
C SER A 24 12.75 7.02 4.46
N GLN A 25 11.65 7.32 3.77
CA GLN A 25 10.33 7.24 4.36
C GLN A 25 9.98 5.79 4.65
N ALA A 26 10.22 4.95 3.65
CA ALA A 26 9.91 3.54 3.75
C ALA A 26 10.84 2.84 4.72
N ALA A 27 12.14 3.06 4.54
CA ALA A 27 13.14 2.38 5.37
C ALA A 27 12.95 2.70 6.83
N GLY A 28 12.44 3.88 7.13
CA GLY A 28 12.10 4.20 8.50
C GLY A 28 11.09 3.22 9.06
N LEU A 29 10.00 3.06 8.33
CA LEU A 29 8.95 2.10 8.66
C LEU A 29 9.48 0.67 8.63
N ILE A 30 10.19 0.34 7.57
CA ILE A 30 10.80 -0.97 7.39
C ILE A 30 11.66 -1.32 8.58
N GLN A 31 12.47 -0.37 9.00
CA GLN A 31 13.34 -0.55 10.13
C GLN A 31 12.57 -0.56 11.45
N GLN A 32 11.35 -0.03 11.45
CA GLN A 32 10.50 -0.09 12.64
C GLN A 32 9.96 -1.50 12.81
N LEU A 33 9.51 -2.07 11.71
CA LEU A 33 8.96 -3.42 11.71
C LEU A 33 10.08 -4.44 11.83
N GLY A 34 11.25 -4.05 11.33
CA GLY A 34 12.41 -4.92 11.32
C GLY A 34 12.41 -5.82 10.10
N LEU A 35 11.96 -5.29 8.99
CA LEU A 35 11.82 -6.05 7.76
C LEU A 35 13.15 -6.20 7.03
N SER A 36 13.70 -7.41 7.05
CA SER A 36 14.88 -7.72 6.27
C SER A 36 14.46 -8.45 5.00
N GLY A 37 15.23 -8.27 3.94
CA GLY A 37 14.91 -8.92 2.68
C GLY A 37 14.34 -7.94 1.68
N VAL A 38 13.67 -6.91 2.17
CA VAL A 38 13.16 -5.85 1.33
C VAL A 38 14.31 -5.01 0.80
N GLY A 39 14.62 -5.16 -0.48
CA GLY A 39 15.71 -4.43 -1.08
C GLY A 39 15.28 -3.13 -1.70
N ALA A 40 16.19 -2.44 -2.36
CA ALA A 40 15.92 -1.11 -2.89
C ALA A 40 15.00 -1.14 -4.11
N ASN A 41 14.94 -2.28 -4.77
CA ASN A 41 14.10 -2.43 -5.96
C ASN A 41 12.67 -2.79 -5.57
N VAL A 42 12.49 -3.07 -4.28
CA VAL A 42 11.21 -3.51 -3.77
C VAL A 42 10.26 -2.33 -3.60
N PRO A 43 9.04 -2.48 -4.13
CA PRO A 43 8.00 -1.48 -3.99
C PRO A 43 7.47 -1.47 -2.56
N VAL A 44 7.15 -0.29 -2.06
CA VAL A 44 6.59 -0.18 -0.73
C VAL A 44 5.53 0.90 -0.70
N GLY A 45 4.65 0.80 0.27
CA GLY A 45 3.63 1.80 0.42
C GLY A 45 3.75 2.52 1.73
N ILE A 46 3.86 3.83 1.64
CA ILE A 46 4.00 4.70 2.79
C ILE A 46 2.63 5.09 3.30
N ASN A 47 2.34 4.76 4.54
CA ASN A 47 1.09 5.17 5.18
C ASN A 47 -0.11 4.59 4.44
N CYS A 48 -0.15 3.27 4.32
CA CYS A 48 -1.24 2.63 3.61
C CYS A 48 -2.31 2.14 4.56
N ASN A 49 -3.55 2.40 4.19
CA ASN A 49 -4.71 1.85 4.89
C ASN A 49 -5.58 1.13 3.89
N PRO A 50 -6.24 0.05 4.32
CA PRO A 50 -7.07 -0.77 3.46
C PRO A 50 -8.33 -0.02 3.02
N ILE A 51 -8.54 0.07 1.72
CA ILE A 51 -9.68 0.81 1.20
C ILE A 51 -10.93 -0.05 1.30
N THR A 52 -11.56 -0.01 2.45
CA THR A 52 -12.74 -0.81 2.67
C THR A 52 -13.94 0.06 3.02
N GLY A 53 -13.85 1.32 2.62
CA GLY A 53 -14.92 2.27 2.91
C GLY A 53 -16.08 2.13 1.95
N ILE A 54 -16.89 1.11 2.17
CA ILE A 54 -18.10 0.90 1.38
C ILE A 54 -19.33 1.19 2.21
N GLY A 55 -20.26 1.94 1.64
CA GLY A 55 -21.48 2.28 2.33
C GLY A 55 -21.98 3.64 1.94
N ALA A 56 -21.27 4.68 2.34
CA ALA A 56 -21.58 6.04 1.91
C ALA A 56 -21.22 6.18 0.44
N GLY A 57 -20.17 5.48 0.05
CA GLY A 57 -19.80 5.40 -1.34
C GLY A 57 -19.72 3.96 -1.80
N SER A 58 -20.25 3.68 -2.98
CA SER A 58 -20.23 2.32 -3.52
C SER A 58 -18.84 2.01 -4.05
N GLY A 59 -18.23 2.98 -4.71
CA GLY A 59 -16.89 2.81 -5.21
C GLY A 59 -15.87 3.35 -4.23
N SER A 60 -15.27 2.46 -3.45
CA SER A 60 -14.30 2.83 -2.44
C SER A 60 -13.16 3.64 -3.05
N SER A 61 -12.84 4.77 -2.45
CA SER A 61 -11.87 5.69 -2.99
C SER A 61 -10.65 5.80 -2.09
N CYS A 62 -9.50 6.09 -2.69
CA CYS A 62 -8.26 6.27 -1.96
C CYS A 62 -7.95 7.76 -1.82
N ASN A 63 -7.56 8.16 -0.63
CA ASN A 63 -7.25 9.56 -0.34
C ASN A 63 -5.96 10.02 -1.00
N ALA A 64 -5.15 9.07 -1.44
CA ALA A 64 -3.86 9.42 -2.01
C ALA A 64 -3.47 8.48 -3.17
N ASN A 65 -2.70 7.43 -2.86
CA ASN A 65 -2.23 6.52 -3.89
C ASN A 65 -2.59 5.07 -3.54
N PRO A 66 -3.47 4.47 -4.33
CA PRO A 66 -3.90 3.10 -4.13
C PRO A 66 -2.87 2.09 -4.63
N ALA A 67 -2.76 0.97 -3.93
CA ALA A 67 -1.78 -0.03 -4.26
C ALA A 67 -2.24 -1.43 -3.88
N CYS A 68 -1.77 -2.42 -4.61
CA CYS A 68 -1.94 -3.81 -4.21
C CYS A 68 -0.63 -4.31 -3.66
N CYS A 69 -0.56 -4.43 -2.36
CA CYS A 69 0.66 -4.85 -1.72
C CYS A 69 0.60 -6.33 -1.36
N ASP A 70 1.76 -6.97 -1.31
CA ASP A 70 1.86 -8.37 -0.94
C ASP A 70 1.57 -8.53 0.55
N ASN A 71 2.18 -7.65 1.33
CA ASN A 71 1.93 -7.57 2.77
C ASN A 71 1.99 -6.12 3.20
N VAL A 72 1.15 -5.71 4.13
CA VAL A 72 1.23 -4.38 4.69
C VAL A 72 0.93 -4.40 6.18
N TYR A 73 1.69 -3.63 6.93
CA TYR A 73 1.67 -3.67 8.37
C TYR A 73 0.92 -2.45 8.91
N THR A 74 0.48 -2.56 10.16
CA THR A 74 -0.45 -1.61 10.75
C THR A 74 0.14 -0.22 10.92
N ASN A 75 1.46 -0.10 10.90
CA ASN A 75 2.11 1.20 10.89
C ASN A 75 1.80 1.89 9.57
N GLY A 76 1.38 1.09 8.61
CA GLY A 76 1.02 1.59 7.31
C GLY A 76 2.09 1.33 6.28
N LEU A 77 3.01 0.42 6.58
CA LEU A 77 4.08 0.09 5.64
C LEU A 77 3.69 -1.13 4.82
N GLY A 78 3.61 -0.95 3.53
CA GLY A 78 3.31 -2.06 2.65
C GLY A 78 4.51 -2.50 1.86
N VAL A 79 4.58 -3.78 1.57
CA VAL A 79 5.67 -4.34 0.79
C VAL A 79 5.13 -4.84 -0.54
N GLN A 80 5.90 -4.63 -1.60
CA GLN A 80 5.51 -5.03 -2.95
C GLN A 80 4.22 -4.34 -3.34
N CYS A 81 4.18 -3.05 -3.13
CA CYS A 81 2.99 -2.25 -3.43
C CYS A 81 3.02 -1.74 -4.85
N ASN A 82 2.12 -2.24 -5.67
CA ASN A 82 2.01 -1.76 -7.05
C ASN A 82 0.85 -0.78 -7.18
N PRO A 83 1.08 0.36 -7.85
CA PRO A 83 0.09 1.45 -7.96
C PRO A 83 -1.15 1.06 -8.75
N ILE A 84 -2.30 1.54 -8.29
CA ILE A 84 -3.56 1.28 -8.95
C ILE A 84 -4.08 2.52 -9.64
N ASN A 85 -4.75 2.31 -10.75
CA ASN A 85 -5.41 3.38 -11.47
C ASN A 85 -6.80 3.59 -10.89
N VAL A 86 -7.03 4.79 -10.36
CA VAL A 86 -8.32 5.13 -9.79
C VAL A 86 -8.82 6.43 -10.39
N ASN A 87 -9.54 6.31 -11.50
CA ASN A 87 -10.07 7.46 -12.24
C ASN A 87 -8.97 8.11 -13.08
N LEU A 88 -7.72 7.86 -12.70
CA LEU A 88 -6.55 8.40 -13.37
C LEU A 88 -6.52 9.92 -13.27
N GLY A 1 -11.10 -8.75 4.24
CA GLY A 1 -11.26 -7.31 3.96
C GLY A 1 -12.00 -7.05 2.66
N SER A 2 -13.30 -6.82 2.77
CA SER A 2 -14.13 -6.58 1.60
C SER A 2 -14.21 -5.07 1.32
N GLY A 3 -14.16 -4.71 0.05
CA GLY A 3 -14.23 -3.32 -0.33
C GLY A 3 -14.07 -3.12 -1.81
N SER A 4 -13.00 -3.67 -2.36
CA SER A 4 -12.72 -3.54 -3.78
C SER A 4 -12.20 -4.86 -4.35
N SER A 5 -12.47 -5.08 -5.63
CA SER A 5 -12.02 -6.27 -6.32
C SER A 5 -10.59 -6.11 -6.80
N GLN A 6 -10.07 -4.89 -6.69
CA GLN A 6 -8.73 -4.59 -7.13
C GLN A 6 -7.69 -5.29 -6.26
N CYS A 7 -6.47 -5.38 -6.78
CA CYS A 7 -5.36 -6.05 -6.09
C CYS A 7 -5.53 -7.58 -6.10
N ASN A 8 -4.62 -8.26 -6.77
CA ASN A 8 -4.65 -9.70 -6.85
C ASN A 8 -3.88 -10.33 -5.68
N ALA A 9 -3.03 -9.52 -5.05
CA ALA A 9 -2.18 -10.00 -3.96
C ALA A 9 -2.86 -9.82 -2.61
N GLY A 10 -4.09 -9.34 -2.61
CA GLY A 10 -4.83 -9.17 -1.38
C GLY A 10 -5.85 -8.05 -1.47
N PRO A 11 -6.02 -7.27 -0.40
CA PRO A 11 -6.97 -6.16 -0.37
C PRO A 11 -6.37 -4.85 -0.90
N VAL A 12 -7.23 -3.87 -1.11
CA VAL A 12 -6.81 -2.57 -1.62
C VAL A 12 -6.26 -1.71 -0.48
N GLN A 13 -5.14 -1.05 -0.74
CA GLN A 13 -4.54 -0.17 0.24
C GLN A 13 -4.59 1.28 -0.24
N CYS A 14 -4.80 2.18 0.69
CA CYS A 14 -4.74 3.61 0.43
C CYS A 14 -3.50 4.18 1.07
N CYS A 15 -2.56 4.60 0.23
CA CYS A 15 -1.24 4.99 0.70
C CYS A 15 -0.95 6.45 0.39
N ASN A 16 -0.29 7.10 1.33
CA ASN A 16 0.12 8.50 1.18
C ASN A 16 1.16 8.62 0.07
N THR A 17 2.13 7.71 0.08
CA THR A 17 3.20 7.74 -0.89
C THR A 17 3.55 6.33 -1.35
N LEU A 18 3.49 6.11 -2.66
CA LEU A 18 3.98 4.86 -3.22
C LEU A 18 5.38 5.06 -3.75
N THR A 19 6.33 4.49 -3.05
CA THR A 19 7.72 4.66 -3.39
C THR A 19 8.46 3.34 -3.15
N SER A 20 9.77 3.34 -3.32
CA SER A 20 10.55 2.13 -3.17
C SER A 20 11.11 2.05 -1.75
N ALA A 21 11.58 0.85 -1.38
CA ALA A 21 12.13 0.61 -0.06
C ALA A 21 13.45 1.34 0.15
N SER A 22 13.89 2.05 -0.88
CA SER A 22 15.10 2.84 -0.78
C SER A 22 14.77 4.23 -0.25
N ASN A 23 13.49 4.53 -0.16
CA ASN A 23 13.04 5.81 0.34
C ASN A 23 13.22 5.85 1.85
N SER A 24 13.69 6.99 2.34
CA SER A 24 13.96 7.18 3.76
C SER A 24 12.70 6.99 4.59
N GLN A 25 11.55 7.30 4.00
CA GLN A 25 10.27 7.10 4.65
C GLN A 25 10.01 5.62 4.84
N ALA A 26 10.25 4.87 3.78
CA ALA A 26 9.98 3.43 3.78
C ALA A 26 10.92 2.70 4.70
N ALA A 27 12.21 2.89 4.52
CA ALA A 27 13.22 2.13 5.28
C ALA A 27 13.10 2.40 6.77
N GLY A 28 12.72 3.62 7.14
CA GLY A 28 12.49 3.92 8.54
C GLY A 28 11.41 3.02 9.11
N LEU A 29 10.35 2.86 8.35
CA LEU A 29 9.25 1.97 8.70
C LEU A 29 9.69 0.51 8.63
N ILE A 30 10.29 0.15 7.50
CA ILE A 30 10.79 -1.21 7.26
C ILE A 30 11.67 -1.67 8.40
N GLN A 31 12.60 -0.82 8.80
CA GLN A 31 13.52 -1.14 9.86
C GLN A 31 12.83 -1.10 11.22
N GLN A 32 11.67 -0.46 11.31
CA GLN A 32 10.87 -0.52 12.53
C GLN A 32 10.23 -1.88 12.68
N LEU A 33 9.81 -2.43 11.54
CA LEU A 33 9.14 -3.72 11.52
C LEU A 33 10.17 -4.84 11.52
N GLY A 34 11.38 -4.49 11.08
CA GLY A 34 12.46 -5.45 11.00
C GLY A 34 12.35 -6.30 9.76
N LEU A 35 11.88 -5.69 8.69
CA LEU A 35 11.69 -6.38 7.42
C LEU A 35 13.02 -6.62 6.72
N SER A 36 13.45 -7.87 6.71
CA SER A 36 14.65 -8.27 6.01
C SER A 36 14.27 -8.88 4.66
N GLY A 37 15.07 -8.61 3.64
CA GLY A 37 14.80 -9.15 2.33
C GLY A 37 14.26 -8.10 1.38
N VAL A 38 13.80 -6.99 1.95
CA VAL A 38 13.29 -5.88 1.17
C VAL A 38 14.43 -4.97 0.75
N GLY A 39 14.78 -5.00 -0.53
CA GLY A 39 15.86 -4.19 -1.04
C GLY A 39 15.38 -2.88 -1.62
N ALA A 40 16.27 -2.17 -2.30
CA ALA A 40 15.97 -0.84 -2.80
C ALA A 40 15.03 -0.88 -4.00
N ASN A 41 15.03 -1.99 -4.73
CA ASN A 41 14.22 -2.13 -5.92
C ASN A 41 12.85 -2.70 -5.57
N VAL A 42 12.53 -2.74 -4.28
CA VAL A 42 11.28 -3.29 -3.82
C VAL A 42 10.25 -2.19 -3.60
N PRO A 43 9.02 -2.42 -4.09
CA PRO A 43 7.94 -1.46 -3.94
C PRO A 43 7.40 -1.46 -2.53
N VAL A 44 7.01 -0.31 -2.03
CA VAL A 44 6.40 -0.21 -0.71
C VAL A 44 5.33 0.85 -0.70
N GLY A 45 4.53 0.86 0.35
CA GLY A 45 3.52 1.87 0.50
C GLY A 45 3.69 2.62 1.79
N ILE A 46 3.69 3.93 1.69
CA ILE A 46 3.86 4.81 2.83
C ILE A 46 2.49 5.21 3.36
N ASN A 47 2.24 4.90 4.62
CA ASN A 47 0.99 5.27 5.28
C ASN A 47 -0.20 4.62 4.58
N CYS A 48 -0.17 3.29 4.50
CA CYS A 48 -1.23 2.57 3.84
C CYS A 48 -2.27 2.07 4.82
N ASN A 49 -3.53 2.22 4.44
CA ASN A 49 -4.63 1.59 5.16
C ASN A 49 -5.61 0.99 4.16
N PRO A 50 -6.16 -0.19 4.47
CA PRO A 50 -6.99 -0.96 3.56
C PRO A 50 -8.32 -0.26 3.28
N ILE A 51 -8.60 -0.03 2.01
CA ILE A 51 -9.80 0.69 1.62
C ILE A 51 -10.99 -0.24 1.70
N THR A 52 -11.56 -0.36 2.87
CA THR A 52 -12.65 -1.29 3.08
C THR A 52 -13.90 -0.59 3.59
N GLY A 53 -13.85 0.73 3.66
CA GLY A 53 -15.00 1.50 4.12
C GLY A 53 -16.12 1.52 3.10
N ILE A 54 -15.75 1.75 1.85
CA ILE A 54 -16.70 1.74 0.76
C ILE A 54 -16.60 0.44 -0.03
N GLY A 55 -17.69 0.05 -0.66
CA GLY A 55 -17.68 -1.12 -1.49
C GLY A 55 -18.79 -1.12 -2.52
N ALA A 56 -20.02 -1.11 -2.04
CA ALA A 56 -21.17 -1.11 -2.92
C ALA A 56 -21.52 0.30 -3.36
N GLY A 57 -21.32 0.57 -4.64
CA GLY A 57 -21.59 1.89 -5.19
C GLY A 57 -20.76 2.15 -6.41
N SER A 58 -19.95 3.20 -6.36
CA SER A 58 -19.04 3.52 -7.45
C SER A 58 -17.69 2.84 -7.23
N GLY A 59 -17.54 2.27 -6.04
CA GLY A 59 -16.29 1.62 -5.69
C GLY A 59 -15.53 2.42 -4.65
N SER A 60 -14.57 1.77 -4.01
CA SER A 60 -13.78 2.43 -2.99
C SER A 60 -12.49 3.00 -3.60
N SER A 61 -12.18 4.23 -3.26
CA SER A 61 -11.03 4.91 -3.82
C SER A 61 -10.13 5.47 -2.72
N CYS A 62 -9.01 6.05 -3.11
CA CYS A 62 -8.05 6.57 -2.16
C CYS A 62 -7.75 8.04 -2.45
N ASN A 63 -7.65 8.82 -1.38
CA ASN A 63 -7.35 10.26 -1.47
C ASN A 63 -6.00 10.51 -2.10
N ALA A 64 -5.11 9.54 -1.97
CA ALA A 64 -3.75 9.71 -2.42
C ALA A 64 -3.39 8.67 -3.47
N ASN A 65 -2.90 7.53 -3.03
CA ASN A 65 -2.52 6.47 -3.96
C ASN A 65 -3.04 5.12 -3.51
N PRO A 66 -3.87 4.49 -4.34
CA PRO A 66 -4.34 3.13 -4.11
C PRO A 66 -3.32 2.11 -4.59
N ALA A 67 -3.01 1.13 -3.76
CA ALA A 67 -1.99 0.16 -4.09
C ALA A 67 -2.37 -1.26 -3.73
N CYS A 68 -1.72 -2.20 -4.39
CA CYS A 68 -1.83 -3.60 -4.05
C CYS A 68 -0.52 -4.07 -3.46
N CYS A 69 -0.55 -4.55 -2.24
CA CYS A 69 0.67 -4.96 -1.56
C CYS A 69 0.61 -6.42 -1.16
N ASP A 70 1.78 -6.99 -0.93
CA ASP A 70 1.89 -8.37 -0.52
C ASP A 70 1.58 -8.49 0.96
N ASN A 71 2.04 -7.49 1.72
CA ASN A 71 1.78 -7.40 3.16
C ASN A 71 1.82 -5.94 3.57
N VAL A 72 1.06 -5.56 4.58
CA VAL A 72 1.15 -4.23 5.13
C VAL A 72 1.08 -4.29 6.65
N TYR A 73 1.67 -3.30 7.30
CA TYR A 73 1.75 -3.27 8.75
C TYR A 73 1.08 -2.01 9.29
N THR A 74 0.74 -2.05 10.58
CA THR A 74 -0.11 -1.05 11.22
C THR A 74 0.54 0.31 11.32
N ASN A 75 1.88 0.34 11.25
CA ASN A 75 2.62 1.60 11.17
C ASN A 75 2.31 2.28 9.84
N GLY A 76 1.75 1.50 8.94
CA GLY A 76 1.33 1.99 7.67
C GLY A 76 2.29 1.62 6.56
N LEU A 77 3.19 0.68 6.81
CA LEU A 77 4.17 0.30 5.81
C LEU A 77 3.66 -0.90 5.02
N GLY A 78 3.59 -0.73 3.72
CA GLY A 78 3.23 -1.84 2.86
C GLY A 78 4.44 -2.36 2.11
N VAL A 79 4.47 -3.65 1.87
CA VAL A 79 5.58 -4.27 1.15
C VAL A 79 5.08 -4.84 -0.18
N GLN A 80 5.77 -4.48 -1.26
CA GLN A 80 5.41 -4.90 -2.61
C GLN A 80 4.09 -4.26 -3.04
N CYS A 81 4.02 -2.95 -2.90
CA CYS A 81 2.83 -2.18 -3.31
C CYS A 81 2.94 -1.74 -4.75
N ASN A 82 1.98 -2.17 -5.56
CA ASN A 82 1.88 -1.69 -6.93
C ASN A 82 0.62 -0.83 -7.06
N PRO A 83 0.73 0.30 -7.78
CA PRO A 83 -0.37 1.25 -7.94
C PRO A 83 -1.57 0.62 -8.64
N ILE A 84 -2.75 0.91 -8.12
CA ILE A 84 -4.00 0.38 -8.68
C ILE A 84 -4.42 1.19 -9.90
N ASN A 85 -5.10 0.52 -10.82
CA ASN A 85 -5.64 1.13 -12.01
C ASN A 85 -6.87 1.96 -11.67
N VAL A 86 -6.63 3.22 -11.39
CA VAL A 86 -7.69 4.16 -11.08
C VAL A 86 -7.52 5.38 -11.97
N ASN A 87 -8.11 5.30 -13.15
CA ASN A 87 -7.88 6.28 -14.21
C ASN A 87 -6.40 6.25 -14.57
N LEU A 88 -5.91 5.06 -14.89
CA LEU A 88 -4.50 4.85 -15.18
C LEU A 88 -4.16 5.46 -16.54
N GLY A 1 -18.11 -6.32 2.36
CA GLY A 1 -17.94 -6.81 0.97
C GLY A 1 -17.88 -5.68 -0.03
N SER A 2 -17.35 -5.96 -1.21
CA SER A 2 -17.22 -4.97 -2.28
C SER A 2 -16.31 -3.82 -1.87
N GLY A 3 -15.42 -4.10 -0.93
CA GLY A 3 -14.44 -3.12 -0.52
C GLY A 3 -13.11 -3.38 -1.18
N SER A 4 -12.64 -4.60 -1.06
CA SER A 4 -11.43 -5.02 -1.74
C SER A 4 -11.78 -5.74 -3.03
N SER A 5 -12.16 -4.96 -4.05
CA SER A 5 -12.49 -5.51 -5.35
C SER A 5 -11.23 -5.70 -6.18
N GLN A 6 -10.25 -4.85 -5.94
CA GLN A 6 -9.00 -4.88 -6.68
C GLN A 6 -7.92 -5.59 -5.86
N CYS A 7 -6.77 -5.83 -6.49
CA CYS A 7 -5.61 -6.43 -5.85
C CYS A 7 -5.79 -7.93 -5.66
N ASN A 8 -4.93 -8.71 -6.30
CA ASN A 8 -4.96 -10.16 -6.18
C ASN A 8 -4.07 -10.63 -5.04
N ALA A 9 -3.13 -9.78 -4.64
CA ALA A 9 -2.19 -10.12 -3.59
C ALA A 9 -2.78 -9.88 -2.20
N GLY A 10 -4.02 -9.40 -2.17
CA GLY A 10 -4.68 -9.16 -0.91
C GLY A 10 -5.72 -8.08 -1.01
N PRO A 11 -5.85 -7.22 0.01
CA PRO A 11 -6.80 -6.12 0.01
C PRO A 11 -6.25 -4.86 -0.64
N VAL A 12 -7.13 -3.90 -0.88
CA VAL A 12 -6.75 -2.62 -1.48
C VAL A 12 -6.19 -1.68 -0.42
N GLN A 13 -5.09 -1.02 -0.73
CA GLN A 13 -4.48 -0.09 0.20
C GLN A 13 -4.53 1.32 -0.33
N CYS A 14 -4.70 2.26 0.58
CA CYS A 14 -4.64 3.68 0.26
C CYS A 14 -3.42 4.27 0.94
N CYS A 15 -2.41 4.57 0.15
CA CYS A 15 -1.11 4.97 0.65
C CYS A 15 -0.83 6.42 0.34
N ASN A 16 -0.16 7.09 1.27
CA ASN A 16 0.21 8.49 1.11
C ASN A 16 1.27 8.64 0.04
N THR A 17 2.20 7.70 0.00
CA THR A 17 3.29 7.72 -0.96
C THR A 17 3.66 6.32 -1.41
N LEU A 18 3.54 6.06 -2.71
CA LEU A 18 4.01 4.81 -3.27
C LEU A 18 5.40 5.00 -3.83
N THR A 19 6.37 4.70 -3.01
CA THR A 19 7.76 4.91 -3.36
C THR A 19 8.53 3.60 -3.18
N SER A 20 9.84 3.65 -3.35
CA SER A 20 10.67 2.46 -3.26
C SER A 20 11.24 2.31 -1.86
N ALA A 21 11.59 1.08 -1.51
CA ALA A 21 12.06 0.76 -0.17
C ALA A 21 13.43 1.36 0.14
N SER A 22 13.96 2.13 -0.80
CA SER A 22 15.20 2.85 -0.58
C SER A 22 14.90 4.20 0.05
N ASN A 23 13.63 4.60 0.03
CA ASN A 23 13.22 5.87 0.61
C ASN A 23 13.30 5.80 2.13
N SER A 24 13.77 6.88 2.74
CA SER A 24 13.95 6.94 4.18
C SER A 24 12.61 6.81 4.91
N GLN A 25 11.53 7.22 4.24
CA GLN A 25 10.20 7.06 4.79
C GLN A 25 9.87 5.58 4.90
N ALA A 26 10.18 4.86 3.83
CA ALA A 26 9.93 3.43 3.77
C ALA A 26 10.85 2.68 4.71
N ALA A 27 12.15 2.88 4.55
CA ALA A 27 13.14 2.13 5.32
C ALA A 27 13.00 2.39 6.81
N GLY A 28 12.61 3.61 7.18
CA GLY A 28 12.35 3.90 8.58
C GLY A 28 11.27 3.00 9.14
N LEU A 29 10.26 2.75 8.31
CA LEU A 29 9.16 1.86 8.65
C LEU A 29 9.60 0.39 8.57
N ILE A 30 10.22 0.05 7.43
CA ILE A 30 10.74 -1.29 7.19
C ILE A 30 11.60 -1.76 8.34
N GLN A 31 12.48 -0.89 8.78
CA GLN A 31 13.38 -1.19 9.85
C GLN A 31 12.69 -1.18 11.21
N GLN A 32 11.50 -0.57 11.28
CA GLN A 32 10.70 -0.65 12.49
C GLN A 32 10.09 -2.04 12.61
N LEU A 33 9.67 -2.56 11.47
CA LEU A 33 9.01 -3.85 11.41
C LEU A 33 10.05 -4.96 11.43
N GLY A 34 11.26 -4.62 10.99
CA GLY A 34 12.32 -5.59 10.89
C GLY A 34 12.17 -6.44 9.65
N LEU A 35 11.83 -5.80 8.55
CA LEU A 35 11.61 -6.48 7.28
C LEU A 35 12.92 -6.75 6.57
N SER A 36 13.42 -7.97 6.68
CA SER A 36 14.63 -8.37 6.01
C SER A 36 14.31 -9.03 4.68
N GLY A 37 14.91 -8.52 3.61
CA GLY A 37 14.66 -9.06 2.29
C GLY A 37 14.14 -8.01 1.34
N VAL A 38 13.67 -6.91 1.91
CA VAL A 38 13.19 -5.77 1.14
C VAL A 38 14.36 -4.88 0.75
N GLY A 39 14.72 -4.89 -0.53
CA GLY A 39 15.83 -4.10 -1.01
C GLY A 39 15.39 -2.74 -1.50
N ALA A 40 16.28 -2.06 -2.22
CA ALA A 40 16.02 -0.69 -2.64
C ALA A 40 15.05 -0.63 -3.82
N ASN A 41 15.09 -1.63 -4.68
CA ASN A 41 14.26 -1.63 -5.88
C ASN A 41 12.89 -2.25 -5.59
N VAL A 42 12.57 -2.38 -4.32
CA VAL A 42 11.32 -2.99 -3.89
C VAL A 42 10.27 -1.91 -3.68
N PRO A 43 9.06 -2.13 -4.21
CA PRO A 43 7.96 -1.20 -4.06
C PRO A 43 7.40 -1.25 -2.65
N VAL A 44 7.04 -0.11 -2.10
CA VAL A 44 6.44 -0.06 -0.79
C VAL A 44 5.38 1.01 -0.73
N GLY A 45 4.52 0.91 0.27
CA GLY A 45 3.52 1.92 0.46
C GLY A 45 3.73 2.66 1.76
N ILE A 46 3.75 3.97 1.66
CA ILE A 46 3.93 4.84 2.80
C ILE A 46 2.57 5.23 3.34
N ASN A 47 2.32 4.90 4.61
CA ASN A 47 1.08 5.27 5.30
C ASN A 47 -0.12 4.65 4.58
N CYS A 48 -0.12 3.32 4.50
CA CYS A 48 -1.19 2.63 3.82
C CYS A 48 -2.26 2.16 4.79
N ASN A 49 -3.50 2.30 4.36
CA ASN A 49 -4.62 1.71 5.07
C ASN A 49 -5.55 1.06 4.06
N PRO A 50 -6.25 -0.01 4.47
CA PRO A 50 -7.03 -0.82 3.56
C PRO A 50 -8.36 -0.18 3.24
N ILE A 51 -8.60 0.08 1.97
CA ILE A 51 -9.79 0.78 1.55
C ILE A 51 -10.98 -0.16 1.55
N THR A 52 -11.62 -0.29 2.69
CA THR A 52 -12.74 -1.19 2.82
C THR A 52 -14.03 -0.43 3.07
N GLY A 53 -13.90 0.79 3.56
CA GLY A 53 -15.07 1.64 3.76
C GLY A 53 -15.55 2.20 2.44
N ILE A 54 -14.61 2.44 1.54
CA ILE A 54 -14.93 2.93 0.21
C ILE A 54 -15.00 1.76 -0.76
N GLY A 55 -15.77 1.92 -1.82
CA GLY A 55 -15.86 0.87 -2.83
C GLY A 55 -17.27 0.73 -3.36
N ALA A 56 -17.81 -0.48 -3.27
CA ALA A 56 -19.16 -0.79 -3.74
C ALA A 56 -19.27 -0.54 -5.25
N GLY A 57 -18.18 -0.83 -5.96
CA GLY A 57 -18.15 -0.62 -7.38
C GLY A 57 -16.93 -1.24 -8.02
N SER A 58 -16.31 -0.50 -8.94
CA SER A 58 -15.14 -1.00 -9.65
C SER A 58 -13.89 -0.84 -8.81
N GLY A 59 -13.67 0.36 -8.29
CA GLY A 59 -12.50 0.63 -7.50
C GLY A 59 -12.80 1.61 -6.39
N SER A 60 -12.24 1.35 -5.22
CA SER A 60 -12.44 2.22 -4.08
C SER A 60 -11.54 3.43 -4.18
N SER A 61 -12.14 4.61 -4.22
CA SER A 61 -11.40 5.85 -4.37
C SER A 61 -10.47 6.08 -3.17
N CYS A 62 -9.17 6.18 -3.46
CA CYS A 62 -8.18 6.51 -2.46
C CYS A 62 -7.81 7.98 -2.56
N ASN A 63 -7.72 8.63 -1.41
CA ASN A 63 -7.39 10.05 -1.33
C ASN A 63 -6.03 10.35 -1.94
N ALA A 64 -5.11 9.40 -1.83
CA ALA A 64 -3.75 9.63 -2.30
C ALA A 64 -3.36 8.62 -3.38
N ASN A 65 -2.85 7.47 -2.98
CA ASN A 65 -2.42 6.46 -3.94
C ASN A 65 -2.92 5.07 -3.54
N PRO A 66 -3.75 4.48 -4.37
CA PRO A 66 -4.25 3.13 -4.17
C PRO A 66 -3.24 2.10 -4.65
N ALA A 67 -3.00 1.08 -3.83
CA ALA A 67 -2.00 0.09 -4.16
C ALA A 67 -2.42 -1.31 -3.76
N CYS A 68 -1.80 -2.28 -4.40
CA CYS A 68 -1.90 -3.67 -4.01
C CYS A 68 -0.55 -4.13 -3.48
N CYS A 69 -0.53 -4.70 -2.30
CA CYS A 69 0.73 -5.06 -1.68
C CYS A 69 0.78 -6.54 -1.33
N ASP A 70 1.99 -7.04 -1.16
CA ASP A 70 2.23 -8.40 -0.71
C ASP A 70 1.85 -8.51 0.76
N ASN A 71 2.23 -7.49 1.52
CA ASN A 71 1.87 -7.38 2.94
C ASN A 71 1.86 -5.92 3.33
N VAL A 72 1.00 -5.53 4.25
CA VAL A 72 1.06 -4.22 4.84
C VAL A 72 0.94 -4.31 6.35
N TYR A 73 1.50 -3.33 7.04
CA TYR A 73 1.56 -3.36 8.48
C TYR A 73 0.91 -2.09 9.04
N THR A 74 0.49 -2.16 10.30
CA THR A 74 -0.34 -1.13 10.91
C THR A 74 0.40 0.19 11.11
N ASN A 75 1.72 0.15 11.02
CA ASN A 75 2.52 1.37 11.00
C ASN A 75 2.25 2.12 9.72
N GLY A 76 1.70 1.40 8.76
CA GLY A 76 1.34 1.97 7.49
C GLY A 76 2.32 1.60 6.40
N LEU A 77 3.18 0.61 6.65
CA LEU A 77 4.17 0.23 5.67
C LEU A 77 3.68 -0.96 4.87
N GLY A 78 3.70 -0.83 3.55
CA GLY A 78 3.36 -1.94 2.70
C GLY A 78 4.57 -2.43 1.92
N VAL A 79 4.62 -3.73 1.68
CA VAL A 79 5.73 -4.34 0.96
C VAL A 79 5.25 -4.87 -0.40
N GLN A 80 5.92 -4.43 -1.46
CA GLN A 80 5.55 -4.78 -2.83
C GLN A 80 4.20 -4.18 -3.20
N CYS A 81 4.09 -2.88 -3.02
CA CYS A 81 2.86 -2.16 -3.37
C CYS A 81 2.91 -1.69 -4.81
N ASN A 82 2.02 -2.23 -5.63
CA ASN A 82 1.87 -1.77 -7.00
C ASN A 82 0.64 -0.89 -7.11
N PRO A 83 0.77 0.23 -7.83
CA PRO A 83 -0.33 1.19 -7.99
C PRO A 83 -1.53 0.57 -8.71
N ILE A 84 -2.71 0.90 -8.21
CA ILE A 84 -3.96 0.39 -8.77
C ILE A 84 -4.34 1.17 -10.02
N ASN A 85 -5.05 0.50 -10.92
CA ASN A 85 -5.48 1.08 -12.18
C ASN A 85 -6.65 2.03 -11.93
N VAL A 86 -6.33 3.25 -11.56
CA VAL A 86 -7.31 4.27 -11.27
C VAL A 86 -6.97 5.53 -12.06
N ASN A 87 -7.49 5.58 -13.28
CA ASN A 87 -7.11 6.63 -14.23
C ASN A 87 -5.62 6.50 -14.53
N LEU A 88 -5.18 5.24 -14.60
CA LEU A 88 -3.75 4.92 -14.72
C LEU A 88 -3.16 5.53 -15.98
N GLY A 1 -12.58 -10.97 1.28
CA GLY A 1 -11.99 -10.59 -0.03
C GLY A 1 -10.86 -9.59 0.12
N SER A 2 -10.88 -8.57 -0.70
CA SER A 2 -9.83 -7.55 -0.70
C SER A 2 -10.43 -6.15 -0.58
N GLY A 3 -11.66 -6.08 -0.11
CA GLY A 3 -12.35 -4.81 -0.04
C GLY A 3 -12.96 -4.43 -1.37
N SER A 4 -12.12 -4.39 -2.38
CA SER A 4 -12.56 -4.16 -3.74
C SER A 4 -12.24 -5.38 -4.59
N SER A 5 -12.35 -5.27 -5.90
CA SER A 5 -12.03 -6.38 -6.79
C SER A 5 -10.53 -6.43 -7.07
N GLN A 6 -9.83 -5.38 -6.70
CA GLN A 6 -8.40 -5.28 -6.96
C GLN A 6 -7.60 -5.98 -5.86
N CYS A 7 -6.31 -6.18 -6.15
CA CYS A 7 -5.35 -6.72 -5.21
C CYS A 7 -5.60 -8.20 -4.90
N ASN A 8 -4.66 -9.04 -5.31
CA ASN A 8 -4.81 -10.47 -5.16
C ASN A 8 -4.24 -10.96 -3.83
N ALA A 9 -3.05 -10.49 -3.49
CA ALA A 9 -2.33 -10.97 -2.31
C ALA A 9 -2.88 -10.37 -1.02
N GLY A 10 -3.68 -9.34 -1.15
CA GLY A 10 -4.25 -8.70 0.02
C GLY A 10 -5.35 -7.74 -0.35
N PRO A 11 -5.83 -6.94 0.61
CA PRO A 11 -6.88 -5.95 0.36
C PRO A 11 -6.32 -4.69 -0.28
N VAL A 12 -7.22 -3.91 -0.86
CA VAL A 12 -6.85 -2.66 -1.53
C VAL A 12 -6.32 -1.66 -0.51
N GLN A 13 -5.17 -1.06 -0.81
CA GLN A 13 -4.54 -0.13 0.11
C GLN A 13 -4.53 1.28 -0.45
N CYS A 14 -4.73 2.24 0.44
CA CYS A 14 -4.62 3.64 0.09
C CYS A 14 -3.44 4.23 0.84
N CYS A 15 -2.36 4.43 0.11
CA CYS A 15 -1.09 4.84 0.70
C CYS A 15 -0.80 6.30 0.40
N ASN A 16 -0.24 6.98 1.40
CA ASN A 16 0.10 8.39 1.28
C ASN A 16 1.14 8.60 0.20
N THR A 17 2.06 7.65 0.10
CA THR A 17 3.12 7.72 -0.88
C THR A 17 3.50 6.32 -1.37
N LEU A 18 3.50 6.13 -2.67
CA LEU A 18 3.99 4.89 -3.25
C LEU A 18 5.39 5.13 -3.80
N THR A 19 6.35 4.54 -3.13
CA THR A 19 7.74 4.75 -3.50
C THR A 19 8.53 3.46 -3.28
N SER A 20 9.84 3.52 -3.43
CA SER A 20 10.69 2.36 -3.30
C SER A 20 11.18 2.21 -1.86
N ALA A 21 11.62 1.00 -1.53
CA ALA A 21 12.12 0.70 -0.19
C ALA A 21 13.43 1.42 0.09
N SER A 22 13.96 2.09 -0.92
CA SER A 22 15.17 2.88 -0.78
C SER A 22 14.83 4.27 -0.25
N ASN A 23 13.54 4.56 -0.16
CA ASN A 23 13.09 5.84 0.38
C ASN A 23 13.20 5.83 1.90
N SER A 24 13.67 6.94 2.45
CA SER A 24 13.87 7.06 3.89
C SER A 24 12.55 6.99 4.65
N GLN A 25 11.45 7.26 3.95
CA GLN A 25 10.13 7.11 4.54
C GLN A 25 9.82 5.64 4.73
N ALA A 26 10.09 4.86 3.68
CA ALA A 26 9.82 3.44 3.70
C ALA A 26 10.77 2.71 4.60
N ALA A 27 12.07 2.91 4.40
CA ALA A 27 13.08 2.21 5.18
C ALA A 27 12.98 2.54 6.65
N GLY A 28 12.52 3.76 6.96
CA GLY A 28 12.26 4.11 8.34
C GLY A 28 11.22 3.19 8.95
N LEU A 29 10.19 2.90 8.18
CA LEU A 29 9.13 1.98 8.58
C LEU A 29 9.64 0.54 8.56
N ILE A 30 10.23 0.15 7.42
CA ILE A 30 10.78 -1.19 7.23
C ILE A 30 11.67 -1.58 8.38
N GLN A 31 12.57 -0.68 8.75
CA GLN A 31 13.51 -0.94 9.81
C GLN A 31 12.84 -0.93 11.18
N GLN A 32 11.64 -0.34 11.27
CA GLN A 32 10.89 -0.38 12.52
C GLN A 32 10.25 -1.75 12.69
N LEU A 33 9.83 -2.31 11.58
CA LEU A 33 9.13 -3.59 11.58
C LEU A 33 10.13 -4.73 11.61
N GLY A 34 11.34 -4.43 11.13
CA GLY A 34 12.37 -5.44 11.03
C GLY A 34 12.17 -6.33 9.83
N LEU A 35 11.83 -5.71 8.72
CA LEU A 35 11.52 -6.44 7.49
C LEU A 35 12.78 -6.80 6.72
N SER A 36 13.14 -8.06 6.76
CA SER A 36 14.25 -8.57 5.99
C SER A 36 13.76 -9.07 4.63
N GLY A 37 14.60 -8.92 3.61
CA GLY A 37 14.24 -9.37 2.29
C GLY A 37 13.90 -8.23 1.36
N VAL A 38 13.38 -7.16 1.94
CA VAL A 38 13.06 -5.95 1.19
C VAL A 38 14.34 -5.19 0.86
N GLY A 39 14.60 -5.00 -0.42
CA GLY A 39 15.79 -4.29 -0.85
C GLY A 39 15.56 -2.81 -1.01
N ALA A 40 16.00 -2.27 -2.13
CA ALA A 40 15.87 -0.84 -2.40
C ALA A 40 14.87 -0.58 -3.51
N ASN A 41 14.94 -1.37 -4.59
CA ASN A 41 14.07 -1.18 -5.75
C ASN A 41 12.66 -1.68 -5.44
N VAL A 42 12.56 -2.47 -4.38
CA VAL A 42 11.30 -3.05 -3.94
C VAL A 42 10.24 -1.98 -3.73
N PRO A 43 9.04 -2.20 -4.29
CA PRO A 43 7.94 -1.26 -4.16
C PRO A 43 7.36 -1.31 -2.76
N VAL A 44 7.01 -0.17 -2.21
CA VAL A 44 6.41 -0.14 -0.89
C VAL A 44 5.33 0.92 -0.83
N GLY A 45 4.51 0.85 0.20
CA GLY A 45 3.49 1.84 0.40
C GLY A 45 3.68 2.57 1.71
N ILE A 46 3.68 3.88 1.62
CA ILE A 46 3.87 4.74 2.78
C ILE A 46 2.52 5.10 3.36
N ASN A 47 2.28 4.68 4.59
CA ASN A 47 1.03 4.98 5.31
C ASN A 47 -0.17 4.42 4.54
N CYS A 48 -0.26 3.12 4.48
CA CYS A 48 -1.34 2.46 3.75
C CYS A 48 -2.48 2.07 4.66
N ASN A 49 -3.69 2.39 4.22
CA ASN A 49 -4.89 1.91 4.89
C ASN A 49 -5.81 1.25 3.90
N PRO A 50 -6.52 0.21 4.33
CA PRO A 50 -7.38 -0.60 3.45
C PRO A 50 -8.58 0.18 2.98
N ILE A 51 -8.75 0.27 1.67
CA ILE A 51 -9.85 1.01 1.10
C ILE A 51 -11.11 0.17 1.16
N THR A 52 -11.80 0.24 2.29
CA THR A 52 -12.99 -0.55 2.47
C THR A 52 -14.19 0.36 2.73
N GLY A 53 -13.97 1.66 2.56
CA GLY A 53 -15.04 2.62 2.74
C GLY A 53 -15.96 2.67 1.54
N ILE A 54 -16.87 1.72 1.46
CA ILE A 54 -17.80 1.65 0.35
C ILE A 54 -18.99 2.55 0.60
N GLY A 55 -18.95 3.73 0.00
CA GLY A 55 -20.04 4.66 0.12
C GLY A 55 -19.54 6.05 0.47
N ALA A 56 -20.35 6.79 1.22
CA ALA A 56 -20.00 8.14 1.65
C ALA A 56 -19.75 9.06 0.45
N GLY A 57 -20.40 8.76 -0.66
CA GLY A 57 -20.21 9.53 -1.86
C GLY A 57 -20.26 8.66 -3.10
N SER A 58 -19.10 8.45 -3.72
CA SER A 58 -19.01 7.62 -4.91
C SER A 58 -18.80 6.15 -4.52
N GLY A 59 -18.03 5.94 -3.47
CA GLY A 59 -17.76 4.59 -3.01
C GLY A 59 -16.35 4.43 -2.50
N SER A 60 -15.82 3.23 -2.60
CA SER A 60 -14.46 2.95 -2.15
C SER A 60 -13.46 3.63 -3.08
N SER A 61 -12.68 4.55 -2.53
CA SER A 61 -11.72 5.29 -3.33
C SER A 61 -10.58 5.80 -2.44
N CYS A 62 -9.39 5.88 -3.01
CA CYS A 62 -8.23 6.34 -2.28
C CYS A 62 -8.04 7.84 -2.42
N ASN A 63 -7.58 8.46 -1.34
CA ASN A 63 -7.35 9.90 -1.30
C ASN A 63 -5.97 10.24 -1.87
N ALA A 64 -5.06 9.29 -1.83
CA ALA A 64 -3.71 9.52 -2.31
C ALA A 64 -3.32 8.51 -3.39
N ASN A 65 -2.73 7.39 -2.98
CA ASN A 65 -2.27 6.39 -3.93
C ASN A 65 -2.81 5.01 -3.58
N PRO A 66 -3.62 4.45 -4.48
CA PRO A 66 -4.14 3.10 -4.32
C PRO A 66 -3.10 2.06 -4.75
N ALA A 67 -2.96 1.01 -3.96
CA ALA A 67 -1.94 0.00 -4.22
C ALA A 67 -2.37 -1.39 -3.79
N CYS A 68 -1.79 -2.39 -4.43
CA CYS A 68 -1.93 -3.76 -3.99
C CYS A 68 -0.57 -4.29 -3.58
N CYS A 69 -0.49 -4.81 -2.37
CA CYS A 69 0.79 -5.19 -1.81
C CYS A 69 0.87 -6.67 -1.50
N ASP A 70 2.08 -7.14 -1.31
CA ASP A 70 2.33 -8.51 -0.87
C ASP A 70 1.97 -8.62 0.60
N ASN A 71 2.40 -7.61 1.34
CA ASN A 71 2.17 -7.51 2.77
C ASN A 71 2.03 -6.05 3.16
N VAL A 72 1.16 -5.76 4.11
CA VAL A 72 1.16 -4.44 4.72
C VAL A 72 1.06 -4.59 6.23
N TYR A 73 1.56 -3.59 6.94
CA TYR A 73 1.67 -3.66 8.38
C TYR A 73 1.04 -2.42 8.99
N THR A 74 0.63 -2.53 10.26
CA THR A 74 -0.16 -1.51 10.93
C THR A 74 0.61 -0.21 11.13
N ASN A 75 1.94 -0.29 11.02
CA ASN A 75 2.79 0.90 11.00
C ASN A 75 2.46 1.73 9.77
N GLY A 76 1.81 1.08 8.82
CA GLY A 76 1.39 1.72 7.60
C GLY A 76 2.33 1.41 6.45
N LEU A 77 3.20 0.43 6.65
CA LEU A 77 4.18 0.09 5.64
C LEU A 77 3.72 -1.10 4.83
N GLY A 78 3.79 -0.98 3.51
CA GLY A 78 3.46 -2.09 2.65
C GLY A 78 4.65 -2.55 1.85
N VAL A 79 4.71 -3.86 1.58
CA VAL A 79 5.81 -4.47 0.84
C VAL A 79 5.30 -4.97 -0.51
N GLN A 80 5.91 -4.49 -1.59
CA GLN A 80 5.53 -4.84 -2.95
C GLN A 80 4.17 -4.24 -3.30
N CYS A 81 4.07 -2.95 -3.08
CA CYS A 81 2.84 -2.20 -3.40
C CYS A 81 2.91 -1.64 -4.80
N ASN A 82 2.01 -2.06 -5.66
CA ASN A 82 1.95 -1.53 -7.01
C ASN A 82 0.78 -0.56 -7.17
N PRO A 83 0.99 0.56 -7.88
CA PRO A 83 -0.02 1.60 -8.07
C PRO A 83 -1.21 1.13 -8.90
N ILE A 84 -2.41 1.40 -8.40
CA ILE A 84 -3.63 1.08 -9.11
C ILE A 84 -4.10 2.27 -9.93
N ASN A 85 -4.64 1.96 -11.09
CA ASN A 85 -5.15 2.98 -11.98
C ASN A 85 -6.56 3.36 -11.53
N VAL A 86 -6.71 4.58 -11.05
CA VAL A 86 -7.98 5.06 -10.58
C VAL A 86 -8.31 6.38 -11.24
N ASN A 87 -8.96 6.27 -12.41
CA ASN A 87 -9.28 7.42 -13.27
C ASN A 87 -8.04 7.99 -13.93
N LEU A 88 -6.87 7.60 -13.41
CA LEU A 88 -5.58 8.00 -13.94
C LEU A 88 -5.47 9.53 -14.07
N GLY A 1 -12.83 -9.74 -1.63
CA GLY A 1 -14.08 -9.50 -0.86
C GLY A 1 -14.71 -8.18 -1.20
N SER A 2 -15.58 -7.68 -0.33
CA SER A 2 -16.26 -6.42 -0.54
C SER A 2 -15.28 -5.26 -0.43
N GLY A 3 -15.39 -4.30 -1.34
CA GLY A 3 -14.45 -3.21 -1.39
C GLY A 3 -13.11 -3.64 -1.96
N SER A 4 -12.42 -4.48 -1.21
CA SER A 4 -11.16 -5.04 -1.67
C SER A 4 -11.40 -6.12 -2.70
N SER A 5 -11.68 -5.70 -3.92
CA SER A 5 -11.87 -6.62 -5.03
C SER A 5 -10.71 -6.53 -6.01
N GLN A 6 -9.96 -5.45 -5.93
CA GLN A 6 -8.88 -5.22 -6.87
C GLN A 6 -7.57 -5.82 -6.37
N CYS A 7 -6.82 -6.36 -7.31
CA CYS A 7 -5.50 -6.97 -7.08
C CYS A 7 -5.61 -8.33 -6.40
N ASN A 8 -4.84 -9.28 -6.89
CA ASN A 8 -4.85 -10.65 -6.37
C ASN A 8 -3.82 -10.82 -5.26
N ALA A 9 -2.96 -9.83 -5.08
CA ALA A 9 -1.87 -9.92 -4.10
C ALA A 9 -2.34 -9.60 -2.69
N GLY A 10 -3.56 -9.09 -2.59
CA GLY A 10 -4.12 -8.73 -1.31
C GLY A 10 -5.35 -7.89 -1.47
N PRO A 11 -5.61 -6.96 -0.53
CA PRO A 11 -6.75 -6.07 -0.59
C PRO A 11 -6.39 -4.76 -1.27
N VAL A 12 -7.34 -3.84 -1.30
CA VAL A 12 -7.07 -2.52 -1.82
C VAL A 12 -6.53 -1.63 -0.71
N GLN A 13 -5.40 -1.03 -0.97
CA GLN A 13 -4.75 -0.19 0.02
C GLN A 13 -4.73 1.25 -0.46
N CYS A 14 -4.76 2.16 0.48
CA CYS A 14 -4.66 3.58 0.21
C CYS A 14 -3.43 4.12 0.92
N CYS A 15 -2.46 4.56 0.14
CA CYS A 15 -1.15 4.91 0.65
C CYS A 15 -0.85 6.38 0.40
N ASN A 16 -0.25 7.01 1.39
CA ASN A 16 0.15 8.41 1.29
C ASN A 16 1.18 8.59 0.19
N THR A 17 2.18 7.72 0.18
CA THR A 17 3.26 7.79 -0.79
C THR A 17 3.62 6.41 -1.31
N LEU A 18 3.58 6.23 -2.62
CA LEU A 18 4.05 5.01 -3.24
C LEU A 18 5.47 5.22 -3.73
N THR A 19 6.40 4.56 -3.08
CA THR A 19 7.81 4.72 -3.40
C THR A 19 8.53 3.39 -3.18
N SER A 20 9.84 3.39 -3.37
CA SER A 20 10.62 2.17 -3.22
C SER A 20 11.25 2.11 -1.84
N ALA A 21 11.71 0.92 -1.45
CA ALA A 21 12.30 0.71 -0.13
C ALA A 21 13.65 1.40 0.00
N SER A 22 14.04 2.13 -1.04
CA SER A 22 15.23 2.95 -1.01
C SER A 22 14.91 4.29 -0.35
N ASN A 23 13.62 4.65 -0.34
CA ASN A 23 13.17 5.91 0.23
C ASN A 23 13.37 5.91 1.73
N SER A 24 13.77 7.07 2.26
CA SER A 24 14.03 7.21 3.68
C SER A 24 12.75 7.02 4.49
N GLN A 25 11.61 7.37 3.90
CA GLN A 25 10.32 7.19 4.54
C GLN A 25 10.05 5.73 4.75
N ALA A 26 10.26 4.96 3.69
CA ALA A 26 10.01 3.53 3.71
C ALA A 26 10.94 2.82 4.67
N ALA A 27 12.23 3.03 4.49
CA ALA A 27 13.23 2.32 5.29
C ALA A 27 13.07 2.59 6.77
N GLY A 28 12.69 3.82 7.13
CA GLY A 28 12.42 4.13 8.52
C GLY A 28 11.35 3.24 9.10
N LEU A 29 10.35 2.93 8.27
CA LEU A 29 9.27 2.03 8.63
C LEU A 29 9.72 0.56 8.55
N ILE A 30 10.34 0.23 7.42
CA ILE A 30 10.87 -1.12 7.18
C ILE A 30 11.75 -1.57 8.32
N GLN A 31 12.64 -0.69 8.73
CA GLN A 31 13.56 -0.98 9.79
C GLN A 31 12.86 -0.99 11.15
N GLN A 32 11.68 -0.38 11.23
CA GLN A 32 10.89 -0.46 12.46
C GLN A 32 10.29 -1.83 12.61
N LEU A 33 9.84 -2.37 11.50
CA LEU A 33 9.20 -3.67 11.49
C LEU A 33 10.25 -4.78 11.48
N GLY A 34 11.44 -4.43 11.00
CA GLY A 34 12.53 -5.38 10.90
C GLY A 34 12.37 -6.27 9.68
N LEU A 35 11.90 -5.68 8.60
CA LEU A 35 11.59 -6.41 7.38
C LEU A 35 12.84 -6.86 6.65
N SER A 36 13.19 -8.13 6.82
CA SER A 36 14.29 -8.73 6.11
C SER A 36 13.81 -9.34 4.80
N GLY A 37 14.45 -8.97 3.71
CA GLY A 37 14.05 -9.45 2.41
C GLY A 37 13.57 -8.32 1.52
N VAL A 38 13.46 -7.14 2.10
CA VAL A 38 13.08 -5.95 1.38
C VAL A 38 14.33 -5.16 0.98
N GLY A 39 14.64 -5.17 -0.31
CA GLY A 39 15.76 -4.40 -0.82
C GLY A 39 15.31 -3.06 -1.33
N ALA A 40 16.23 -2.27 -1.85
CA ALA A 40 15.90 -0.91 -2.28
C ALA A 40 15.07 -0.90 -3.55
N ASN A 41 15.08 -2.00 -4.29
CA ASN A 41 14.31 -2.11 -5.52
C ASN A 41 12.85 -2.42 -5.21
N VAL A 42 12.60 -2.82 -3.99
CA VAL A 42 11.27 -3.27 -3.57
C VAL A 42 10.30 -2.11 -3.48
N PRO A 43 9.09 -2.29 -4.03
CA PRO A 43 8.05 -1.29 -3.96
C PRO A 43 7.42 -1.29 -2.58
N VAL A 44 7.07 -0.12 -2.07
CA VAL A 44 6.46 -0.04 -0.76
C VAL A 44 5.41 1.05 -0.72
N GLY A 45 4.50 0.94 0.22
CA GLY A 45 3.52 1.97 0.41
C GLY A 45 3.68 2.65 1.74
N ILE A 46 3.71 3.96 1.69
CA ILE A 46 3.89 4.79 2.86
C ILE A 46 2.51 5.17 3.40
N ASN A 47 2.22 4.73 4.62
CA ASN A 47 0.94 5.02 5.27
C ASN A 47 -0.22 4.40 4.49
N CYS A 48 -0.21 3.08 4.39
CA CYS A 48 -1.25 2.38 3.67
C CYS A 48 -2.33 1.87 4.61
N ASN A 49 -3.58 2.10 4.22
CA ASN A 49 -4.72 1.51 4.91
C ASN A 49 -5.70 0.94 3.89
N PRO A 50 -6.36 -0.18 4.24
CA PRO A 50 -7.24 -0.90 3.33
C PRO A 50 -8.52 -0.09 3.05
N ILE A 51 -8.82 0.08 1.77
CA ILE A 51 -9.98 0.84 1.39
C ILE A 51 -11.21 -0.06 1.39
N THR A 52 -11.82 -0.22 2.54
CA THR A 52 -12.96 -1.12 2.65
C THR A 52 -14.24 -0.36 3.01
N GLY A 53 -14.28 0.91 2.64
CA GLY A 53 -15.47 1.70 2.84
C GLY A 53 -15.81 2.54 1.61
N ILE A 54 -15.17 2.23 0.50
CA ILE A 54 -15.35 2.98 -0.74
C ILE A 54 -15.49 2.04 -1.92
N GLY A 55 -16.26 2.46 -2.94
CA GLY A 55 -16.33 1.72 -4.18
C GLY A 55 -16.98 0.36 -4.04
N ALA A 56 -18.30 0.35 -3.92
CA ALA A 56 -19.05 -0.90 -3.80
C ALA A 56 -19.26 -1.52 -5.17
N GLY A 57 -18.29 -2.30 -5.63
CA GLY A 57 -18.42 -2.98 -6.90
C GLY A 57 -17.62 -2.32 -8.00
N SER A 58 -17.60 -1.00 -7.99
CA SER A 58 -16.92 -0.23 -9.03
C SER A 58 -15.42 -0.08 -8.75
N GLY A 59 -15.03 -0.35 -7.51
CA GLY A 59 -13.65 -0.16 -7.13
C GLY A 59 -13.49 1.04 -6.21
N SER A 60 -12.64 0.90 -5.22
CA SER A 60 -12.48 1.94 -4.21
C SER A 60 -11.37 2.93 -4.61
N SER A 61 -11.60 4.20 -4.32
CA SER A 61 -10.63 5.24 -4.62
C SER A 61 -9.84 5.62 -3.36
N CYS A 62 -8.60 6.03 -3.55
CA CYS A 62 -7.74 6.40 -2.44
C CYS A 62 -7.54 7.91 -2.39
N ASN A 63 -7.46 8.43 -1.18
CA ASN A 63 -7.26 9.86 -0.92
C ASN A 63 -5.92 10.33 -1.51
N ALA A 64 -4.92 9.47 -1.47
CA ALA A 64 -3.61 9.82 -1.99
C ALA A 64 -3.22 8.92 -3.17
N ASN A 65 -2.57 7.81 -2.87
CA ASN A 65 -2.17 6.85 -3.91
C ASN A 65 -2.72 5.48 -3.58
N PRO A 66 -3.55 4.94 -4.48
CA PRO A 66 -4.12 3.61 -4.30
C PRO A 66 -3.16 2.52 -4.75
N ALA A 67 -3.02 1.50 -3.94
CA ALA A 67 -2.10 0.42 -4.24
C ALA A 67 -2.61 -0.88 -3.66
N CYS A 68 -2.00 -1.97 -4.09
CA CYS A 68 -2.19 -3.24 -3.44
C CYS A 68 -0.84 -3.78 -3.06
N CYS A 69 -0.73 -4.41 -1.91
CA CYS A 69 0.56 -4.83 -1.43
C CYS A 69 0.58 -6.30 -1.09
N ASP A 70 1.78 -6.85 -1.12
CA ASP A 70 2.01 -8.22 -0.73
C ASP A 70 1.67 -8.38 0.75
N ASN A 71 2.11 -7.42 1.55
CA ASN A 71 1.79 -7.35 2.97
C ASN A 71 1.94 -5.93 3.46
N VAL A 72 1.01 -5.44 4.26
CA VAL A 72 1.21 -4.15 4.91
C VAL A 72 1.15 -4.32 6.42
N TYR A 73 1.64 -3.33 7.14
CA TYR A 73 1.75 -3.40 8.59
C TYR A 73 1.12 -2.16 9.22
N THR A 74 0.83 -2.26 10.51
CA THR A 74 -0.02 -1.31 11.21
C THR A 74 0.61 0.08 11.33
N ASN A 75 1.94 0.14 11.26
CA ASN A 75 2.63 1.42 11.21
C ASN A 75 2.26 2.14 9.92
N GLY A 76 1.78 1.34 8.96
CA GLY A 76 1.33 1.86 7.70
C GLY A 76 2.27 1.53 6.57
N LEU A 77 3.21 0.62 6.80
CA LEU A 77 4.20 0.28 5.79
C LEU A 77 3.73 -0.91 4.98
N GLY A 78 3.74 -0.78 3.67
CA GLY A 78 3.37 -1.87 2.81
C GLY A 78 4.57 -2.39 2.02
N VAL A 79 4.62 -3.70 1.81
CA VAL A 79 5.71 -4.31 1.05
C VAL A 79 5.19 -4.81 -0.31
N GLN A 80 5.87 -4.39 -1.36
CA GLN A 80 5.50 -4.76 -2.74
C GLN A 80 4.15 -4.17 -3.11
N CYS A 81 4.01 -2.87 -2.91
CA CYS A 81 2.78 -2.17 -3.28
C CYS A 81 2.82 -1.76 -4.73
N ASN A 82 1.80 -2.16 -5.48
CA ASN A 82 1.67 -1.71 -6.86
C ASN A 82 0.44 -0.83 -6.98
N PRO A 83 0.51 0.21 -7.81
CA PRO A 83 -0.57 1.19 -7.94
C PRO A 83 -1.83 0.61 -8.59
N ILE A 84 -2.97 0.98 -8.03
CA ILE A 84 -4.27 0.53 -8.53
C ILE A 84 -4.67 1.35 -9.74
N ASN A 85 -5.43 0.72 -10.62
CA ASN A 85 -5.95 1.39 -11.80
C ASN A 85 -7.09 2.33 -11.41
N VAL A 86 -6.76 3.61 -11.33
CA VAL A 86 -7.74 4.63 -11.00
C VAL A 86 -7.69 5.72 -12.05
N ASN A 87 -8.48 5.53 -13.09
CA ASN A 87 -8.47 6.40 -14.28
C ASN A 87 -7.24 6.10 -15.14
N LEU A 88 -6.37 5.25 -14.60
CA LEU A 88 -5.15 4.80 -15.26
C LEU A 88 -4.24 5.99 -15.60
N GLY A 1 -18.34 -1.30 -7.73
CA GLY A 1 -17.91 -1.27 -6.31
C GLY A 1 -18.23 -2.55 -5.59
N SER A 2 -17.23 -3.39 -5.41
CA SER A 2 -17.41 -4.68 -4.78
C SER A 2 -16.29 -4.93 -3.76
N GLY A 3 -16.27 -4.10 -2.71
CA GLY A 3 -15.25 -4.23 -1.69
C GLY A 3 -13.86 -4.03 -2.26
N SER A 4 -12.98 -4.98 -2.00
CA SER A 4 -11.63 -4.96 -2.54
C SER A 4 -11.60 -5.73 -3.86
N SER A 5 -12.21 -5.16 -4.89
CA SER A 5 -12.27 -5.80 -6.19
C SER A 5 -10.92 -5.73 -6.90
N GLN A 6 -10.06 -4.84 -6.41
CA GLN A 6 -8.71 -4.74 -6.94
C GLN A 6 -7.75 -5.51 -6.04
N CYS A 7 -6.53 -5.72 -6.54
CA CYS A 7 -5.46 -6.38 -5.80
C CYS A 7 -5.72 -7.87 -5.61
N ASN A 8 -4.85 -8.69 -6.19
CA ASN A 8 -4.91 -10.13 -6.03
C ASN A 8 -4.06 -10.59 -4.84
N ALA A 9 -3.10 -9.76 -4.46
CA ALA A 9 -2.14 -10.12 -3.41
C ALA A 9 -2.69 -9.82 -2.01
N GLY A 10 -3.88 -9.27 -1.97
CA GLY A 10 -4.50 -8.94 -0.71
C GLY A 10 -5.64 -7.96 -0.88
N PRO A 11 -5.94 -7.16 0.14
CA PRO A 11 -6.96 -6.12 0.04
C PRO A 11 -6.38 -4.80 -0.48
N VAL A 12 -7.26 -3.96 -0.97
CA VAL A 12 -6.87 -2.66 -1.52
C VAL A 12 -6.32 -1.74 -0.46
N GLN A 13 -5.20 -1.10 -0.77
CA GLN A 13 -4.57 -0.20 0.17
C GLN A 13 -4.56 1.23 -0.37
N CYS A 14 -4.68 2.18 0.53
CA CYS A 14 -4.61 3.58 0.18
C CYS A 14 -3.39 4.20 0.84
N CYS A 15 -2.34 4.34 0.05
CA CYS A 15 -1.06 4.83 0.55
C CYS A 15 -0.94 6.33 0.31
N ASN A 16 -0.24 7.00 1.22
CA ASN A 16 0.03 8.44 1.06
C ASN A 16 1.13 8.63 0.02
N THR A 17 2.05 7.68 -0.02
CA THR A 17 3.17 7.74 -0.95
C THR A 17 3.57 6.35 -1.42
N LEU A 18 3.53 6.13 -2.73
CA LEU A 18 4.03 4.89 -3.30
C LEU A 18 5.42 5.11 -3.82
N THR A 19 6.38 4.65 -3.04
CA THR A 19 7.78 4.82 -3.38
C THR A 19 8.51 3.51 -3.16
N SER A 20 9.82 3.51 -3.34
CA SER A 20 10.61 2.30 -3.24
C SER A 20 11.22 2.20 -1.84
N ALA A 21 11.61 0.98 -1.46
CA ALA A 21 12.11 0.71 -0.12
C ALA A 21 13.45 1.40 0.17
N SER A 22 13.96 2.15 -0.81
CA SER A 22 15.17 2.92 -0.64
C SER A 22 14.84 4.28 -0.04
N ASN A 23 13.56 4.65 -0.08
CA ASN A 23 13.11 5.94 0.46
C ASN A 23 13.25 5.96 1.96
N SER A 24 13.67 7.11 2.48
CA SER A 24 13.84 7.30 3.92
C SER A 24 12.53 7.03 4.67
N GLN A 25 11.41 7.39 4.05
CA GLN A 25 10.12 7.16 4.66
C GLN A 25 9.87 5.68 4.83
N ALA A 26 10.09 4.94 3.75
CA ALA A 26 9.88 3.50 3.74
C ALA A 26 10.84 2.80 4.70
N ALA A 27 12.12 3.05 4.54
CA ALA A 27 13.14 2.37 5.34
C ALA A 27 12.94 2.61 6.83
N GLY A 28 12.52 3.81 7.20
CA GLY A 28 12.24 4.10 8.59
C GLY A 28 11.19 3.15 9.14
N LEU A 29 10.21 2.85 8.30
CA LEU A 29 9.15 1.91 8.64
C LEU A 29 9.64 0.48 8.54
N ILE A 30 10.29 0.17 7.43
CA ILE A 30 10.86 -1.16 7.18
C ILE A 30 11.74 -1.59 8.33
N GLN A 31 12.59 -0.69 8.77
CA GLN A 31 13.50 -0.95 9.84
C GLN A 31 12.78 -1.00 11.19
N GLN A 32 11.57 -0.45 11.26
CA GLN A 32 10.76 -0.58 12.47
C GLN A 32 10.19 -1.98 12.58
N LEU A 33 9.83 -2.53 11.43
CA LEU A 33 9.21 -3.84 11.38
C LEU A 33 10.27 -4.93 11.38
N GLY A 34 11.48 -4.55 11.00
CA GLY A 34 12.57 -5.49 10.88
C GLY A 34 12.44 -6.33 9.64
N LEU A 35 12.04 -5.69 8.55
CA LEU A 35 11.80 -6.38 7.30
C LEU A 35 13.09 -6.80 6.61
N SER A 36 13.30 -8.10 6.54
CA SER A 36 14.42 -8.66 5.83
C SER A 36 13.98 -9.08 4.42
N GLY A 37 14.87 -8.92 3.45
CA GLY A 37 14.54 -9.33 2.09
C GLY A 37 14.14 -8.16 1.22
N VAL A 38 13.56 -7.14 1.83
CA VAL A 38 13.13 -5.95 1.11
C VAL A 38 14.33 -5.08 0.75
N GLY A 39 14.66 -5.04 -0.54
CA GLY A 39 15.75 -4.23 -1.01
C GLY A 39 15.29 -2.91 -1.57
N ALA A 40 16.18 -2.18 -2.22
CA ALA A 40 15.88 -0.84 -2.70
C ALA A 40 14.93 -0.84 -3.88
N ASN A 41 14.99 -1.87 -4.71
CA ASN A 41 14.17 -1.94 -5.91
C ASN A 41 12.77 -2.47 -5.59
N VAL A 42 12.51 -2.66 -4.30
CA VAL A 42 11.23 -3.20 -3.85
C VAL A 42 10.22 -2.10 -3.66
N PRO A 43 8.99 -2.30 -4.17
CA PRO A 43 7.91 -1.35 -4.02
C PRO A 43 7.37 -1.34 -2.62
N VAL A 44 7.03 -0.18 -2.10
CA VAL A 44 6.41 -0.10 -0.79
C VAL A 44 5.34 0.96 -0.77
N GLY A 45 4.49 0.90 0.23
CA GLY A 45 3.46 1.90 0.37
C GLY A 45 3.56 2.61 1.70
N ILE A 46 3.69 3.91 1.61
CA ILE A 46 3.83 4.77 2.77
C ILE A 46 2.46 5.15 3.29
N ASN A 47 2.21 4.93 4.58
CA ASN A 47 0.98 5.39 5.22
C ASN A 47 -0.24 4.78 4.53
N CYS A 48 -0.31 3.47 4.49
CA CYS A 48 -1.36 2.81 3.75
C CYS A 48 -2.43 2.23 4.67
N ASN A 49 -3.68 2.50 4.30
CA ASN A 49 -4.83 1.92 4.99
C ASN A 49 -5.73 1.23 4.00
N PRO A 50 -6.37 0.13 4.41
CA PRO A 50 -7.19 -0.69 3.52
C PRO A 50 -8.49 0.02 3.15
N ILE A 51 -8.73 0.16 1.85
CA ILE A 51 -9.89 0.88 1.38
C ILE A 51 -11.11 -0.01 1.41
N THR A 52 -11.76 -0.09 2.55
CA THR A 52 -12.93 -0.93 2.69
C THR A 52 -14.16 -0.11 3.02
N GLY A 53 -14.02 1.21 2.90
CA GLY A 53 -15.14 2.10 3.09
C GLY A 53 -15.81 2.45 1.79
N ILE A 54 -16.42 1.46 1.16
CA ILE A 54 -17.10 1.67 -0.12
C ILE A 54 -18.33 2.56 0.07
N GLY A 55 -18.30 3.71 -0.57
CA GLY A 55 -19.39 4.65 -0.46
C GLY A 55 -18.90 6.08 -0.46
N ALA A 56 -18.04 6.40 -1.42
CA ALA A 56 -17.44 7.70 -1.50
C ALA A 56 -17.25 8.12 -2.96
N GLY A 57 -18.33 8.03 -3.73
CA GLY A 57 -18.29 8.42 -5.12
C GLY A 57 -18.30 7.23 -6.04
N SER A 58 -17.13 6.71 -6.35
CA SER A 58 -16.99 5.59 -7.27
C SER A 58 -17.04 4.25 -6.53
N GLY A 59 -17.25 4.30 -5.22
CA GLY A 59 -17.23 3.09 -4.42
C GLY A 59 -16.02 3.04 -3.54
N SER A 60 -15.00 2.31 -3.96
CA SER A 60 -13.74 2.26 -3.24
C SER A 60 -12.75 3.19 -3.91
N SER A 61 -12.28 4.19 -3.16
CA SER A 61 -11.38 5.18 -3.71
C SER A 61 -10.36 5.61 -2.68
N CYS A 62 -9.14 5.88 -3.14
CA CYS A 62 -8.08 6.31 -2.27
C CYS A 62 -7.90 7.82 -2.36
N ASN A 63 -7.68 8.44 -1.22
CA ASN A 63 -7.47 9.89 -1.12
C ASN A 63 -6.10 10.27 -1.68
N ALA A 64 -5.18 9.33 -1.68
CA ALA A 64 -3.83 9.59 -2.16
C ALA A 64 -3.46 8.64 -3.30
N ASN A 65 -2.84 7.52 -2.97
CA ASN A 65 -2.40 6.56 -3.98
C ASN A 65 -2.84 5.15 -3.63
N PRO A 66 -3.69 4.55 -4.46
CA PRO A 66 -4.18 3.19 -4.25
C PRO A 66 -3.17 2.14 -4.69
N ALA A 67 -2.97 1.12 -3.88
CA ALA A 67 -1.96 0.12 -4.18
C ALA A 67 -2.40 -1.28 -3.77
N CYS A 68 -1.75 -2.27 -4.37
CA CYS A 68 -1.87 -3.64 -3.96
C CYS A 68 -0.56 -4.09 -3.38
N CYS A 69 -0.57 -4.56 -2.15
CA CYS A 69 0.66 -4.92 -1.48
C CYS A 69 0.67 -6.39 -1.09
N ASP A 70 1.86 -6.94 -0.98
CA ASP A 70 2.03 -8.33 -0.56
C ASP A 70 1.76 -8.46 0.93
N ASN A 71 2.36 -7.57 1.71
CA ASN A 71 2.08 -7.47 3.14
C ASN A 71 2.18 -6.01 3.57
N VAL A 72 1.18 -5.50 4.25
CA VAL A 72 1.27 -4.16 4.80
C VAL A 72 0.95 -4.18 6.29
N TYR A 73 1.80 -3.50 7.03
CA TYR A 73 1.83 -3.59 8.48
C TYR A 73 1.14 -2.38 9.09
N THR A 74 0.75 -2.53 10.35
CA THR A 74 -0.14 -1.57 11.00
C THR A 74 0.51 -0.21 11.26
N ASN A 75 1.83 -0.17 11.15
CA ASN A 75 2.54 1.11 11.16
C ASN A 75 2.19 1.89 9.91
N GLY A 76 1.71 1.16 8.91
CA GLY A 76 1.31 1.75 7.67
C GLY A 76 2.30 1.48 6.55
N LEU A 77 3.19 0.51 6.74
CA LEU A 77 4.18 0.18 5.73
C LEU A 77 3.73 -1.00 4.92
N GLY A 78 3.63 -0.82 3.62
CA GLY A 78 3.28 -1.92 2.74
C GLY A 78 4.46 -2.40 1.93
N VAL A 79 4.58 -3.71 1.81
CA VAL A 79 5.63 -4.33 1.02
C VAL A 79 5.07 -4.75 -0.33
N GLN A 80 5.83 -4.47 -1.38
CA GLN A 80 5.44 -4.82 -2.74
C GLN A 80 4.11 -4.17 -3.10
N CYS A 81 4.05 -2.88 -2.87
CA CYS A 81 2.83 -2.12 -3.14
C CYS A 81 2.85 -1.60 -4.57
N ASN A 82 2.11 -2.27 -5.42
CA ASN A 82 1.99 -1.83 -6.80
C ASN A 82 0.76 -0.96 -6.98
N PRO A 83 0.91 0.16 -7.71
CA PRO A 83 -0.17 1.14 -7.89
C PRO A 83 -1.38 0.56 -8.62
N ILE A 84 -2.56 0.82 -8.09
CA ILE A 84 -3.79 0.40 -8.73
C ILE A 84 -4.13 1.37 -9.83
N ASN A 85 -4.61 0.84 -10.92
CA ASN A 85 -4.94 1.65 -12.07
C ASN A 85 -6.28 2.32 -11.82
N VAL A 86 -6.21 3.59 -11.49
CA VAL A 86 -7.38 4.40 -11.21
C VAL A 86 -7.33 5.64 -12.08
N ASN A 87 -7.84 5.50 -13.29
CA ASN A 87 -7.74 6.52 -14.34
C ASN A 87 -6.30 6.59 -14.87
N LEU A 88 -5.41 5.89 -14.18
CA LEU A 88 -3.99 5.84 -14.51
C LEU A 88 -3.37 7.23 -14.56
N GLY A 1 -12.40 -9.43 -2.81
CA GLY A 1 -12.16 -8.13 -2.16
C GLY A 1 -13.36 -7.66 -1.36
N SER A 2 -13.12 -6.97 -0.26
CA SER A 2 -14.18 -6.44 0.56
C SER A 2 -14.57 -5.04 0.11
N GLY A 3 -13.62 -4.11 0.17
CA GLY A 3 -13.89 -2.75 -0.21
C GLY A 3 -13.73 -2.52 -1.70
N SER A 4 -12.86 -3.32 -2.32
CA SER A 4 -12.61 -3.21 -3.74
C SER A 4 -12.24 -4.58 -4.31
N SER A 5 -12.45 -4.74 -5.61
CA SER A 5 -12.19 -6.01 -6.27
C SER A 5 -10.78 -6.07 -6.84
N GLN A 6 -9.99 -5.08 -6.52
CA GLN A 6 -8.60 -5.05 -6.95
C GLN A 6 -7.74 -5.83 -5.96
N CYS A 7 -6.53 -6.19 -6.39
CA CYS A 7 -5.53 -6.82 -5.55
C CYS A 7 -5.92 -8.25 -5.15
N ASN A 8 -5.18 -9.22 -5.69
CA ASN A 8 -5.42 -10.63 -5.39
C ASN A 8 -4.60 -11.09 -4.19
N ALA A 9 -3.38 -10.58 -4.07
CA ALA A 9 -2.48 -11.02 -3.00
C ALA A 9 -2.74 -10.29 -1.69
N GLY A 10 -3.86 -9.58 -1.62
CA GLY A 10 -4.21 -8.86 -0.42
C GLY A 10 -5.29 -7.84 -0.68
N PRO A 11 -5.75 -7.13 0.35
CA PRO A 11 -6.77 -6.09 0.19
C PRO A 11 -6.17 -4.82 -0.40
N VAL A 12 -7.05 -3.97 -0.92
CA VAL A 12 -6.65 -2.71 -1.52
C VAL A 12 -6.09 -1.76 -0.48
N GLN A 13 -4.97 -1.15 -0.79
CA GLN A 13 -4.34 -0.22 0.14
C GLN A 13 -4.39 1.19 -0.40
N CYS A 14 -4.60 2.12 0.50
CA CYS A 14 -4.52 3.53 0.19
C CYS A 14 -3.31 4.12 0.90
N CYS A 15 -2.31 4.47 0.11
CA CYS A 15 -1.02 4.88 0.64
C CYS A 15 -0.79 6.36 0.38
N ASN A 16 -0.21 7.03 1.39
CA ASN A 16 0.10 8.45 1.31
C ASN A 16 1.16 8.70 0.24
N THR A 17 2.06 7.74 0.11
CA THR A 17 3.13 7.83 -0.87
C THR A 17 3.52 6.45 -1.38
N LEU A 18 3.46 6.25 -2.69
CA LEU A 18 3.98 5.05 -3.28
C LEU A 18 5.37 5.31 -3.82
N THR A 19 6.34 4.70 -3.17
CA THR A 19 7.74 4.88 -3.51
C THR A 19 8.48 3.56 -3.31
N SER A 20 9.80 3.58 -3.42
CA SER A 20 10.60 2.37 -3.27
C SER A 20 11.20 2.30 -1.87
N ALA A 21 11.66 1.11 -1.50
CA ALA A 21 12.19 0.87 -0.16
C ALA A 21 13.51 1.59 0.07
N SER A 22 14.03 2.23 -0.97
CA SER A 22 15.20 3.05 -0.88
C SER A 22 14.87 4.40 -0.25
N ASN A 23 13.59 4.71 -0.18
CA ASN A 23 13.12 5.98 0.40
C ASN A 23 13.26 5.94 1.91
N SER A 24 13.73 7.06 2.47
CA SER A 24 13.96 7.16 3.91
C SER A 24 12.67 6.93 4.69
N GLN A 25 11.54 7.27 4.09
CA GLN A 25 10.25 7.04 4.71
C GLN A 25 10.00 5.55 4.83
N ALA A 26 10.16 4.85 3.71
CA ALA A 26 9.91 3.43 3.65
C ALA A 26 10.86 2.67 4.56
N ALA A 27 12.15 2.86 4.38
CA ALA A 27 13.15 2.14 5.16
C ALA A 27 13.02 2.46 6.64
N GLY A 28 12.54 3.65 6.96
CA GLY A 28 12.24 3.97 8.34
C GLY A 28 11.22 2.98 8.90
N LEU A 29 10.09 2.89 8.21
CA LEU A 29 9.02 1.95 8.55
C LEU A 29 9.52 0.51 8.49
N ILE A 30 10.18 0.15 7.40
CA ILE A 30 10.74 -1.18 7.21
C ILE A 30 11.62 -1.57 8.39
N GLN A 31 12.47 -0.65 8.79
CA GLN A 31 13.35 -0.87 9.91
C GLN A 31 12.58 -0.88 11.23
N GLN A 32 11.41 -0.24 11.26
CA GLN A 32 10.57 -0.26 12.45
C GLN A 32 10.01 -1.65 12.65
N LEU A 33 9.61 -2.27 11.55
CA LEU A 33 9.01 -3.59 11.56
C LEU A 33 10.10 -4.65 11.64
N GLY A 34 11.29 -4.27 11.18
CA GLY A 34 12.40 -5.19 11.13
C GLY A 34 12.29 -6.12 9.94
N LEU A 35 11.79 -5.59 8.84
CA LEU A 35 11.57 -6.37 7.63
C LEU A 35 12.86 -6.75 6.93
N SER A 36 13.20 -8.03 6.99
CA SER A 36 14.37 -8.54 6.31
C SER A 36 13.95 -9.20 5.01
N GLY A 37 14.46 -8.68 3.89
CA GLY A 37 14.08 -9.18 2.59
C GLY A 37 13.70 -8.06 1.64
N VAL A 38 13.43 -6.90 2.20
CA VAL A 38 13.08 -5.73 1.42
C VAL A 38 14.32 -4.92 1.08
N GLY A 39 14.71 -4.96 -0.19
CA GLY A 39 15.86 -4.22 -0.65
C GLY A 39 15.47 -2.88 -1.23
N ALA A 40 16.39 -2.21 -1.89
CA ALA A 40 16.15 -0.87 -2.40
C ALA A 40 15.19 -0.88 -3.60
N ASN A 41 15.28 -1.92 -4.41
CA ASN A 41 14.48 -2.01 -5.63
C ASN A 41 13.12 -2.64 -5.36
N VAL A 42 12.68 -2.56 -4.11
CA VAL A 42 11.40 -3.13 -3.72
C VAL A 42 10.34 -2.04 -3.63
N PRO A 43 9.19 -2.28 -4.25
CA PRO A 43 8.06 -1.36 -4.20
C PRO A 43 7.45 -1.35 -2.82
N VAL A 44 7.13 -0.18 -2.30
CA VAL A 44 6.52 -0.09 -0.98
C VAL A 44 5.43 0.96 -0.95
N GLY A 45 4.65 0.93 0.11
CA GLY A 45 3.64 1.92 0.30
C GLY A 45 3.80 2.63 1.61
N ILE A 46 3.80 3.95 1.56
CA ILE A 46 3.96 4.78 2.73
C ILE A 46 2.58 5.11 3.28
N ASN A 47 2.35 4.76 4.53
CA ASN A 47 1.09 5.06 5.20
C ASN A 47 -0.07 4.42 4.45
N CYS A 48 -0.05 3.11 4.35
CA CYS A 48 -1.08 2.38 3.65
C CYS A 48 -2.14 1.87 4.61
N ASN A 49 -3.38 2.10 4.24
CA ASN A 49 -4.49 1.53 4.97
C ASN A 49 -5.47 0.91 3.99
N PRO A 50 -6.10 -0.19 4.40
CA PRO A 50 -7.00 -0.95 3.53
C PRO A 50 -8.25 -0.17 3.20
N ILE A 51 -8.53 -0.04 1.92
CA ILE A 51 -9.69 0.73 1.49
C ILE A 51 -10.93 -0.14 1.63
N THR A 52 -11.49 -0.17 2.82
CA THR A 52 -12.63 -1.02 3.10
C THR A 52 -13.81 -0.23 3.63
N GLY A 53 -13.82 1.08 3.38
CA GLY A 53 -14.90 1.91 3.86
C GLY A 53 -15.13 3.12 2.98
N ILE A 54 -15.52 2.88 1.74
CA ILE A 54 -15.80 3.95 0.79
C ILE A 54 -17.08 4.68 1.18
N GLY A 55 -16.94 5.93 1.55
CA GLY A 55 -18.07 6.72 1.97
C GLY A 55 -18.15 6.79 3.48
N ALA A 56 -18.70 5.76 4.08
CA ALA A 56 -18.78 5.66 5.53
C ALA A 56 -17.63 4.82 6.08
N GLY A 57 -16.51 5.47 6.34
CA GLY A 57 -15.35 4.79 6.86
C GLY A 57 -14.09 5.61 6.72
N SER A 58 -13.00 5.15 7.33
CA SER A 58 -11.73 5.85 7.24
C SER A 58 -11.06 5.55 5.91
N GLY A 59 -11.12 4.29 5.52
CA GLY A 59 -10.50 3.87 4.28
C GLY A 59 -11.44 3.96 3.10
N SER A 60 -11.80 5.19 2.73
CA SER A 60 -12.64 5.42 1.57
C SER A 60 -11.78 5.47 0.30
N SER A 61 -12.44 5.55 -0.87
CA SER A 61 -11.74 5.60 -2.15
C SER A 61 -10.49 6.47 -2.04
N CYS A 62 -9.36 5.91 -2.44
CA CYS A 62 -8.07 6.51 -2.16
C CYS A 62 -7.89 7.83 -2.87
N ASN A 63 -7.79 8.90 -2.08
CA ASN A 63 -7.52 10.23 -2.60
C ASN A 63 -6.06 10.32 -2.98
N ALA A 64 -5.23 9.55 -2.29
CA ALA A 64 -3.79 9.60 -2.44
C ALA A 64 -3.30 8.63 -3.51
N ASN A 65 -2.77 7.49 -3.08
CA ASN A 65 -2.27 6.47 -4.00
C ASN A 65 -2.74 5.08 -3.59
N PRO A 66 -3.58 4.47 -4.41
CA PRO A 66 -4.04 3.10 -4.18
C PRO A 66 -3.02 2.09 -4.69
N ALA A 67 -2.87 0.99 -3.97
CA ALA A 67 -1.88 -0.03 -4.35
C ALA A 67 -2.29 -1.42 -3.89
N CYS A 68 -1.80 -2.41 -4.62
CA CYS A 68 -1.89 -3.78 -4.17
C CYS A 68 -0.54 -4.20 -3.64
N CYS A 69 -0.46 -4.48 -2.36
CA CYS A 69 0.78 -4.87 -1.76
C CYS A 69 0.76 -6.35 -1.40
N ASP A 70 1.94 -6.96 -1.38
CA ASP A 70 2.06 -8.37 -1.05
C ASP A 70 1.81 -8.57 0.44
N ASN A 71 2.33 -7.66 1.24
CA ASN A 71 2.07 -7.61 2.68
C ASN A 71 2.09 -6.17 3.16
N VAL A 72 1.19 -5.82 4.06
CA VAL A 72 1.22 -4.50 4.68
C VAL A 72 1.11 -4.64 6.20
N TYR A 73 1.60 -3.65 6.91
CA TYR A 73 1.65 -3.69 8.36
C TYR A 73 0.96 -2.47 8.95
N THR A 74 0.60 -2.57 10.22
CA THR A 74 -0.30 -1.61 10.86
C THR A 74 0.34 -0.24 11.07
N ASN A 75 1.66 -0.16 10.99
CA ASN A 75 2.34 1.13 10.98
C ASN A 75 2.01 1.86 9.71
N GLY A 76 1.56 1.09 8.72
CA GLY A 76 1.17 1.64 7.45
C GLY A 76 2.19 1.35 6.37
N LEU A 77 3.08 0.40 6.60
CA LEU A 77 4.10 0.08 5.62
C LEU A 77 3.64 -1.09 4.76
N GLY A 78 3.63 -0.88 3.47
CA GLY A 78 3.30 -1.95 2.55
C GLY A 78 4.50 -2.39 1.76
N VAL A 79 4.60 -3.69 1.52
CA VAL A 79 5.71 -4.25 0.75
C VAL A 79 5.19 -4.76 -0.60
N GLN A 80 5.98 -4.54 -1.64
CA GLN A 80 5.63 -4.92 -3.00
C GLN A 80 4.30 -4.32 -3.40
N CYS A 81 4.23 -3.00 -3.26
CA CYS A 81 3.01 -2.27 -3.56
C CYS A 81 3.01 -1.80 -5.01
N ASN A 82 2.03 -2.28 -5.76
CA ASN A 82 1.85 -1.82 -7.13
C ASN A 82 0.63 -0.91 -7.24
N PRO A 83 0.81 0.26 -7.86
CA PRO A 83 -0.23 1.30 -7.96
C PRO A 83 -1.48 0.86 -8.71
N ILE A 84 -2.62 1.32 -8.23
CA ILE A 84 -3.90 1.08 -8.88
C ILE A 84 -4.32 2.31 -9.65
N ASN A 85 -5.04 2.08 -10.73
CA ASN A 85 -5.57 3.15 -11.54
C ASN A 85 -6.93 3.56 -10.99
N VAL A 86 -6.99 4.78 -10.45
CA VAL A 86 -8.22 5.33 -9.94
C VAL A 86 -8.44 6.68 -10.59
N ASN A 87 -9.09 6.64 -11.75
CA ASN A 87 -9.23 7.80 -12.63
C ASN A 87 -7.88 8.19 -13.21
N LEU A 88 -6.89 7.31 -12.97
CA LEU A 88 -5.52 7.50 -13.42
C LEU A 88 -4.95 8.83 -12.92
N GLY A 1 -12.44 -10.33 2.08
CA GLY A 1 -12.81 -9.65 0.82
C GLY A 1 -14.11 -8.89 0.93
N SER A 2 -14.96 -9.01 -0.09
CA SER A 2 -16.25 -8.33 -0.11
C SER A 2 -16.07 -6.82 0.00
N GLY A 3 -15.25 -6.27 -0.89
CA GLY A 3 -14.97 -4.84 -0.87
C GLY A 3 -13.76 -4.50 -1.71
N SER A 4 -12.67 -5.22 -1.48
CA SER A 4 -11.46 -5.05 -2.27
C SER A 4 -11.60 -5.80 -3.60
N SER A 5 -12.18 -5.14 -4.58
CA SER A 5 -12.38 -5.74 -5.90
C SER A 5 -11.06 -5.79 -6.67
N GLN A 6 -10.16 -4.90 -6.31
CA GLN A 6 -8.85 -4.87 -6.95
C GLN A 6 -7.82 -5.59 -6.08
N CYS A 7 -6.63 -5.79 -6.64
CA CYS A 7 -5.50 -6.39 -5.94
C CYS A 7 -5.66 -7.90 -5.76
N ASN A 8 -4.77 -8.65 -6.38
CA ASN A 8 -4.77 -10.11 -6.30
C ASN A 8 -3.88 -10.58 -5.15
N ALA A 9 -2.99 -9.70 -4.68
CA ALA A 9 -2.04 -10.07 -3.64
C ALA A 9 -2.63 -9.89 -2.25
N GLY A 10 -3.83 -9.34 -2.19
CA GLY A 10 -4.49 -9.10 -0.93
C GLY A 10 -5.56 -8.05 -1.05
N PRO A 11 -5.83 -7.27 0.01
CA PRO A 11 -6.81 -6.20 -0.04
C PRO A 11 -6.24 -4.93 -0.68
N VAL A 12 -7.11 -3.96 -0.94
CA VAL A 12 -6.69 -2.71 -1.54
C VAL A 12 -6.15 -1.76 -0.47
N GLN A 13 -5.02 -1.15 -0.77
CA GLN A 13 -4.40 -0.23 0.17
C GLN A 13 -4.46 1.20 -0.36
N CYS A 14 -4.65 2.13 0.55
CA CYS A 14 -4.58 3.54 0.23
C CYS A 14 -3.36 4.14 0.90
N CYS A 15 -2.35 4.42 0.08
CA CYS A 15 -1.04 4.82 0.56
C CYS A 15 -0.78 6.28 0.25
N ASN A 16 -0.19 6.97 1.22
CA ASN A 16 0.13 8.39 1.09
C ASN A 16 1.21 8.61 0.04
N THR A 17 2.20 7.72 0.04
CA THR A 17 3.30 7.81 -0.90
C THR A 17 3.69 6.41 -1.40
N LEU A 18 3.58 6.21 -2.70
CA LEU A 18 4.09 4.99 -3.30
C LEU A 18 5.49 5.23 -3.81
N THR A 19 6.44 4.55 -3.21
CA THR A 19 7.84 4.76 -3.53
C THR A 19 8.64 3.48 -3.30
N SER A 20 9.95 3.58 -3.43
CA SER A 20 10.82 2.43 -3.32
C SER A 20 11.30 2.25 -1.88
N ALA A 21 11.65 1.02 -1.54
CA ALA A 21 12.09 0.67 -0.20
C ALA A 21 13.41 1.34 0.17
N SER A 22 14.04 1.97 -0.81
CA SER A 22 15.26 2.71 -0.58
C SER A 22 14.94 4.08 0.02
N ASN A 23 13.68 4.49 -0.06
CA ASN A 23 13.26 5.77 0.48
C ASN A 23 13.35 5.75 1.99
N SER A 24 13.85 6.84 2.57
CA SER A 24 14.03 6.95 4.01
C SER A 24 12.68 6.85 4.74
N GLN A 25 11.60 7.21 4.06
CA GLN A 25 10.27 7.08 4.61
C GLN A 25 9.95 5.61 4.79
N ALA A 26 10.20 4.84 3.74
CA ALA A 26 9.93 3.42 3.74
C ALA A 26 10.89 2.69 4.66
N ALA A 27 12.18 2.90 4.44
CA ALA A 27 13.21 2.19 5.21
C ALA A 27 13.09 2.47 6.70
N GLY A 28 12.72 3.69 7.06
CA GLY A 28 12.48 4.00 8.46
C GLY A 28 11.43 3.07 9.04
N LEU A 29 10.35 2.90 8.29
CA LEU A 29 9.29 1.98 8.67
C LEU A 29 9.77 0.53 8.63
N ILE A 30 10.36 0.16 7.50
CA ILE A 30 10.92 -1.19 7.29
C ILE A 30 11.82 -1.58 8.44
N GLN A 31 12.71 -0.69 8.80
CA GLN A 31 13.65 -0.92 9.86
C GLN A 31 13.00 -0.88 11.23
N GLN A 32 11.80 -0.30 11.32
CA GLN A 32 11.05 -0.33 12.57
C GLN A 32 10.43 -1.70 12.77
N LEU A 33 9.85 -2.21 11.68
CA LEU A 33 9.19 -3.51 11.71
C LEU A 33 10.24 -4.62 11.74
N GLY A 34 11.43 -4.29 11.24
CA GLY A 34 12.52 -5.24 11.19
C GLY A 34 12.40 -6.17 10.01
N LEU A 35 11.92 -5.62 8.90
CA LEU A 35 11.67 -6.39 7.71
C LEU A 35 12.94 -6.79 6.99
N SER A 36 13.26 -8.07 7.05
CA SER A 36 14.38 -8.62 6.35
C SER A 36 13.91 -9.31 5.07
N GLY A 37 14.22 -8.71 3.93
CA GLY A 37 13.77 -9.26 2.67
C GLY A 37 13.43 -8.17 1.68
N VAL A 38 13.00 -7.03 2.18
CA VAL A 38 12.70 -5.87 1.35
C VAL A 38 14.00 -5.20 0.96
N GLY A 39 14.28 -5.16 -0.34
CA GLY A 39 15.48 -4.54 -0.84
C GLY A 39 15.40 -3.03 -0.90
N ALA A 40 15.83 -2.47 -2.01
CA ALA A 40 15.82 -1.02 -2.19
C ALA A 40 14.87 -0.62 -3.30
N ASN A 41 14.90 -1.35 -4.40
CA ASN A 41 14.05 -1.06 -5.54
C ASN A 41 12.67 -1.67 -5.34
N VAL A 42 12.53 -2.43 -4.27
CA VAL A 42 11.26 -3.03 -3.90
C VAL A 42 10.18 -1.97 -3.73
N PRO A 43 9.01 -2.20 -4.31
CA PRO A 43 7.89 -1.27 -4.19
C PRO A 43 7.33 -1.29 -2.80
N VAL A 44 7.07 -0.13 -2.24
CA VAL A 44 6.50 -0.06 -0.91
C VAL A 44 5.46 1.04 -0.84
N GLY A 45 4.55 0.90 0.10
CA GLY A 45 3.56 1.92 0.30
C GLY A 45 3.76 2.63 1.61
N ILE A 46 3.82 3.94 1.54
CA ILE A 46 3.98 4.78 2.71
C ILE A 46 2.61 5.16 3.23
N ASN A 47 2.32 4.81 4.48
CA ASN A 47 1.06 5.15 5.11
C ASN A 47 -0.09 4.50 4.37
N CYS A 48 -0.09 3.18 4.33
CA CYS A 48 -1.14 2.46 3.65
C CYS A 48 -2.21 2.01 4.62
N ASN A 49 -3.45 2.14 4.18
CA ASN A 49 -4.58 1.60 4.92
C ASN A 49 -5.55 0.93 3.97
N PRO A 50 -6.19 -0.15 4.42
CA PRO A 50 -7.07 -0.96 3.59
C PRO A 50 -8.35 -0.23 3.25
N ILE A 51 -8.59 -0.05 1.95
CA ILE A 51 -9.77 0.67 1.50
C ILE A 51 -10.97 -0.25 1.58
N THR A 52 -11.56 -0.32 2.77
CA THR A 52 -12.64 -1.25 3.01
C THR A 52 -13.90 -0.57 3.53
N GLY A 53 -14.01 0.74 3.30
CA GLY A 53 -15.15 1.47 3.81
C GLY A 53 -15.63 2.56 2.87
N ILE A 54 -15.75 2.22 1.59
CA ILE A 54 -16.21 3.18 0.59
C ILE A 54 -17.64 3.60 0.86
N GLY A 55 -17.83 4.88 1.12
CA GLY A 55 -19.13 5.41 1.42
C GLY A 55 -19.35 5.53 2.92
N ALA A 56 -18.68 4.65 3.66
CA ALA A 56 -18.81 4.61 5.11
C ALA A 56 -17.90 5.65 5.76
N GLY A 57 -16.81 5.98 5.08
CA GLY A 57 -15.90 6.98 5.61
C GLY A 57 -14.75 6.36 6.38
N SER A 58 -14.86 5.07 6.67
CA SER A 58 -13.82 4.35 7.37
C SER A 58 -12.60 4.14 6.47
N GLY A 59 -12.85 4.16 5.17
CA GLY A 59 -11.78 3.97 4.22
C GLY A 59 -12.32 3.88 2.81
N SER A 60 -12.73 5.01 2.27
CA SER A 60 -13.31 5.06 0.93
C SER A 60 -12.22 5.25 -0.13
N SER A 61 -12.63 5.18 -1.40
CA SER A 61 -11.73 5.29 -2.55
C SER A 61 -10.56 6.22 -2.26
N CYS A 62 -9.35 5.70 -2.46
CA CYS A 62 -8.14 6.36 -2.02
C CYS A 62 -8.01 7.76 -2.60
N ASN A 63 -7.76 8.71 -1.72
CA ASN A 63 -7.56 10.10 -2.11
C ASN A 63 -6.12 10.30 -2.57
N ALA A 64 -5.23 9.48 -2.03
CA ALA A 64 -3.82 9.59 -2.32
C ALA A 64 -3.40 8.62 -3.43
N ASN A 65 -2.81 7.49 -3.05
CA ASN A 65 -2.41 6.48 -4.02
C ASN A 65 -2.88 5.10 -3.60
N PRO A 66 -3.74 4.50 -4.42
CA PRO A 66 -4.22 3.14 -4.19
C PRO A 66 -3.21 2.11 -4.69
N ALA A 67 -2.91 1.12 -3.88
CA ALA A 67 -1.91 0.14 -4.24
C ALA A 67 -2.31 -1.26 -3.83
N CYS A 68 -1.75 -2.22 -4.51
CA CYS A 68 -1.86 -3.61 -4.11
C CYS A 68 -0.52 -4.09 -3.58
N CYS A 69 -0.49 -4.42 -2.31
CA CYS A 69 0.74 -4.85 -1.69
C CYS A 69 0.68 -6.33 -1.35
N ASP A 70 1.85 -6.91 -1.20
CA ASP A 70 1.96 -8.31 -0.84
C ASP A 70 1.70 -8.48 0.64
N ASN A 71 2.20 -7.52 1.42
CA ASN A 71 1.99 -7.49 2.87
C ASN A 71 2.04 -6.06 3.35
N VAL A 72 1.17 -5.69 4.28
CA VAL A 72 1.23 -4.37 4.86
C VAL A 72 1.15 -4.47 6.38
N TYR A 73 1.70 -3.48 7.06
CA TYR A 73 1.81 -3.51 8.50
C TYR A 73 1.11 -2.29 9.10
N THR A 74 0.78 -2.39 10.38
CA THR A 74 -0.12 -1.43 11.04
C THR A 74 0.50 -0.05 11.23
N ASN A 75 1.81 0.05 11.08
CA ASN A 75 2.48 1.35 11.06
C ASN A 75 2.13 2.05 9.75
N GLY A 76 1.67 1.26 8.81
CA GLY A 76 1.26 1.77 7.53
C GLY A 76 2.27 1.46 6.44
N LEU A 77 3.19 0.53 6.71
CA LEU A 77 4.21 0.18 5.73
C LEU A 77 3.75 -1.01 4.91
N GLY A 78 3.81 -0.87 3.60
CA GLY A 78 3.45 -1.98 2.73
C GLY A 78 4.62 -2.45 1.89
N VAL A 79 4.66 -3.75 1.61
CA VAL A 79 5.72 -4.32 0.81
C VAL A 79 5.16 -4.84 -0.52
N GLN A 80 5.82 -4.45 -1.61
CA GLN A 80 5.41 -4.84 -2.96
C GLN A 80 4.08 -4.22 -3.32
N CYS A 81 4.00 -2.91 -3.17
CA CYS A 81 2.80 -2.15 -3.51
C CYS A 81 2.82 -1.72 -4.97
N ASN A 82 1.89 -2.23 -5.75
CA ASN A 82 1.74 -1.80 -7.13
C ASN A 82 0.54 -0.88 -7.26
N PRO A 83 0.71 0.25 -7.97
CA PRO A 83 -0.31 1.29 -8.11
C PRO A 83 -1.56 0.80 -8.85
N ILE A 84 -2.71 0.99 -8.23
CA ILE A 84 -3.99 0.60 -8.82
C ILE A 84 -4.43 1.62 -9.84
N ASN A 85 -5.11 1.16 -10.86
CA ASN A 85 -5.66 2.03 -11.89
C ASN A 85 -6.96 2.63 -11.41
N VAL A 86 -6.91 3.90 -11.04
CA VAL A 86 -8.09 4.63 -10.60
C VAL A 86 -8.21 5.92 -11.40
N ASN A 87 -8.89 5.82 -12.53
CA ASN A 87 -9.04 6.92 -13.49
C ASN A 87 -7.74 7.17 -14.26
N LEU A 88 -6.62 6.83 -13.62
CA LEU A 88 -5.30 6.94 -14.22
C LEU A 88 -4.99 8.39 -14.60
N GLY A 1 -17.80 -8.86 -6.06
CA GLY A 1 -17.38 -8.72 -4.65
C GLY A 1 -16.82 -7.35 -4.35
N SER A 2 -17.63 -6.51 -3.72
CA SER A 2 -17.23 -5.15 -3.39
C SER A 2 -16.12 -5.15 -2.34
N GLY A 3 -15.52 -3.99 -2.12
CA GLY A 3 -14.44 -3.88 -1.17
C GLY A 3 -13.10 -4.14 -1.83
N SER A 4 -12.53 -5.29 -1.55
CA SER A 4 -11.26 -5.66 -2.15
C SER A 4 -11.47 -6.28 -3.53
N SER A 5 -12.04 -5.49 -4.44
CA SER A 5 -12.26 -5.94 -5.80
C SER A 5 -10.94 -5.96 -6.58
N GLN A 6 -10.11 -4.96 -6.34
CA GLN A 6 -8.80 -4.89 -6.96
C GLN A 6 -7.78 -5.68 -6.14
N CYS A 7 -6.58 -5.84 -6.71
CA CYS A 7 -5.44 -6.45 -6.02
C CYS A 7 -5.56 -7.97 -5.92
N ASN A 8 -4.59 -8.66 -6.52
CA ASN A 8 -4.54 -10.12 -6.45
C ASN A 8 -3.71 -10.58 -5.26
N ALA A 9 -2.89 -9.68 -4.72
CA ALA A 9 -1.97 -10.04 -3.65
C ALA A 9 -2.57 -9.80 -2.27
N GLY A 10 -3.80 -9.34 -2.24
CA GLY A 10 -4.46 -9.09 -0.97
C GLY A 10 -5.62 -8.13 -1.13
N PRO A 11 -5.83 -7.23 -0.16
CA PRO A 11 -6.91 -6.25 -0.21
C PRO A 11 -6.45 -4.95 -0.87
N VAL A 12 -7.40 -4.07 -1.11
CA VAL A 12 -7.08 -2.77 -1.67
C VAL A 12 -6.49 -1.86 -0.61
N GLN A 13 -5.30 -1.37 -0.86
CA GLN A 13 -4.64 -0.50 0.10
C GLN A 13 -4.59 0.92 -0.42
N CYS A 14 -4.59 1.87 0.49
CA CYS A 14 -4.50 3.28 0.16
C CYS A 14 -3.30 3.88 0.87
N CYS A 15 -2.34 4.35 0.09
CA CYS A 15 -1.07 4.79 0.62
C CYS A 15 -0.83 6.25 0.29
N ASN A 16 -0.20 6.96 1.22
CA ASN A 16 0.13 8.36 1.05
C ASN A 16 1.20 8.51 -0.03
N THR A 17 2.22 7.67 0.05
CA THR A 17 3.32 7.71 -0.90
C THR A 17 3.67 6.31 -1.39
N LEU A 18 3.63 6.11 -2.69
CA LEU A 18 4.08 4.86 -3.28
C LEU A 18 5.49 5.03 -3.82
N THR A 19 6.44 4.54 -3.06
CA THR A 19 7.84 4.68 -3.39
C THR A 19 8.55 3.35 -3.18
N SER A 20 9.86 3.34 -3.31
CA SER A 20 10.64 2.12 -3.17
C SER A 20 11.26 2.06 -1.78
N ALA A 21 11.76 0.88 -1.42
CA ALA A 21 12.30 0.65 -0.08
C ALA A 21 13.62 1.40 0.15
N SER A 22 14.07 2.12 -0.86
CA SER A 22 15.27 2.94 -0.74
C SER A 22 14.91 4.29 -0.11
N ASN A 23 13.63 4.64 -0.15
CA ASN A 23 13.15 5.90 0.39
C ASN A 23 13.26 5.89 1.91
N SER A 24 13.66 7.03 2.47
CA SER A 24 13.82 7.17 3.91
C SER A 24 12.49 6.97 4.63
N GLN A 25 11.40 7.34 3.96
CA GLN A 25 10.07 7.17 4.52
C GLN A 25 9.77 5.69 4.69
N ALA A 26 10.17 4.91 3.69
CA ALA A 26 9.92 3.48 3.70
C ALA A 26 10.86 2.77 4.64
N ALA A 27 12.16 2.97 4.46
CA ALA A 27 13.16 2.26 5.26
C ALA A 27 13.00 2.56 6.74
N GLY A 28 12.61 3.77 7.08
CA GLY A 28 12.30 4.08 8.46
C GLY A 28 11.26 3.15 9.03
N LEU A 29 10.19 2.97 8.27
CA LEU A 29 9.12 2.06 8.63
C LEU A 29 9.58 0.60 8.58
N ILE A 30 10.22 0.26 7.47
CA ILE A 30 10.77 -1.09 7.26
C ILE A 30 11.63 -1.51 8.42
N GLN A 31 12.51 -0.62 8.83
CA GLN A 31 13.41 -0.87 9.93
C GLN A 31 12.66 -0.89 11.27
N GLN A 32 11.46 -0.32 11.31
CA GLN A 32 10.66 -0.39 12.52
C GLN A 32 10.01 -1.75 12.66
N LEU A 33 9.69 -2.35 11.52
CA LEU A 33 9.05 -3.65 11.49
C LEU A 33 10.11 -4.75 11.50
N GLY A 34 11.31 -4.38 11.06
CA GLY A 34 12.40 -5.32 10.99
C GLY A 34 12.35 -6.16 9.74
N LEU A 35 11.76 -5.59 8.70
CA LEU A 35 11.60 -6.28 7.43
C LEU A 35 12.93 -6.51 6.73
N SER A 36 13.43 -7.73 6.81
CA SER A 36 14.67 -8.08 6.13
C SER A 36 14.36 -8.72 4.78
N GLY A 37 15.16 -8.39 3.78
CA GLY A 37 14.94 -8.94 2.46
C GLY A 37 14.40 -7.90 1.50
N VAL A 38 13.78 -6.87 2.06
CA VAL A 38 13.27 -5.77 1.26
C VAL A 38 14.43 -4.90 0.81
N GLY A 39 14.76 -4.99 -0.48
CA GLY A 39 15.85 -4.20 -1.02
C GLY A 39 15.36 -2.95 -1.69
N ALA A 40 16.26 -2.23 -2.35
CA ALA A 40 15.91 -0.94 -2.94
C ALA A 40 15.04 -1.12 -4.18
N ASN A 41 15.07 -2.32 -4.77
CA ASN A 41 14.28 -2.61 -5.95
C ASN A 41 12.89 -3.12 -5.56
N VAL A 42 12.55 -2.96 -4.29
CA VAL A 42 11.27 -3.42 -3.78
C VAL A 42 10.30 -2.27 -3.66
N PRO A 43 9.08 -2.47 -4.17
CA PRO A 43 8.02 -1.49 -4.04
C PRO A 43 7.45 -1.50 -2.65
N VAL A 44 7.09 -0.33 -2.14
CA VAL A 44 6.47 -0.25 -0.83
C VAL A 44 5.37 0.78 -0.82
N GLY A 45 4.62 0.80 0.26
CA GLY A 45 3.60 1.81 0.40
C GLY A 45 3.74 2.54 1.71
N ILE A 46 3.74 3.85 1.63
CA ILE A 46 3.87 4.69 2.79
C ILE A 46 2.49 5.08 3.29
N ASN A 47 2.21 4.81 4.56
CA ASN A 47 0.95 5.23 5.17
C ASN A 47 -0.23 4.55 4.49
N CYS A 48 -0.21 3.22 4.45
CA CYS A 48 -1.24 2.48 3.75
C CYS A 48 -2.33 2.02 4.71
N ASN A 49 -3.56 2.12 4.23
CA ASN A 49 -4.71 1.58 4.92
C ASN A 49 -5.69 1.02 3.90
N PRO A 50 -6.37 -0.08 4.26
CA PRO A 50 -7.27 -0.79 3.34
C PRO A 50 -8.48 0.04 2.96
N ILE A 51 -8.71 0.19 1.67
CA ILE A 51 -9.82 0.99 1.19
C ILE A 51 -11.12 0.22 1.34
N THR A 52 -11.72 0.32 2.51
CA THR A 52 -12.94 -0.40 2.77
C THR A 52 -14.07 0.54 3.14
N GLY A 53 -13.83 1.83 2.96
CA GLY A 53 -14.85 2.83 3.25
C GLY A 53 -15.78 3.04 2.07
N ILE A 54 -16.51 2.00 1.73
CA ILE A 54 -17.44 2.02 0.61
C ILE A 54 -18.61 2.96 0.87
N GLY A 55 -18.64 4.07 0.15
CA GLY A 55 -19.76 4.97 0.22
C GLY A 55 -19.33 6.42 0.22
N ALA A 56 -20.14 7.27 0.84
CA ALA A 56 -19.82 8.69 0.99
C ALA A 56 -19.69 9.41 -0.35
N GLY A 57 -20.30 8.85 -1.39
CA GLY A 57 -20.29 9.50 -2.68
C GLY A 57 -19.58 8.70 -3.76
N SER A 58 -18.25 8.66 -3.69
CA SER A 58 -17.44 8.03 -4.73
C SER A 58 -17.35 6.52 -4.55
N GLY A 59 -17.97 6.01 -3.49
CA GLY A 59 -17.86 4.60 -3.20
C GLY A 59 -16.60 4.28 -2.44
N SER A 60 -15.69 3.55 -3.05
CA SER A 60 -14.41 3.26 -2.43
C SER A 60 -13.33 4.07 -3.13
N SER A 61 -12.67 4.94 -2.39
CA SER A 61 -11.65 5.81 -2.97
C SER A 61 -10.50 6.02 -2.00
N CYS A 62 -9.31 6.19 -2.55
CA CYS A 62 -8.11 6.42 -1.75
C CYS A 62 -7.85 7.92 -1.63
N ASN A 63 -7.38 8.34 -0.47
CA ASN A 63 -7.06 9.74 -0.22
C ASN A 63 -5.82 10.18 -0.98
N ALA A 64 -4.97 9.23 -1.33
CA ALA A 64 -3.73 9.55 -2.02
C ALA A 64 -3.45 8.58 -3.16
N ASN A 65 -2.70 7.52 -2.88
CA ASN A 65 -2.32 6.55 -3.90
C ASN A 65 -2.79 5.15 -3.52
N PRO A 66 -3.70 4.59 -4.31
CA PRO A 66 -4.19 3.24 -4.10
C PRO A 66 -3.20 2.20 -4.64
N ALA A 67 -2.97 1.15 -3.86
CA ALA A 67 -1.98 0.16 -4.23
C ALA A 67 -2.41 -1.24 -3.83
N CYS A 68 -1.81 -2.22 -4.49
CA CYS A 68 -1.93 -3.61 -4.11
C CYS A 68 -0.60 -4.07 -3.54
N CYS A 69 -0.60 -4.53 -2.31
CA CYS A 69 0.63 -4.94 -1.67
C CYS A 69 0.58 -6.40 -1.31
N ASP A 70 1.77 -6.97 -1.10
CA ASP A 70 1.87 -8.36 -0.69
C ASP A 70 1.56 -8.47 0.80
N ASN A 71 2.05 -7.49 1.55
CA ASN A 71 1.79 -7.40 2.99
C ASN A 71 1.95 -5.97 3.45
N VAL A 72 1.01 -5.45 4.22
CA VAL A 72 1.24 -4.18 4.88
C VAL A 72 1.14 -4.36 6.39
N TYR A 73 1.59 -3.35 7.12
CA TYR A 73 1.63 -3.41 8.57
C TYR A 73 0.96 -2.17 9.15
N THR A 74 0.57 -2.26 10.42
CA THR A 74 -0.29 -1.27 11.06
C THR A 74 0.38 0.10 11.21
N ASN A 75 1.70 0.14 11.12
CA ASN A 75 2.41 1.42 11.08
C ASN A 75 2.08 2.12 9.77
N GLY A 76 1.59 1.34 8.82
CA GLY A 76 1.18 1.85 7.55
C GLY A 76 2.18 1.54 6.46
N LEU A 77 3.10 0.62 6.72
CA LEU A 77 4.11 0.27 5.73
C LEU A 77 3.65 -0.92 4.93
N GLY A 78 3.65 -0.77 3.61
CA GLY A 78 3.30 -1.86 2.74
C GLY A 78 4.51 -2.39 1.99
N VAL A 79 4.52 -3.69 1.76
CA VAL A 79 5.62 -4.33 1.03
C VAL A 79 5.12 -4.89 -0.30
N GLN A 80 5.80 -4.51 -1.37
CA GLN A 80 5.43 -4.91 -2.73
C GLN A 80 4.09 -4.28 -3.13
N CYS A 81 4.02 -2.97 -2.99
CA CYS A 81 2.83 -2.21 -3.37
C CYS A 81 2.91 -1.76 -4.82
N ASN A 82 1.98 -2.23 -5.63
CA ASN A 82 1.85 -1.76 -7.01
C ASN A 82 0.62 -0.87 -7.14
N PRO A 83 0.75 0.26 -7.84
CA PRO A 83 -0.33 1.25 -7.97
C PRO A 83 -1.55 0.70 -8.69
N ILE A 84 -2.72 1.02 -8.15
CA ILE A 84 -3.99 0.62 -8.75
C ILE A 84 -4.36 1.57 -9.87
N ASN A 85 -5.03 1.03 -10.87
CA ASN A 85 -5.49 1.79 -12.01
C ASN A 85 -6.76 2.56 -11.63
N VAL A 86 -6.57 3.82 -11.27
CA VAL A 86 -7.66 4.69 -10.91
C VAL A 86 -7.55 5.98 -11.69
N ASN A 87 -8.14 5.97 -12.89
CA ASN A 87 -7.97 7.05 -13.85
C ASN A 87 -6.48 7.19 -14.16
N LEU A 88 -5.92 6.12 -14.73
CA LEU A 88 -4.49 6.06 -15.02
C LEU A 88 -4.05 7.23 -15.88
N GLY A 1 -18.47 -9.46 -2.79
CA GLY A 1 -18.71 -8.20 -3.54
C GLY A 1 -18.80 -7.00 -2.63
N SER A 2 -18.59 -5.81 -3.21
CA SER A 2 -18.60 -4.56 -2.46
C SER A 2 -17.51 -4.56 -1.38
N GLY A 3 -16.28 -4.67 -1.82
CA GLY A 3 -15.14 -4.62 -0.93
C GLY A 3 -13.85 -4.36 -1.67
N SER A 4 -12.89 -5.25 -1.51
CA SER A 4 -11.63 -5.14 -2.22
C SER A 4 -11.79 -5.65 -3.65
N SER A 5 -12.41 -4.82 -4.49
CA SER A 5 -12.64 -5.15 -5.88
C SER A 5 -11.32 -5.35 -6.61
N GLN A 6 -10.33 -4.55 -6.25
CA GLN A 6 -9.02 -4.60 -6.87
C GLN A 6 -8.04 -5.37 -6.00
N CYS A 7 -6.84 -5.61 -6.56
CA CYS A 7 -5.74 -6.24 -5.84
C CYS A 7 -5.95 -7.74 -5.65
N ASN A 8 -5.11 -8.53 -6.29
CA ASN A 8 -5.16 -9.98 -6.15
C ASN A 8 -4.26 -10.47 -5.02
N ALA A 9 -3.34 -9.63 -4.58
CA ALA A 9 -2.37 -10.02 -3.56
C ALA A 9 -2.92 -9.82 -2.15
N GLY A 10 -4.09 -9.23 -2.07
CA GLY A 10 -4.72 -9.00 -0.79
C GLY A 10 -5.82 -7.97 -0.90
N PRO A 11 -6.12 -7.24 0.18
CA PRO A 11 -7.10 -6.17 0.15
C PRO A 11 -6.51 -4.87 -0.40
N VAL A 12 -7.40 -3.99 -0.84
CA VAL A 12 -7.00 -2.71 -1.44
C VAL A 12 -6.41 -1.78 -0.40
N GLN A 13 -5.29 -1.16 -0.73
CA GLN A 13 -4.62 -0.26 0.18
C GLN A 13 -4.58 1.15 -0.38
N CYS A 14 -4.61 2.13 0.50
CA CYS A 14 -4.52 3.54 0.12
C CYS A 14 -3.31 4.16 0.78
N CYS A 15 -2.24 4.29 0.02
CA CYS A 15 -0.97 4.78 0.53
C CYS A 15 -0.86 6.29 0.32
N ASN A 16 -0.12 6.94 1.21
CA ASN A 16 0.18 8.35 1.06
C ASN A 16 1.24 8.54 -0.01
N THR A 17 2.22 7.65 -0.01
CA THR A 17 3.30 7.69 -0.96
C THR A 17 3.67 6.29 -1.44
N LEU A 18 3.62 6.08 -2.75
CA LEU A 18 4.12 4.85 -3.32
C LEU A 18 5.52 5.07 -3.84
N THR A 19 6.48 4.52 -3.13
CA THR A 19 7.88 4.73 -3.44
C THR A 19 8.66 3.44 -3.25
N SER A 20 9.96 3.50 -3.36
CA SER A 20 10.81 2.33 -3.22
C SER A 20 11.36 2.23 -1.81
N ALA A 21 11.78 1.04 -1.41
CA ALA A 21 12.25 0.79 -0.05
C ALA A 21 13.59 1.46 0.22
N SER A 22 14.07 2.26 -0.72
CA SER A 22 15.28 3.03 -0.53
C SER A 22 14.94 4.39 0.06
N ASN A 23 13.65 4.73 0.04
CA ASN A 23 13.17 6.00 0.58
C ASN A 23 13.25 5.96 2.09
N SER A 24 13.70 7.07 2.68
CA SER A 24 13.87 7.17 4.12
C SER A 24 12.54 7.02 4.85
N GLN A 25 11.44 7.35 4.17
CA GLN A 25 10.12 7.15 4.72
C GLN A 25 9.86 5.66 4.87
N ALA A 26 10.11 4.94 3.79
CA ALA A 26 9.90 3.51 3.76
C ALA A 26 10.84 2.80 4.71
N ALA A 27 12.13 3.04 4.56
CA ALA A 27 13.13 2.34 5.36
C ALA A 27 12.96 2.59 6.84
N GLY A 28 12.49 3.78 7.20
CA GLY A 28 12.19 4.06 8.59
C GLY A 28 11.15 3.09 9.12
N LEU A 29 10.10 2.92 8.35
CA LEU A 29 9.03 1.98 8.66
C LEU A 29 9.54 0.54 8.59
N ILE A 30 10.19 0.21 7.47
CA ILE A 30 10.77 -1.11 7.25
C ILE A 30 11.64 -1.53 8.41
N GLN A 31 12.49 -0.62 8.83
CA GLN A 31 13.40 -0.87 9.93
C GLN A 31 12.66 -0.98 11.26
N GLN A 32 11.46 -0.41 11.35
CA GLN A 32 10.68 -0.54 12.56
C GLN A 32 10.09 -1.94 12.65
N LEU A 33 9.68 -2.45 11.51
CA LEU A 33 9.07 -3.77 11.42
C LEU A 33 10.16 -4.84 11.46
N GLY A 34 11.35 -4.44 11.03
CA GLY A 34 12.48 -5.35 10.98
C GLY A 34 12.44 -6.20 9.73
N LEU A 35 11.94 -5.61 8.66
CA LEU A 35 11.77 -6.31 7.40
C LEU A 35 13.10 -6.59 6.72
N SER A 36 13.52 -7.85 6.78
CA SER A 36 14.73 -8.29 6.11
C SER A 36 14.38 -8.96 4.79
N GLY A 37 15.06 -8.56 3.72
CA GLY A 37 14.76 -9.09 2.41
C GLY A 37 14.17 -8.03 1.51
N VAL A 38 13.91 -6.86 2.09
CA VAL A 38 13.40 -5.72 1.35
C VAL A 38 14.56 -4.82 0.95
N GLY A 39 14.88 -4.81 -0.33
CA GLY A 39 15.96 -3.99 -0.84
C GLY A 39 15.46 -2.72 -1.48
N ALA A 40 16.34 -2.01 -2.17
CA ALA A 40 16.00 -0.71 -2.72
C ALA A 40 15.13 -0.82 -3.97
N ASN A 41 15.18 -1.97 -4.62
CA ASN A 41 14.37 -2.21 -5.81
C ASN A 41 12.92 -2.54 -5.43
N VAL A 42 12.71 -2.73 -4.14
CA VAL A 42 11.43 -3.19 -3.64
C VAL A 42 10.43 -2.05 -3.53
N PRO A 43 9.23 -2.25 -4.07
CA PRO A 43 8.15 -1.28 -3.99
C PRO A 43 7.54 -1.29 -2.60
N VAL A 44 7.16 -0.13 -2.10
CA VAL A 44 6.54 -0.05 -0.79
C VAL A 44 5.46 1.01 -0.76
N GLY A 45 4.53 0.86 0.16
CA GLY A 45 3.49 1.83 0.33
C GLY A 45 3.59 2.54 1.66
N ILE A 46 3.76 3.84 1.57
CA ILE A 46 3.90 4.70 2.74
C ILE A 46 2.53 5.08 3.24
N ASN A 47 2.27 4.84 4.53
CA ASN A 47 1.01 5.26 5.16
C ASN A 47 -0.18 4.65 4.41
N CYS A 48 -0.19 3.34 4.32
CA CYS A 48 -1.27 2.68 3.59
C CYS A 48 -2.31 2.12 4.53
N ASN A 49 -3.56 2.36 4.20
CA ASN A 49 -4.68 1.80 4.93
C ASN A 49 -5.61 1.10 3.96
N PRO A 50 -6.30 0.06 4.42
CA PRO A 50 -7.20 -0.73 3.58
C PRO A 50 -8.44 0.05 3.21
N ILE A 51 -8.68 0.19 1.92
CA ILE A 51 -9.80 0.97 1.44
C ILE A 51 -11.08 0.15 1.55
N THR A 52 -11.69 0.19 2.70
CA THR A 52 -12.89 -0.59 2.93
C THR A 52 -14.09 0.29 3.25
N GLY A 53 -13.99 1.56 2.85
CA GLY A 53 -15.06 2.50 3.08
C GLY A 53 -16.17 2.34 2.05
N ILE A 54 -16.86 1.23 2.11
CA ILE A 54 -17.96 0.94 1.20
C ILE A 54 -19.23 1.63 1.67
N GLY A 55 -19.91 2.29 0.74
CA GLY A 55 -21.14 2.97 1.05
C GLY A 55 -21.33 4.21 0.21
N ALA A 56 -22.57 4.45 -0.21
CA ALA A 56 -22.90 5.58 -1.07
C ALA A 56 -22.16 5.48 -2.41
N GLY A 57 -22.04 4.27 -2.91
CA GLY A 57 -21.34 4.03 -4.15
C GLY A 57 -21.14 2.56 -4.42
N SER A 58 -20.35 2.23 -5.43
CA SER A 58 -20.07 0.85 -5.77
C SER A 58 -18.63 0.48 -5.44
N GLY A 59 -17.74 1.47 -5.48
CA GLY A 59 -16.35 1.22 -5.21
C GLY A 59 -15.74 2.27 -4.30
N SER A 60 -14.94 1.81 -3.35
CA SER A 60 -14.27 2.71 -2.43
C SER A 60 -13.09 3.40 -3.13
N SER A 61 -12.76 4.61 -2.70
CA SER A 61 -11.75 5.40 -3.37
C SER A 61 -10.63 5.82 -2.41
N CYS A 62 -9.45 6.04 -2.97
CA CYS A 62 -8.29 6.45 -2.20
C CYS A 62 -7.97 7.92 -2.44
N ASN A 63 -7.59 8.62 -1.37
CA ASN A 63 -7.28 10.04 -1.45
C ASN A 63 -5.95 10.28 -2.12
N ALA A 64 -5.01 9.38 -1.89
CA ALA A 64 -3.66 9.59 -2.34
C ALA A 64 -3.26 8.59 -3.42
N ASN A 65 -2.65 7.48 -3.04
CA ASN A 65 -2.25 6.47 -4.02
C ASN A 65 -2.71 5.09 -3.60
N PRO A 66 -3.63 4.52 -4.37
CA PRO A 66 -4.14 3.17 -4.13
C PRO A 66 -3.17 2.11 -4.61
N ALA A 67 -2.94 1.11 -3.79
CA ALA A 67 -1.94 0.10 -4.10
C ALA A 67 -2.39 -1.29 -3.69
N CYS A 68 -1.78 -2.27 -4.35
CA CYS A 68 -1.92 -3.66 -3.96
C CYS A 68 -0.56 -4.15 -3.49
N CYS A 69 -0.50 -4.68 -2.29
CA CYS A 69 0.77 -5.07 -1.72
C CYS A 69 0.82 -6.54 -1.40
N ASP A 70 2.03 -7.07 -1.33
CA ASP A 70 2.26 -8.44 -0.94
C ASP A 70 1.93 -8.58 0.55
N ASN A 71 2.36 -7.58 1.31
CA ASN A 71 2.02 -7.46 2.72
C ASN A 71 2.03 -5.98 3.09
N VAL A 72 1.32 -5.63 4.16
CA VAL A 72 1.42 -4.29 4.72
C VAL A 72 1.09 -4.32 6.20
N TYR A 73 1.96 -3.68 6.97
CA TYR A 73 1.91 -3.76 8.42
C TYR A 73 1.14 -2.59 9.01
N THR A 74 0.76 -2.72 10.27
CA THR A 74 -0.19 -1.81 10.90
C THR A 74 0.39 -0.41 11.11
N ASN A 75 1.70 -0.27 10.95
CA ASN A 75 2.32 1.06 10.95
C ASN A 75 1.96 1.77 9.64
N GLY A 76 1.46 0.98 8.71
CA GLY A 76 1.05 1.49 7.44
C GLY A 76 2.09 1.28 6.36
N LEU A 77 3.05 0.38 6.61
CA LEU A 77 4.10 0.10 5.65
C LEU A 77 3.74 -1.12 4.81
N GLY A 78 3.58 -0.92 3.52
CA GLY A 78 3.32 -2.03 2.64
C GLY A 78 4.56 -2.44 1.87
N VAL A 79 4.70 -3.73 1.65
CA VAL A 79 5.84 -4.29 0.95
C VAL A 79 5.40 -4.87 -0.40
N GLN A 80 6.08 -4.45 -1.45
CA GLN A 80 5.76 -4.88 -2.81
C GLN A 80 4.40 -4.34 -3.23
N CYS A 81 4.22 -3.04 -3.06
CA CYS A 81 2.98 -2.38 -3.46
C CYS A 81 3.02 -1.98 -4.93
N ASN A 82 2.00 -2.38 -5.67
CA ASN A 82 1.83 -1.91 -7.03
C ASN A 82 0.61 -1.00 -7.12
N PRO A 83 0.71 0.09 -7.89
CA PRO A 83 -0.36 1.09 -8.00
C PRO A 83 -1.62 0.54 -8.68
N ILE A 84 -2.77 0.84 -8.09
CA ILE A 84 -4.05 0.40 -8.63
C ILE A 84 -4.49 1.29 -9.77
N ASN A 85 -5.14 0.68 -10.73
CA ASN A 85 -5.67 1.39 -11.88
C ASN A 85 -6.94 2.13 -11.47
N VAL A 86 -6.79 3.42 -11.24
CA VAL A 86 -7.89 4.27 -10.83
C VAL A 86 -7.97 5.48 -11.75
N ASN A 87 -8.74 5.31 -12.82
CA ASN A 87 -8.87 6.29 -13.89
C ASN A 87 -7.65 6.26 -14.80
N LEU A 88 -6.54 5.74 -14.28
CA LEU A 88 -5.31 5.52 -15.04
C LEU A 88 -4.73 6.83 -15.56
N GLY A 1 -19.17 -7.84 -2.65
CA GLY A 1 -19.64 -6.47 -2.29
C GLY A 1 -18.66 -5.42 -2.73
N SER A 2 -18.81 -4.21 -2.20
CA SER A 2 -17.92 -3.12 -2.52
C SER A 2 -16.92 -2.89 -1.39
N GLY A 3 -15.81 -3.60 -1.44
CA GLY A 3 -14.80 -3.46 -0.41
C GLY A 3 -13.40 -3.57 -0.98
N SER A 4 -13.08 -4.73 -1.52
CA SER A 4 -11.78 -4.95 -2.14
C SER A 4 -11.90 -5.92 -3.31
N SER A 5 -12.10 -5.37 -4.50
CA SER A 5 -12.19 -6.17 -5.72
C SER A 5 -10.84 -6.26 -6.41
N GLN A 6 -10.06 -5.20 -6.32
CA GLN A 6 -8.72 -5.18 -6.90
C GLN A 6 -7.75 -5.91 -5.99
N CYS A 7 -6.55 -6.18 -6.53
CA CYS A 7 -5.47 -6.80 -5.78
C CYS A 7 -5.76 -8.26 -5.43
N ASN A 8 -4.92 -9.15 -5.93
CA ASN A 8 -5.03 -10.57 -5.62
C ASN A 8 -4.21 -10.91 -4.38
N ALA A 9 -3.23 -10.07 -4.08
CA ALA A 9 -2.31 -10.32 -2.98
C ALA A 9 -2.92 -9.92 -1.64
N GLY A 10 -4.11 -9.34 -1.70
CA GLY A 10 -4.78 -8.93 -0.49
C GLY A 10 -5.84 -7.88 -0.78
N PRO A 11 -6.25 -7.11 0.23
CA PRO A 11 -7.21 -6.04 0.05
C PRO A 11 -6.58 -4.79 -0.57
N VAL A 12 -7.42 -3.87 -1.01
CA VAL A 12 -6.96 -2.64 -1.64
C VAL A 12 -6.39 -1.69 -0.62
N GLN A 13 -5.22 -1.13 -0.93
CA GLN A 13 -4.56 -0.22 -0.02
C GLN A 13 -4.52 1.19 -0.59
N CYS A 14 -4.55 2.17 0.30
CA CYS A 14 -4.43 3.57 -0.08
C CYS A 14 -3.25 4.19 0.62
N CYS A 15 -2.15 4.30 -0.11
CA CYS A 15 -0.90 4.79 0.45
C CYS A 15 -0.79 6.28 0.25
N ASN A 16 -0.19 6.96 1.22
CA ASN A 16 0.07 8.38 1.11
C ASN A 16 1.16 8.62 0.07
N THR A 17 2.11 7.70 0.02
CA THR A 17 3.20 7.79 -0.93
C THR A 17 3.60 6.41 -1.43
N LEU A 18 3.52 6.21 -2.74
CA LEU A 18 4.05 5.00 -3.34
C LEU A 18 5.45 5.26 -3.84
N THR A 19 6.40 4.68 -3.16
CA THR A 19 7.80 4.91 -3.46
C THR A 19 8.58 3.60 -3.27
N SER A 20 9.90 3.68 -3.30
CA SER A 20 10.72 2.48 -3.21
C SER A 20 11.33 2.37 -1.82
N ALA A 21 11.72 1.15 -1.46
CA ALA A 21 12.25 0.86 -0.12
C ALA A 21 13.58 1.57 0.15
N SER A 22 14.08 2.25 -0.86
CA SER A 22 15.28 3.05 -0.71
C SER A 22 14.95 4.38 -0.03
N ASN A 23 13.67 4.71 0.04
CA ASN A 23 13.22 5.94 0.67
C ASN A 23 13.32 5.81 2.18
N SER A 24 13.77 6.86 2.84
CA SER A 24 13.94 6.86 4.29
C SER A 24 12.58 6.79 5.00
N GLN A 25 11.53 7.24 4.32
CA GLN A 25 10.18 7.11 4.84
C GLN A 25 9.84 5.63 4.98
N ALA A 26 10.16 4.89 3.93
CA ALA A 26 9.89 3.47 3.89
C ALA A 26 10.83 2.69 4.79
N ALA A 27 12.13 2.90 4.59
CA ALA A 27 13.14 2.15 5.33
C ALA A 27 13.03 2.39 6.83
N GLY A 28 12.61 3.58 7.23
CA GLY A 28 12.35 3.83 8.63
C GLY A 28 11.31 2.86 9.17
N LEU A 29 10.23 2.73 8.41
CA LEU A 29 9.16 1.80 8.74
C LEU A 29 9.63 0.35 8.63
N ILE A 30 10.25 0.03 7.50
CA ILE A 30 10.80 -1.30 7.25
C ILE A 30 11.68 -1.76 8.39
N GLN A 31 12.55 -0.87 8.82
CA GLN A 31 13.47 -1.16 9.90
C GLN A 31 12.76 -1.16 11.25
N GLN A 32 11.58 -0.54 11.33
CA GLN A 32 10.78 -0.61 12.56
C GLN A 32 10.15 -1.97 12.70
N LEU A 33 9.68 -2.50 11.59
CA LEU A 33 9.03 -3.80 11.56
C LEU A 33 10.07 -4.91 11.57
N GLY A 34 11.27 -4.56 11.10
CA GLY A 34 12.36 -5.50 11.01
C GLY A 34 12.22 -6.39 9.80
N LEU A 35 11.82 -5.78 8.69
CA LEU A 35 11.58 -6.50 7.45
C LEU A 35 12.88 -6.87 6.74
N SER A 36 13.13 -8.16 6.61
CA SER A 36 14.28 -8.65 5.88
C SER A 36 13.86 -9.12 4.48
N GLY A 37 14.63 -8.75 3.47
CA GLY A 37 14.34 -9.19 2.13
C GLY A 37 13.89 -8.06 1.23
N VAL A 38 13.70 -6.89 1.82
CA VAL A 38 13.27 -5.72 1.08
C VAL A 38 14.49 -4.93 0.60
N GLY A 39 14.74 -4.96 -0.69
CA GLY A 39 15.82 -4.21 -1.28
C GLY A 39 15.41 -2.80 -1.62
N ALA A 40 16.30 -2.05 -2.24
CA ALA A 40 16.06 -0.64 -2.48
C ALA A 40 15.06 -0.39 -3.61
N ASN A 41 15.01 -1.31 -4.57
CA ASN A 41 14.14 -1.16 -5.73
C ASN A 41 12.74 -1.71 -5.43
N VAL A 42 12.60 -2.32 -4.27
CA VAL A 42 11.33 -2.92 -3.86
C VAL A 42 10.27 -1.86 -3.65
N PRO A 43 9.08 -2.06 -4.22
CA PRO A 43 7.97 -1.13 -4.08
C PRO A 43 7.44 -1.13 -2.67
N VAL A 44 7.14 0.04 -2.14
CA VAL A 44 6.58 0.12 -0.81
C VAL A 44 5.51 1.19 -0.75
N GLY A 45 4.58 1.01 0.16
CA GLY A 45 3.53 1.98 0.33
C GLY A 45 3.63 2.68 1.67
N ILE A 46 3.81 3.97 1.59
CA ILE A 46 3.94 4.82 2.77
C ILE A 46 2.56 5.19 3.28
N ASN A 47 2.27 4.82 4.53
CA ASN A 47 1.00 5.17 5.16
C ASN A 47 -0.17 4.62 4.36
N CYS A 48 -0.26 3.30 4.27
CA CYS A 48 -1.30 2.68 3.49
C CYS A 48 -2.38 2.08 4.35
N ASN A 49 -3.61 2.49 4.10
CA ASN A 49 -4.75 1.91 4.77
C ASN A 49 -5.67 1.25 3.75
N PRO A 50 -6.38 0.20 4.17
CA PRO A 50 -7.24 -0.58 3.28
C PRO A 50 -8.47 0.22 2.88
N ILE A 51 -8.65 0.39 1.57
CA ILE A 51 -9.75 1.18 1.05
C ILE A 51 -11.04 0.39 1.17
N THR A 52 -11.67 0.50 2.32
CA THR A 52 -12.89 -0.26 2.56
C THR A 52 -14.07 0.65 2.86
N GLY A 53 -13.77 1.86 3.30
CA GLY A 53 -14.82 2.83 3.57
C GLY A 53 -14.31 4.26 3.50
N ILE A 54 -13.44 4.52 2.55
CA ILE A 54 -12.89 5.86 2.37
C ILE A 54 -13.87 6.76 1.63
N GLY A 55 -14.22 7.88 2.23
CA GLY A 55 -15.05 8.87 1.56
C GLY A 55 -16.49 8.45 1.38
N ALA A 56 -16.78 7.75 0.29
CA ALA A 56 -18.13 7.36 -0.05
C ALA A 56 -18.50 6.02 0.58
N GLY A 57 -17.53 5.37 1.20
CA GLY A 57 -17.78 4.11 1.86
C GLY A 57 -17.63 2.94 0.90
N SER A 58 -18.72 2.56 0.26
CA SER A 58 -18.72 1.45 -0.69
C SER A 58 -17.88 1.80 -1.92
N GLY A 59 -18.18 2.95 -2.50
CA GLY A 59 -17.40 3.44 -3.62
C GLY A 59 -16.24 4.27 -3.13
N SER A 60 -15.41 3.66 -2.30
CA SER A 60 -14.33 4.36 -1.64
C SER A 60 -13.17 4.61 -2.59
N SER A 61 -12.82 5.88 -2.75
CA SER A 61 -11.70 6.28 -3.58
C SER A 61 -10.52 6.67 -2.71
N CYS A 62 -9.33 6.19 -3.07
CA CYS A 62 -8.12 6.49 -2.33
C CYS A 62 -7.81 7.98 -2.33
N ASN A 63 -7.33 8.48 -1.20
CA ASN A 63 -7.04 9.89 -1.03
C ASN A 63 -5.72 10.26 -1.71
N ALA A 64 -4.78 9.32 -1.74
CA ALA A 64 -3.48 9.57 -2.33
C ALA A 64 -3.18 8.59 -3.45
N ASN A 65 -2.52 7.49 -3.12
CA ASN A 65 -2.13 6.50 -4.13
C ASN A 65 -2.57 5.11 -3.73
N PRO A 66 -3.47 4.51 -4.51
CA PRO A 66 -3.97 3.16 -4.26
C PRO A 66 -2.98 2.11 -4.74
N ALA A 67 -2.80 1.06 -3.94
CA ALA A 67 -1.82 0.04 -4.27
C ALA A 67 -2.28 -1.35 -3.84
N CYS A 68 -1.75 -2.34 -4.53
CA CYS A 68 -1.84 -3.72 -4.10
C CYS A 68 -0.51 -4.12 -3.52
N CYS A 69 -0.49 -4.44 -2.25
CA CYS A 69 0.74 -4.77 -1.58
C CYS A 69 0.74 -6.23 -1.15
N ASP A 70 1.91 -6.85 -1.22
CA ASP A 70 2.07 -8.24 -0.83
C ASP A 70 1.85 -8.39 0.67
N ASN A 71 2.41 -7.46 1.43
CA ASN A 71 2.18 -7.39 2.88
C ASN A 71 2.23 -5.94 3.31
N VAL A 72 1.23 -5.48 4.05
CA VAL A 72 1.30 -4.14 4.62
C VAL A 72 0.91 -4.17 6.09
N TYR A 73 1.72 -3.49 6.88
CA TYR A 73 1.69 -3.61 8.32
C TYR A 73 0.98 -2.41 8.92
N THR A 74 0.61 -2.54 10.20
CA THR A 74 -0.31 -1.60 10.85
C THR A 74 0.32 -0.23 11.08
N ASN A 75 1.64 -0.14 11.00
CA ASN A 75 2.31 1.16 11.01
C ASN A 75 2.02 1.88 9.70
N GLY A 76 1.52 1.12 8.75
CA GLY A 76 1.14 1.64 7.47
C GLY A 76 2.17 1.38 6.40
N LEU A 77 3.10 0.45 6.67
CA LEU A 77 4.14 0.15 5.71
C LEU A 77 3.73 -1.03 4.85
N GLY A 78 3.64 -0.80 3.55
CA GLY A 78 3.33 -1.87 2.64
C GLY A 78 4.54 -2.27 1.81
N VAL A 79 4.70 -3.56 1.60
CA VAL A 79 5.79 -4.09 0.81
C VAL A 79 5.24 -4.61 -0.51
N GLN A 80 6.00 -4.38 -1.58
CA GLN A 80 5.58 -4.77 -2.93
C GLN A 80 4.26 -4.15 -3.28
N CYS A 81 4.20 -2.84 -3.12
CA CYS A 81 2.99 -2.09 -3.39
C CYS A 81 2.95 -1.61 -4.83
N ASN A 82 2.14 -2.27 -5.62
CA ASN A 82 1.95 -1.88 -7.01
C ASN A 82 0.68 -1.06 -7.16
N PRO A 83 0.77 0.08 -7.86
CA PRO A 83 -0.35 1.03 -8.00
C PRO A 83 -1.57 0.41 -8.65
N ILE A 84 -2.74 0.77 -8.13
CA ILE A 84 -4.01 0.32 -8.69
C ILE A 84 -4.47 1.29 -9.76
N ASN A 85 -5.17 0.77 -10.76
CA ASN A 85 -5.68 1.60 -11.84
C ASN A 85 -7.04 2.18 -11.46
N VAL A 86 -7.02 3.05 -10.45
CA VAL A 86 -8.20 3.77 -10.02
C VAL A 86 -7.81 5.23 -9.82
N ASN A 87 -8.01 6.00 -10.88
CA ASN A 87 -7.52 7.38 -10.95
C ASN A 87 -6.00 7.32 -10.92
N LEU A 88 -5.47 6.54 -11.85
CA LEU A 88 -4.04 6.28 -11.95
C LEU A 88 -3.33 7.47 -12.59
N GLY A 1 -12.01 -11.76 2.60
CA GLY A 1 -11.68 -10.32 2.49
C GLY A 1 -12.80 -9.44 3.02
N SER A 2 -12.66 -8.14 2.85
CA SER A 2 -13.66 -7.19 3.34
C SER A 2 -14.11 -6.25 2.23
N GLY A 3 -13.97 -6.70 0.98
CA GLY A 3 -14.36 -5.88 -0.14
C GLY A 3 -13.20 -5.55 -1.05
N SER A 4 -12.41 -6.55 -1.37
CA SER A 4 -11.26 -6.36 -2.23
C SER A 4 -11.65 -6.47 -3.69
N SER A 5 -12.19 -5.39 -4.23
CA SER A 5 -12.55 -5.34 -5.64
C SER A 5 -11.30 -5.31 -6.51
N GLN A 6 -10.37 -4.44 -6.17
CA GLN A 6 -9.07 -4.40 -6.83
C GLN A 6 -8.05 -5.20 -6.02
N CYS A 7 -6.86 -5.37 -6.61
CA CYS A 7 -5.74 -6.05 -5.95
C CYS A 7 -5.90 -7.57 -5.96
N ASN A 8 -4.90 -8.25 -6.50
CA ASN A 8 -4.89 -9.71 -6.55
C ASN A 8 -4.21 -10.31 -5.33
N ALA A 9 -3.33 -9.54 -4.71
CA ALA A 9 -2.53 -10.04 -3.60
C ALA A 9 -3.26 -9.94 -2.27
N GLY A 10 -4.42 -9.32 -2.29
CA GLY A 10 -5.21 -9.18 -1.10
C GLY A 10 -6.17 -8.01 -1.16
N PRO A 11 -6.26 -7.22 -0.09
CA PRO A 11 -7.15 -6.06 -0.04
C PRO A 11 -6.54 -4.83 -0.69
N VAL A 12 -7.39 -3.85 -0.95
CA VAL A 12 -6.97 -2.60 -1.57
C VAL A 12 -6.36 -1.67 -0.54
N GLN A 13 -5.20 -1.12 -0.85
CA GLN A 13 -4.52 -0.23 0.08
C GLN A 13 -4.56 1.20 -0.39
N CYS A 14 -4.77 2.10 0.55
CA CYS A 14 -4.71 3.53 0.30
C CYS A 14 -3.46 4.08 0.97
N CYS A 15 -2.47 4.39 0.15
CA CYS A 15 -1.15 4.76 0.65
C CYS A 15 -0.86 6.22 0.38
N ASN A 16 -0.23 6.87 1.36
CA ASN A 16 0.14 8.27 1.26
C ASN A 16 1.19 8.47 0.19
N THR A 17 2.06 7.50 0.06
CA THR A 17 3.13 7.55 -0.93
C THR A 17 3.47 6.14 -1.41
N LEU A 18 3.52 5.96 -2.72
CA LEU A 18 4.01 4.72 -3.30
C LEU A 18 5.41 4.94 -3.83
N THR A 19 6.37 4.41 -3.13
CA THR A 19 7.76 4.62 -3.46
C THR A 19 8.54 3.34 -3.24
N SER A 20 9.85 3.39 -3.44
CA SER A 20 10.69 2.21 -3.29
C SER A 20 11.29 2.19 -1.90
N ALA A 21 11.74 1.00 -1.47
CA ALA A 21 12.25 0.80 -0.12
C ALA A 21 13.56 1.58 0.12
N SER A 22 14.06 2.24 -0.91
CA SER A 22 15.23 3.08 -0.77
C SER A 22 14.85 4.43 -0.15
N ASN A 23 13.55 4.75 -0.20
CA ASN A 23 13.06 6.00 0.37
C ASN A 23 13.19 5.98 1.88
N SER A 24 13.58 7.14 2.43
CA SER A 24 13.81 7.27 3.87
C SER A 24 12.51 7.05 4.65
N GLN A 25 11.38 7.34 4.01
CA GLN A 25 10.09 7.09 4.62
C GLN A 25 9.89 5.59 4.78
N ALA A 26 10.11 4.87 3.69
CA ALA A 26 9.93 3.44 3.65
C ALA A 26 10.90 2.75 4.60
N ALA A 27 12.19 2.99 4.43
CA ALA A 27 13.21 2.32 5.21
C ALA A 27 13.06 2.63 6.69
N GLY A 28 12.64 3.84 7.01
CA GLY A 28 12.35 4.17 8.39
C GLY A 28 11.33 3.21 8.98
N LEU A 29 10.26 3.00 8.23
CA LEU A 29 9.21 2.07 8.61
C LEU A 29 9.72 0.63 8.60
N ILE A 30 10.35 0.25 7.48
CA ILE A 30 10.93 -1.08 7.30
C ILE A 30 11.84 -1.45 8.46
N GLN A 31 12.68 -0.52 8.83
CA GLN A 31 13.61 -0.71 9.90
C GLN A 31 12.92 -0.73 11.27
N GLN A 32 11.68 -0.21 11.33
CA GLN A 32 10.91 -0.30 12.57
C GLN A 32 10.30 -1.67 12.71
N LEU A 33 9.86 -2.22 11.59
CA LEU A 33 9.22 -3.52 11.57
C LEU A 33 10.27 -4.62 11.62
N GLY A 34 11.47 -4.26 11.19
CA GLY A 34 12.57 -5.22 11.14
C GLY A 34 12.45 -6.12 9.94
N LEU A 35 12.11 -5.54 8.81
CA LEU A 35 11.90 -6.28 7.59
C LEU A 35 13.21 -6.58 6.86
N SER A 36 13.70 -7.79 7.05
CA SER A 36 14.89 -8.25 6.34
C SER A 36 14.49 -8.96 5.06
N GLY A 37 14.95 -8.46 3.94
CA GLY A 37 14.59 -9.03 2.66
C GLY A 37 14.15 -7.97 1.67
N VAL A 38 13.61 -6.88 2.21
CA VAL A 38 13.20 -5.75 1.40
C VAL A 38 14.43 -4.94 0.98
N GLY A 39 14.75 -5.02 -0.30
CA GLY A 39 15.88 -4.26 -0.83
C GLY A 39 15.44 -2.90 -1.33
N ALA A 40 16.36 -2.14 -1.87
CA ALA A 40 16.08 -0.76 -2.24
C ALA A 40 15.19 -0.65 -3.48
N ASN A 41 15.20 -1.68 -4.32
CA ASN A 41 14.42 -1.67 -5.54
C ASN A 41 13.05 -2.31 -5.33
N VAL A 42 12.73 -2.57 -4.07
CA VAL A 42 11.45 -3.17 -3.72
C VAL A 42 10.37 -2.10 -3.59
N PRO A 43 9.18 -2.36 -4.15
CA PRO A 43 8.06 -1.44 -4.05
C PRO A 43 7.47 -1.47 -2.66
N VAL A 44 7.12 -0.32 -2.14
CA VAL A 44 6.52 -0.25 -0.82
C VAL A 44 5.43 0.80 -0.78
N GLY A 45 4.55 0.68 0.19
CA GLY A 45 3.53 1.67 0.37
C GLY A 45 3.70 2.41 1.67
N ILE A 46 3.71 3.71 1.58
CA ILE A 46 3.86 4.58 2.72
C ILE A 46 2.49 4.93 3.29
N ASN A 47 2.26 4.56 4.54
CA ASN A 47 1.01 4.89 5.23
C ASN A 47 -0.17 4.29 4.48
N CYS A 48 -0.21 2.97 4.37
CA CYS A 48 -1.28 2.30 3.67
C CYS A 48 -2.36 1.84 4.63
N ASN A 49 -3.60 2.01 4.21
CA ASN A 49 -4.73 1.46 4.92
C ASN A 49 -5.72 0.88 3.94
N PRO A 50 -6.38 -0.22 4.31
CA PRO A 50 -7.27 -0.97 3.43
C PRO A 50 -8.53 -0.17 3.12
N ILE A 51 -8.78 0.06 1.84
CA ILE A 51 -9.94 0.82 1.42
C ILE A 51 -11.17 -0.07 1.48
N THR A 52 -11.77 -0.14 2.64
CA THR A 52 -12.92 -1.00 2.83
C THR A 52 -14.14 -0.19 3.23
N GLY A 53 -14.01 1.13 3.16
CA GLY A 53 -15.10 2.01 3.47
C GLY A 53 -15.85 2.45 2.22
N ILE A 54 -16.15 1.49 1.36
CA ILE A 54 -16.90 1.76 0.14
C ILE A 54 -18.28 2.31 0.47
N GLY A 55 -18.71 3.28 -0.32
CA GLY A 55 -20.02 3.85 -0.14
C GLY A 55 -20.80 3.94 -1.43
N ALA A 56 -20.11 4.34 -2.50
CA ALA A 56 -20.75 4.48 -3.80
C ALA A 56 -19.78 4.08 -4.91
N GLY A 57 -19.80 2.80 -5.26
CA GLY A 57 -18.93 2.32 -6.31
C GLY A 57 -17.85 1.41 -5.79
N SER A 58 -17.83 0.19 -6.29
CA SER A 58 -16.87 -0.82 -5.84
C SER A 58 -15.44 -0.38 -6.13
N GLY A 59 -15.26 0.48 -7.13
CA GLY A 59 -13.96 0.99 -7.46
C GLY A 59 -13.58 2.20 -6.61
N SER A 60 -13.69 2.03 -5.30
CA SER A 60 -13.37 3.11 -4.38
C SER A 60 -11.87 3.41 -4.41
N SER A 61 -11.55 4.67 -4.68
CA SER A 61 -10.18 5.08 -4.90
C SER A 61 -9.56 5.61 -3.61
N CYS A 62 -8.25 5.78 -3.61
CA CYS A 62 -7.52 6.25 -2.44
C CYS A 62 -7.34 7.76 -2.50
N ASN A 63 -7.42 8.40 -1.35
CA ASN A 63 -7.21 9.84 -1.24
C ASN A 63 -5.86 10.24 -1.84
N ALA A 64 -4.84 9.44 -1.55
CA ALA A 64 -3.52 9.68 -2.08
C ALA A 64 -3.20 8.74 -3.24
N ASN A 65 -2.60 7.58 -2.92
CA ASN A 65 -2.22 6.60 -3.94
C ASN A 65 -2.77 5.22 -3.59
N PRO A 66 -3.53 4.62 -4.50
CA PRO A 66 -4.07 3.27 -4.31
C PRO A 66 -3.06 2.20 -4.74
N ALA A 67 -2.94 1.15 -3.94
CA ALA A 67 -1.97 0.10 -4.23
C ALA A 67 -2.47 -1.27 -3.82
N CYS A 68 -1.82 -2.27 -4.37
CA CYS A 68 -1.99 -3.65 -3.94
C CYS A 68 -0.65 -4.16 -3.44
N CYS A 69 -0.62 -4.72 -2.25
CA CYS A 69 0.65 -5.13 -1.67
C CYS A 69 0.66 -6.58 -1.28
N ASP A 70 1.86 -7.14 -1.20
CA ASP A 70 2.04 -8.49 -0.72
C ASP A 70 1.66 -8.54 0.75
N ASN A 71 2.17 -7.57 1.50
CA ASN A 71 1.90 -7.46 2.93
C ASN A 71 1.91 -5.99 3.31
N VAL A 72 1.08 -5.61 4.26
CA VAL A 72 1.18 -4.30 4.86
C VAL A 72 1.10 -4.42 6.37
N TYR A 73 1.79 -3.54 7.05
CA TYR A 73 1.88 -3.58 8.50
C TYR A 73 1.13 -2.38 9.08
N THR A 74 0.71 -2.50 10.34
CA THR A 74 -0.21 -1.54 10.93
C THR A 74 0.43 -0.19 11.22
N ASN A 75 1.72 -0.06 10.95
CA ASN A 75 2.36 1.26 10.94
C ASN A 75 2.01 1.96 9.65
N GLY A 76 1.59 1.16 8.68
CA GLY A 76 1.21 1.66 7.39
C GLY A 76 2.23 1.32 6.31
N LEU A 77 3.18 0.45 6.63
CA LEU A 77 4.21 0.11 5.65
C LEU A 77 3.80 -1.12 4.87
N GLY A 78 3.78 -0.98 3.55
CA GLY A 78 3.46 -2.10 2.70
C GLY A 78 4.67 -2.59 1.93
N VAL A 79 4.69 -3.88 1.63
CA VAL A 79 5.79 -4.47 0.90
C VAL A 79 5.30 -5.03 -0.44
N GLN A 80 5.98 -4.65 -1.51
CA GLN A 80 5.62 -5.05 -2.86
C GLN A 80 4.27 -4.48 -3.27
N CYS A 81 4.14 -3.17 -3.10
CA CYS A 81 2.91 -2.46 -3.48
C CYS A 81 2.97 -2.03 -4.94
N ASN A 82 1.98 -2.44 -5.72
CA ASN A 82 1.85 -1.94 -7.07
C ASN A 82 0.62 -1.04 -7.18
N PRO A 83 0.76 0.09 -7.89
CA PRO A 83 -0.29 1.10 -8.00
C PRO A 83 -1.52 0.61 -8.74
N ILE A 84 -2.69 0.98 -8.23
CA ILE A 84 -3.96 0.61 -8.83
C ILE A 84 -4.42 1.64 -9.85
N ASN A 85 -5.04 1.18 -10.91
CA ASN A 85 -5.59 2.06 -11.93
C ASN A 85 -6.92 2.62 -11.44
N VAL A 86 -6.94 3.91 -11.17
CA VAL A 86 -8.12 4.57 -10.66
C VAL A 86 -8.46 5.78 -11.51
N ASN A 87 -9.24 5.53 -12.55
CA ASN A 87 -9.62 6.54 -13.55
C ASN A 87 -8.46 6.85 -14.48
N LEU A 88 -7.24 6.49 -14.05
CA LEU A 88 -6.04 6.70 -14.83
C LEU A 88 -5.83 8.19 -15.14
N GLY A 1 -11.42 -10.79 -1.02
CA GLY A 1 -11.96 -10.83 0.36
C GLY A 1 -13.04 -9.79 0.57
N SER A 2 -13.30 -9.47 1.83
CA SER A 2 -14.35 -8.53 2.18
C SER A 2 -13.90 -7.09 1.96
N GLY A 3 -14.17 -6.55 0.78
CA GLY A 3 -13.84 -5.17 0.51
C GLY A 3 -12.62 -5.02 -0.37
N SER A 4 -12.33 -6.01 -1.18
CA SER A 4 -11.17 -5.96 -2.05
C SER A 4 -11.53 -6.33 -3.49
N SER A 5 -12.14 -5.40 -4.20
CA SER A 5 -12.47 -5.60 -5.61
C SER A 5 -11.20 -5.76 -6.43
N GLN A 6 -10.24 -4.88 -6.18
CA GLN A 6 -8.93 -4.97 -6.81
C GLN A 6 -7.99 -5.78 -5.94
N CYS A 7 -6.82 -6.07 -6.47
CA CYS A 7 -5.73 -6.71 -5.74
C CYS A 7 -5.97 -8.20 -5.50
N ASN A 8 -5.20 -9.03 -6.18
CA ASN A 8 -5.26 -10.46 -6.01
C ASN A 8 -4.27 -10.91 -4.93
N ALA A 9 -3.24 -10.10 -4.70
CA ALA A 9 -2.18 -10.44 -3.74
C ALA A 9 -2.56 -10.00 -2.33
N GLY A 10 -3.68 -9.33 -2.20
CA GLY A 10 -4.13 -8.84 -0.91
C GLY A 10 -5.28 -7.88 -1.03
N PRO A 11 -5.60 -7.12 0.01
CA PRO A 11 -6.66 -6.12 -0.03
C PRO A 11 -6.18 -4.80 -0.63
N VAL A 12 -7.12 -3.95 -0.98
CA VAL A 12 -6.84 -2.65 -1.57
C VAL A 12 -6.29 -1.69 -0.54
N GLN A 13 -5.14 -1.10 -0.82
CA GLN A 13 -4.52 -0.17 0.12
C GLN A 13 -4.52 1.24 -0.46
N CYS A 14 -4.59 2.23 0.42
CA CYS A 14 -4.52 3.63 0.03
C CYS A 14 -3.36 4.30 0.75
N CYS A 15 -2.24 4.43 0.05
CA CYS A 15 -0.99 4.90 0.64
C CYS A 15 -0.83 6.40 0.45
N ASN A 16 -0.12 7.01 1.39
CA ASN A 16 0.24 8.42 1.29
C ASN A 16 1.25 8.63 0.18
N THR A 17 2.16 7.68 0.07
CA THR A 17 3.22 7.74 -0.92
C THR A 17 3.59 6.34 -1.40
N LEU A 18 3.63 6.16 -2.71
CA LEU A 18 4.12 4.92 -3.29
C LEU A 18 5.52 5.13 -3.80
N THR A 19 6.47 4.59 -3.07
CA THR A 19 7.87 4.78 -3.39
C THR A 19 8.65 3.47 -3.18
N SER A 20 9.96 3.53 -3.25
CA SER A 20 10.78 2.34 -3.12
C SER A 20 11.30 2.22 -1.69
N ALA A 21 11.82 1.05 -1.36
CA ALA A 21 12.37 0.79 -0.04
C ALA A 21 13.69 1.52 0.16
N SER A 22 14.13 2.22 -0.86
CA SER A 22 15.30 3.09 -0.76
C SER A 22 14.89 4.47 -0.26
N ASN A 23 13.59 4.66 -0.07
CA ASN A 23 13.08 5.92 0.46
C ASN A 23 13.25 5.96 1.96
N SER A 24 13.62 7.13 2.46
CA SER A 24 13.88 7.32 3.89
C SER A 24 12.61 7.10 4.71
N GLN A 25 11.47 7.33 4.09
CA GLN A 25 10.19 7.10 4.73
C GLN A 25 9.96 5.60 4.91
N ALA A 26 10.21 4.88 3.83
CA ALA A 26 9.97 3.45 3.80
C ALA A 26 10.91 2.71 4.73
N ALA A 27 12.21 2.91 4.56
CA ALA A 27 13.21 2.18 5.35
C ALA A 27 13.06 2.46 6.83
N GLY A 28 12.60 3.65 7.19
CA GLY A 28 12.31 3.93 8.57
C GLY A 28 11.28 2.96 9.10
N LEU A 29 10.20 2.82 8.36
CA LEU A 29 9.13 1.89 8.69
C LEU A 29 9.60 0.44 8.59
N ILE A 30 10.24 0.11 7.48
CA ILE A 30 10.77 -1.22 7.23
C ILE A 30 11.63 -1.69 8.38
N GLN A 31 12.51 -0.82 8.83
CA GLN A 31 13.39 -1.14 9.91
C GLN A 31 12.64 -1.15 11.25
N GLN A 32 11.48 -0.51 11.31
CA GLN A 32 10.65 -0.57 12.51
C GLN A 32 9.98 -1.92 12.64
N LEU A 33 9.71 -2.53 11.49
CA LEU A 33 9.08 -3.83 11.45
C LEU A 33 10.13 -4.93 11.46
N GLY A 34 11.33 -4.56 11.03
CA GLY A 34 12.42 -5.51 10.94
C GLY A 34 12.30 -6.38 9.71
N LEU A 35 11.87 -5.77 8.61
CA LEU A 35 11.60 -6.48 7.38
C LEU A 35 12.87 -6.86 6.63
N SER A 36 13.27 -8.12 6.77
CA SER A 36 14.40 -8.65 6.05
C SER A 36 13.96 -9.16 4.69
N GLY A 37 14.68 -8.76 3.63
CA GLY A 37 14.37 -9.22 2.30
C GLY A 37 13.96 -8.10 1.38
N VAL A 38 13.63 -6.96 1.97
CA VAL A 38 13.22 -5.80 1.20
C VAL A 38 14.44 -5.02 0.72
N GLY A 39 14.69 -5.08 -0.59
CA GLY A 39 15.80 -4.35 -1.17
C GLY A 39 15.41 -2.95 -1.58
N ALA A 40 16.30 -2.25 -2.24
CA ALA A 40 16.07 -0.85 -2.58
C ALA A 40 15.14 -0.70 -3.76
N ASN A 41 15.03 -1.73 -4.59
CA ASN A 41 14.19 -1.66 -5.78
C ASN A 41 12.81 -2.24 -5.47
N VAL A 42 12.56 -2.48 -4.19
CA VAL A 42 11.29 -3.04 -3.75
C VAL A 42 10.24 -1.94 -3.59
N PRO A 43 9.05 -2.15 -4.16
CA PRO A 43 7.96 -1.20 -4.06
C PRO A 43 7.37 -1.21 -2.66
N VAL A 44 7.08 -0.04 -2.12
CA VAL A 44 6.49 0.03 -0.80
C VAL A 44 5.44 1.12 -0.73
N GLY A 45 4.49 0.95 0.17
CA GLY A 45 3.45 1.93 0.35
C GLY A 45 3.59 2.62 1.68
N ILE A 46 3.75 3.93 1.61
CA ILE A 46 3.94 4.77 2.77
C ILE A 46 2.60 5.13 3.39
N ASN A 47 2.44 4.84 4.68
CA ASN A 47 1.25 5.24 5.43
C ASN A 47 -0.01 4.70 4.76
N CYS A 48 -0.05 3.39 4.54
CA CYS A 48 -1.14 2.79 3.81
C CYS A 48 -2.17 2.17 4.74
N ASN A 49 -3.44 2.43 4.44
CA ASN A 49 -4.55 1.78 5.11
C ASN A 49 -5.45 1.13 4.07
N PRO A 50 -6.10 0.03 4.44
CA PRO A 50 -6.96 -0.74 3.54
C PRO A 50 -8.24 0.01 3.20
N ILE A 51 -8.53 0.12 1.91
CA ILE A 51 -9.72 0.81 1.46
C ILE A 51 -10.91 -0.12 1.55
N THR A 52 -11.52 -0.17 2.71
CA THR A 52 -12.65 -1.06 2.91
C THR A 52 -13.93 -0.26 3.14
N GLY A 53 -13.90 0.99 2.69
CA GLY A 53 -15.07 1.83 2.76
C GLY A 53 -15.91 1.74 1.52
N ILE A 54 -16.46 0.55 1.27
CA ILE A 54 -17.33 0.30 0.13
C ILE A 54 -18.49 1.30 0.12
N GLY A 55 -18.52 2.14 -0.91
CA GLY A 55 -19.57 3.13 -1.01
C GLY A 55 -19.00 4.53 -1.08
N ALA A 56 -18.26 4.79 -2.14
CA ALA A 56 -17.67 6.08 -2.37
C ALA A 56 -17.83 6.48 -3.83
N GLY A 57 -19.08 6.61 -4.26
CA GLY A 57 -19.36 6.93 -5.64
C GLY A 57 -19.79 5.69 -6.41
N SER A 58 -18.91 5.21 -7.27
CA SER A 58 -19.18 3.99 -8.03
C SER A 58 -18.67 2.77 -7.28
N GLY A 59 -17.54 2.94 -6.59
CA GLY A 59 -16.94 1.85 -5.84
C GLY A 59 -16.21 2.35 -4.61
N SER A 60 -14.96 1.93 -4.47
CA SER A 60 -14.13 2.40 -3.37
C SER A 60 -13.00 3.29 -3.93
N SER A 61 -12.74 4.40 -3.27
CA SER A 61 -11.75 5.35 -3.79
C SER A 61 -10.64 5.63 -2.77
N CYS A 62 -9.47 5.96 -3.29
CA CYS A 62 -8.33 6.31 -2.46
C CYS A 62 -8.05 7.80 -2.55
N ASN A 63 -7.84 8.43 -1.40
CA ASN A 63 -7.63 9.86 -1.31
C ASN A 63 -6.22 10.25 -1.77
N ALA A 64 -5.29 9.31 -1.69
CA ALA A 64 -3.92 9.59 -2.07
C ALA A 64 -3.46 8.69 -3.21
N ASN A 65 -2.78 7.59 -2.88
CA ASN A 65 -2.28 6.66 -3.89
C ASN A 65 -2.73 5.24 -3.61
N PRO A 66 -3.53 4.67 -4.51
CA PRO A 66 -4.08 3.33 -4.37
C PRO A 66 -3.07 2.25 -4.79
N ALA A 67 -2.95 1.19 -3.99
CA ALA A 67 -1.97 0.15 -4.28
C ALA A 67 -2.40 -1.22 -3.76
N CYS A 68 -1.96 -2.25 -4.45
CA CYS A 68 -2.02 -3.61 -3.94
C CYS A 68 -0.68 -3.98 -3.35
N CYS A 69 -0.66 -4.35 -2.09
CA CYS A 69 0.59 -4.70 -1.47
C CYS A 69 0.60 -6.18 -1.09
N ASP A 70 1.78 -6.78 -1.14
CA ASP A 70 1.96 -8.17 -0.75
C ASP A 70 1.70 -8.35 0.74
N ASN A 71 2.29 -7.46 1.53
CA ASN A 71 2.06 -7.42 2.97
C ASN A 71 2.17 -5.99 3.45
N VAL A 72 1.20 -5.51 4.21
CA VAL A 72 1.27 -4.17 4.75
C VAL A 72 0.90 -4.17 6.22
N TYR A 73 1.70 -3.44 6.99
CA TYR A 73 1.67 -3.51 8.43
C TYR A 73 0.97 -2.29 9.02
N THR A 74 0.56 -2.40 10.27
CA THR A 74 -0.32 -1.42 10.90
C THR A 74 0.37 -0.10 11.21
N ASN A 75 1.68 -0.05 11.01
CA ASN A 75 2.40 1.22 11.05
C ASN A 75 2.10 1.99 9.78
N GLY A 76 1.63 1.26 8.79
CA GLY A 76 1.27 1.83 7.52
C GLY A 76 2.27 1.50 6.44
N LEU A 77 3.14 0.53 6.68
CA LEU A 77 4.16 0.18 5.70
C LEU A 77 3.70 -1.02 4.88
N GLY A 78 3.58 -0.82 3.58
CA GLY A 78 3.26 -1.91 2.71
C GLY A 78 4.45 -2.33 1.87
N VAL A 79 4.61 -3.64 1.71
CA VAL A 79 5.70 -4.18 0.91
C VAL A 79 5.15 -4.67 -0.42
N GLN A 80 5.91 -4.41 -1.49
CA GLN A 80 5.52 -4.78 -2.84
C GLN A 80 4.17 -4.17 -3.19
N CYS A 81 4.08 -2.86 -3.04
CA CYS A 81 2.86 -2.14 -3.31
C CYS A 81 2.81 -1.68 -4.75
N ASN A 82 1.87 -2.25 -5.50
CA ASN A 82 1.71 -1.88 -6.89
C ASN A 82 0.45 -1.02 -7.09
N PRO A 83 0.65 0.17 -7.68
CA PRO A 83 -0.42 1.15 -7.89
C PRO A 83 -1.64 0.59 -8.63
N ILE A 84 -2.82 1.00 -8.17
CA ILE A 84 -4.08 0.56 -8.76
C ILE A 84 -4.36 1.33 -10.04
N ASN A 85 -5.03 0.67 -10.97
CA ASN A 85 -5.45 1.30 -12.21
C ASN A 85 -6.63 2.22 -11.93
N VAL A 86 -6.32 3.49 -11.78
CA VAL A 86 -7.31 4.50 -11.45
C VAL A 86 -7.22 5.63 -12.45
N ASN A 87 -7.94 5.48 -13.55
CA ASN A 87 -7.83 6.38 -14.70
C ASN A 87 -6.38 6.37 -15.17
N LEU A 88 -5.91 5.19 -15.57
CA LEU A 88 -4.51 4.96 -15.89
C LEU A 88 -3.99 5.98 -16.91
N GLY A 1 -16.87 -6.75 -5.41
CA GLY A 1 -17.54 -7.52 -4.34
C GLY A 1 -17.72 -6.70 -3.09
N SER A 2 -16.74 -6.74 -2.19
CA SER A 2 -16.81 -5.99 -0.95
C SER A 2 -15.53 -5.19 -0.73
N GLY A 3 -15.44 -4.02 -1.35
CA GLY A 3 -14.31 -3.15 -1.14
C GLY A 3 -13.12 -3.53 -2.00
N SER A 4 -12.49 -4.65 -1.68
CA SER A 4 -11.28 -5.06 -2.34
C SER A 4 -11.58 -5.86 -3.62
N SER A 5 -12.16 -5.17 -4.60
CA SER A 5 -12.35 -5.76 -5.92
C SER A 5 -11.02 -5.81 -6.66
N GLN A 6 -10.12 -4.93 -6.25
CA GLN A 6 -8.81 -4.86 -6.84
C GLN A 6 -7.79 -5.57 -5.95
N CYS A 7 -6.58 -5.71 -6.47
CA CYS A 7 -5.46 -6.32 -5.74
C CYS A 7 -5.61 -7.83 -5.65
N ASN A 8 -4.72 -8.54 -6.32
CA ASN A 8 -4.73 -9.99 -6.33
C ASN A 8 -3.91 -10.55 -5.17
N ALA A 9 -3.12 -9.69 -4.53
CA ALA A 9 -2.26 -10.11 -3.43
C ALA A 9 -2.94 -9.91 -2.07
N GLY A 10 -4.17 -9.43 -2.10
CA GLY A 10 -4.91 -9.23 -0.87
C GLY A 10 -5.96 -8.15 -0.99
N PRO A 11 -6.12 -7.31 0.04
CA PRO A 11 -7.08 -6.22 0.01
C PRO A 11 -6.49 -4.94 -0.59
N VAL A 12 -7.35 -4.01 -0.93
CA VAL A 12 -6.94 -2.75 -1.53
C VAL A 12 -6.37 -1.81 -0.49
N GLN A 13 -5.22 -1.22 -0.80
CA GLN A 13 -4.56 -0.31 0.13
C GLN A 13 -4.54 1.10 -0.44
N CYS A 14 -4.51 2.08 0.45
CA CYS A 14 -4.38 3.47 0.05
C CYS A 14 -3.18 4.08 0.75
N CYS A 15 -2.09 4.20 0.00
CA CYS A 15 -0.84 4.69 0.53
C CYS A 15 -0.72 6.18 0.32
N ASN A 16 -0.06 6.86 1.25
CA ASN A 16 0.22 8.28 1.11
C ASN A 16 1.23 8.49 0.00
N THR A 17 2.24 7.63 -0.03
CA THR A 17 3.30 7.71 -1.01
C THR A 17 3.70 6.32 -1.51
N LEU A 18 3.64 6.12 -2.82
CA LEU A 18 4.11 4.87 -3.42
C LEU A 18 5.50 5.08 -3.98
N THR A 19 6.46 4.44 -3.34
CA THR A 19 7.85 4.62 -3.71
C THR A 19 8.64 3.32 -3.46
N SER A 20 9.95 3.39 -3.57
CA SER A 20 10.80 2.22 -3.42
C SER A 20 11.32 2.12 -1.99
N ALA A 21 11.74 0.92 -1.60
CA ALA A 21 12.19 0.66 -0.23
C ALA A 21 13.54 1.29 0.08
N SER A 22 14.03 2.10 -0.84
CA SER A 22 15.25 2.86 -0.62
C SER A 22 14.89 4.24 -0.08
N ASN A 23 13.60 4.57 -0.13
CA ASN A 23 13.12 5.88 0.33
C ASN A 23 13.20 5.98 1.85
N SER A 24 13.48 7.19 2.32
CA SER A 24 13.61 7.47 3.74
C SER A 24 12.30 7.18 4.49
N GLN A 25 11.17 7.39 3.81
CA GLN A 25 9.87 7.08 4.40
C GLN A 25 9.77 5.58 4.65
N ALA A 26 10.06 4.84 3.59
CA ALA A 26 9.94 3.39 3.60
C ALA A 26 10.87 2.77 4.61
N ALA A 27 12.17 3.02 4.46
CA ALA A 27 13.18 2.38 5.30
C ALA A 27 12.95 2.67 6.78
N GLY A 28 12.44 3.85 7.10
CA GLY A 28 12.07 4.13 8.47
C GLY A 28 11.07 3.12 8.98
N LEU A 29 10.00 2.97 8.23
CA LEU A 29 8.95 1.99 8.53
C LEU A 29 9.50 0.57 8.50
N ILE A 30 10.20 0.24 7.42
CA ILE A 30 10.81 -1.08 7.23
C ILE A 30 11.67 -1.45 8.41
N GLN A 31 12.49 -0.51 8.85
CA GLN A 31 13.37 -0.74 9.96
C GLN A 31 12.62 -0.77 11.29
N GLN A 32 11.39 -0.23 11.30
CA GLN A 32 10.56 -0.31 12.50
C GLN A 32 10.02 -1.73 12.65
N LEU A 33 9.56 -2.27 11.53
CA LEU A 33 8.98 -3.61 11.51
C LEU A 33 10.06 -4.67 11.57
N GLY A 34 11.27 -4.26 11.16
CA GLY A 34 12.38 -5.18 11.12
C GLY A 34 12.32 -6.08 9.92
N LEU A 35 11.90 -5.52 8.80
CA LEU A 35 11.74 -6.27 7.56
C LEU A 35 13.10 -6.56 6.92
N SER A 36 13.59 -7.76 7.13
CA SER A 36 14.86 -8.18 6.55
C SER A 36 14.61 -8.85 5.20
N GLY A 37 15.11 -8.25 4.14
CA GLY A 37 14.95 -8.81 2.81
C GLY A 37 14.47 -7.79 1.81
N VAL A 38 13.75 -6.79 2.29
CA VAL A 38 13.25 -5.71 1.44
C VAL A 38 14.41 -4.83 0.99
N GLY A 39 14.77 -4.94 -0.28
CA GLY A 39 15.87 -4.17 -0.82
C GLY A 39 15.42 -2.89 -1.48
N ALA A 40 16.34 -2.19 -2.11
CA ALA A 40 16.04 -0.90 -2.72
C ALA A 40 15.24 -1.05 -4.01
N ASN A 41 15.22 -2.26 -4.54
CA ASN A 41 14.48 -2.57 -5.77
C ASN A 41 13.06 -3.01 -5.44
N VAL A 42 12.68 -2.87 -4.19
CA VAL A 42 11.39 -3.35 -3.73
C VAL A 42 10.38 -2.22 -3.63
N PRO A 43 9.19 -2.42 -4.18
CA PRO A 43 8.10 -1.45 -4.10
C PRO A 43 7.50 -1.43 -2.72
N VAL A 44 7.18 -0.25 -2.22
CA VAL A 44 6.55 -0.14 -0.91
C VAL A 44 5.51 0.95 -0.89
N GLY A 45 4.65 0.88 0.11
CA GLY A 45 3.66 1.90 0.29
C GLY A 45 3.81 2.61 1.60
N ILE A 46 3.93 3.92 1.53
CA ILE A 46 4.08 4.78 2.70
C ILE A 46 2.70 5.13 3.24
N ASN A 47 2.43 4.76 4.49
CA ASN A 47 1.17 5.11 5.16
C ASN A 47 -0.03 4.56 4.39
N CYS A 48 -0.17 3.25 4.37
CA CYS A 48 -1.26 2.63 3.62
C CYS A 48 -2.35 2.12 4.56
N ASN A 49 -3.59 2.40 4.18
CA ASN A 49 -4.75 1.86 4.87
C ASN A 49 -5.68 1.20 3.86
N PRO A 50 -6.39 0.14 4.28
CA PRO A 50 -7.24 -0.65 3.39
C PRO A 50 -8.49 0.11 2.98
N ILE A 51 -8.70 0.21 1.68
CA ILE A 51 -9.82 0.99 1.17
C ILE A 51 -11.07 0.14 1.15
N THR A 52 -11.78 0.09 2.26
CA THR A 52 -12.97 -0.72 2.34
C THR A 52 -14.23 0.14 2.36
N GLY A 53 -14.11 1.35 1.82
CA GLY A 53 -15.25 2.24 1.72
C GLY A 53 -15.63 2.51 0.29
N ILE A 54 -16.60 1.76 -0.23
CA ILE A 54 -17.08 1.94 -1.59
C ILE A 54 -18.17 3.01 -1.63
N GLY A 55 -18.11 3.88 -2.63
CA GLY A 55 -19.10 4.92 -2.76
C GLY A 55 -18.50 6.30 -2.64
N ALA A 56 -17.35 6.50 -3.25
CA ALA A 56 -16.66 7.78 -3.20
C ALA A 56 -16.06 8.12 -4.55
N GLY A 57 -16.70 9.04 -5.25
CA GLY A 57 -16.23 9.44 -6.57
C GLY A 57 -16.47 8.36 -7.60
N SER A 58 -15.40 7.86 -8.18
CA SER A 58 -15.50 6.81 -9.18
C SER A 58 -15.76 5.46 -8.51
N GLY A 59 -15.12 5.22 -7.38
CA GLY A 59 -15.28 3.95 -6.71
C GLY A 59 -15.12 4.05 -5.21
N SER A 60 -13.89 3.92 -4.74
CA SER A 60 -13.61 3.90 -3.31
C SER A 60 -12.88 5.18 -2.87
N SER A 61 -12.83 5.40 -1.56
CA SER A 61 -12.22 6.61 -1.02
C SER A 61 -10.75 6.38 -0.67
N CYS A 62 -9.85 6.72 -1.58
CA CYS A 62 -8.43 6.72 -1.29
C CYS A 62 -7.90 8.14 -1.22
N ASN A 63 -7.32 8.49 -0.08
CA ASN A 63 -6.82 9.84 0.18
C ASN A 63 -5.62 10.18 -0.68
N ALA A 64 -4.92 9.18 -1.19
CA ALA A 64 -3.71 9.43 -1.94
C ALA A 64 -3.50 8.43 -3.07
N ASN A 65 -2.69 7.42 -2.83
CA ASN A 65 -2.34 6.46 -3.87
C ASN A 65 -2.75 5.04 -3.49
N PRO A 66 -3.76 4.53 -4.16
CA PRO A 66 -4.23 3.17 -3.95
C PRO A 66 -3.27 2.15 -4.56
N ALA A 67 -2.98 1.11 -3.79
CA ALA A 67 -2.00 0.11 -4.20
C ALA A 67 -2.42 -1.29 -3.78
N CYS A 68 -1.81 -2.27 -4.41
CA CYS A 68 -1.93 -3.65 -3.98
C CYS A 68 -0.59 -4.09 -3.44
N CYS A 69 -0.55 -4.51 -2.20
CA CYS A 69 0.69 -4.87 -1.56
C CYS A 69 0.68 -6.34 -1.17
N ASP A 70 1.85 -6.96 -1.25
CA ASP A 70 2.01 -8.37 -0.92
C ASP A 70 1.78 -8.58 0.58
N ASN A 71 2.34 -7.69 1.38
CA ASN A 71 2.11 -7.65 2.83
C ASN A 71 2.19 -6.21 3.30
N VAL A 72 1.20 -5.74 4.03
CA VAL A 72 1.26 -4.40 4.60
C VAL A 72 0.93 -4.42 6.08
N TYR A 73 1.67 -3.62 6.83
CA TYR A 73 1.65 -3.65 8.27
C TYR A 73 0.93 -2.41 8.81
N THR A 74 0.44 -2.49 10.05
CA THR A 74 -0.47 -1.49 10.59
C THR A 74 0.17 -0.13 10.82
N ASN A 75 1.49 -0.06 10.73
CA ASN A 75 2.18 1.23 10.73
C ASN A 75 1.89 1.95 9.42
N GLY A 76 1.45 1.16 8.46
CA GLY A 76 1.12 1.67 7.16
C GLY A 76 2.18 1.35 6.12
N LEU A 77 3.07 0.41 6.43
CA LEU A 77 4.12 0.04 5.50
C LEU A 77 3.70 -1.17 4.71
N GLY A 78 3.58 -1.00 3.41
CA GLY A 78 3.28 -2.12 2.55
C GLY A 78 4.48 -2.54 1.74
N VAL A 79 4.68 -3.84 1.63
CA VAL A 79 5.77 -4.38 0.84
C VAL A 79 5.23 -4.85 -0.49
N GLN A 80 6.00 -4.61 -1.55
CA GLN A 80 5.61 -4.97 -2.90
C GLN A 80 4.27 -4.34 -3.27
N CYS A 81 4.20 -3.03 -3.10
CA CYS A 81 2.98 -2.30 -3.40
C CYS A 81 2.96 -1.86 -4.86
N ASN A 82 2.00 -2.36 -5.59
CA ASN A 82 1.82 -1.95 -6.98
C ASN A 82 0.60 -1.05 -7.10
N PRO A 83 0.72 0.05 -7.86
CA PRO A 83 -0.32 1.07 -7.99
C PRO A 83 -1.61 0.55 -8.63
N ILE A 84 -2.74 0.89 -8.03
CA ILE A 84 -4.04 0.56 -8.58
C ILE A 84 -4.41 1.57 -9.66
N ASN A 85 -5.16 1.10 -10.64
CA ASN A 85 -5.60 1.94 -11.74
C ASN A 85 -6.81 2.75 -11.33
N VAL A 86 -6.57 4.00 -10.97
CA VAL A 86 -7.63 4.90 -10.54
C VAL A 86 -7.54 6.20 -11.33
N ASN A 87 -8.22 6.21 -12.47
CA ASN A 87 -8.22 7.34 -13.42
C ASN A 87 -6.93 7.33 -14.25
N LEU A 88 -5.85 6.81 -13.65
CA LEU A 88 -4.57 6.63 -14.31
C LEU A 88 -3.98 7.95 -14.79
N GLY A 1 -11.15 -9.64 3.48
CA GLY A 1 -11.60 -8.24 3.45
C GLY A 1 -12.82 -8.05 2.56
N SER A 2 -13.58 -7.01 2.82
CA SER A 2 -14.77 -6.70 2.04
C SER A 2 -14.61 -5.36 1.36
N GLY A 3 -14.85 -5.33 0.05
CA GLY A 3 -14.70 -4.10 -0.71
C GLY A 3 -13.42 -4.09 -1.50
N SER A 4 -12.59 -5.09 -1.28
CA SER A 4 -11.32 -5.21 -1.98
C SER A 4 -11.50 -5.95 -3.30
N SER A 5 -12.15 -5.29 -4.26
CA SER A 5 -12.36 -5.85 -5.58
C SER A 5 -11.06 -5.92 -6.36
N GLN A 6 -10.24 -4.89 -6.19
CA GLN A 6 -8.94 -4.82 -6.87
C GLN A 6 -7.88 -5.52 -6.02
N CYS A 7 -6.68 -5.65 -6.61
CA CYS A 7 -5.53 -6.24 -5.94
C CYS A 7 -5.63 -7.76 -5.84
N ASN A 8 -4.66 -8.45 -6.43
CA ASN A 8 -4.61 -9.89 -6.41
C ASN A 8 -3.82 -10.40 -5.21
N ALA A 9 -2.95 -9.53 -4.68
CA ALA A 9 -2.07 -9.91 -3.57
C ALA A 9 -2.78 -9.80 -2.23
N GLY A 10 -4.00 -9.30 -2.25
CA GLY A 10 -4.77 -9.13 -1.04
C GLY A 10 -5.76 -8.01 -1.14
N PRO A 11 -5.94 -7.22 -0.07
CA PRO A 11 -6.86 -6.09 -0.07
C PRO A 11 -6.24 -4.83 -0.65
N VAL A 12 -7.10 -3.88 -1.01
CA VAL A 12 -6.69 -2.61 -1.59
C VAL A 12 -6.14 -1.68 -0.52
N GLN A 13 -5.01 -1.05 -0.80
CA GLN A 13 -4.40 -0.15 0.17
C GLN A 13 -4.42 1.28 -0.30
N CYS A 14 -4.65 2.17 0.64
CA CYS A 14 -4.60 3.60 0.39
C CYS A 14 -3.34 4.17 1.02
N CYS A 15 -2.36 4.43 0.19
CA CYS A 15 -1.05 4.83 0.64
C CYS A 15 -0.81 6.30 0.33
N ASN A 16 -0.17 6.99 1.27
CA ASN A 16 0.14 8.40 1.12
C ASN A 16 1.19 8.59 0.03
N THR A 17 2.16 7.69 0.01
CA THR A 17 3.24 7.76 -0.96
C THR A 17 3.61 6.37 -1.46
N LEU A 18 3.54 6.19 -2.77
CA LEU A 18 4.06 4.97 -3.37
C LEU A 18 5.46 5.24 -3.88
N THR A 19 6.42 4.63 -3.23
CA THR A 19 7.80 4.86 -3.55
C THR A 19 8.61 3.56 -3.34
N SER A 20 9.91 3.65 -3.44
CA SER A 20 10.77 2.48 -3.32
C SER A 20 11.30 2.35 -1.90
N ALA A 21 11.68 1.13 -1.53
CA ALA A 21 12.17 0.82 -0.19
C ALA A 21 13.47 1.57 0.12
N SER A 22 14.08 2.14 -0.91
CA SER A 22 15.27 2.93 -0.75
C SER A 22 14.93 4.31 -0.17
N ASN A 23 13.64 4.66 -0.18
CA ASN A 23 13.20 5.94 0.36
C ASN A 23 13.36 5.95 1.88
N SER A 24 13.80 7.08 2.40
CA SER A 24 14.03 7.25 3.83
C SER A 24 12.74 7.04 4.62
N GLN A 25 11.61 7.36 4.00
CA GLN A 25 10.31 7.18 4.61
C GLN A 25 10.05 5.70 4.81
N ALA A 26 10.28 4.94 3.75
CA ALA A 26 10.00 3.51 3.75
C ALA A 26 10.93 2.76 4.68
N ALA A 27 12.23 2.96 4.49
CA ALA A 27 13.24 2.21 5.25
C ALA A 27 13.09 2.44 6.74
N GLY A 28 12.65 3.63 7.14
CA GLY A 28 12.38 3.87 8.54
C GLY A 28 11.33 2.89 9.07
N LEU A 29 10.24 2.80 8.33
CA LEU A 29 9.15 1.87 8.63
C LEU A 29 9.64 0.42 8.52
N ILE A 30 10.26 0.11 7.39
CA ILE A 30 10.82 -1.21 7.11
C ILE A 30 11.70 -1.69 8.23
N GLN A 31 12.62 -0.83 8.65
CA GLN A 31 13.54 -1.16 9.71
C GLN A 31 12.84 -1.21 11.06
N GLN A 32 11.69 -0.52 11.17
CA GLN A 32 10.91 -0.58 12.41
C GLN A 32 10.26 -1.94 12.56
N LEU A 33 9.60 -2.36 11.49
CA LEU A 33 8.89 -3.63 11.48
C LEU A 33 9.89 -4.78 11.40
N GLY A 34 11.06 -4.47 10.86
CA GLY A 34 12.13 -5.44 10.75
C GLY A 34 12.04 -6.31 9.52
N LEU A 35 11.49 -5.76 8.43
CA LEU A 35 11.36 -6.47 7.17
C LEU A 35 12.69 -7.04 6.69
N SER A 36 12.77 -8.36 6.67
CA SER A 36 13.92 -9.04 6.10
C SER A 36 13.59 -9.54 4.70
N GLY A 37 14.23 -8.96 3.70
CA GLY A 37 13.99 -9.36 2.33
C GLY A 37 13.61 -8.18 1.44
N VAL A 38 13.47 -7.02 2.04
CA VAL A 38 13.14 -5.81 1.31
C VAL A 38 14.39 -4.98 1.07
N GLY A 39 14.84 -4.93 -0.18
CA GLY A 39 16.03 -4.16 -0.53
C GLY A 39 15.73 -2.71 -0.80
N ALA A 40 16.32 -2.19 -1.84
CA ALA A 40 16.17 -0.78 -2.19
C ALA A 40 15.14 -0.60 -3.30
N ASN A 41 15.21 -1.44 -4.32
CA ASN A 41 14.37 -1.31 -5.50
C ASN A 41 13.04 -2.03 -5.31
N VAL A 42 12.71 -2.32 -4.07
CA VAL A 42 11.47 -2.98 -3.74
C VAL A 42 10.36 -1.94 -3.59
N PRO A 43 9.19 -2.21 -4.18
CA PRO A 43 8.07 -1.29 -4.11
C PRO A 43 7.46 -1.28 -2.73
N VAL A 44 7.14 -0.12 -2.21
CA VAL A 44 6.52 -0.03 -0.90
C VAL A 44 5.47 1.06 -0.87
N GLY A 45 4.58 0.96 0.10
CA GLY A 45 3.58 1.97 0.28
C GLY A 45 3.75 2.68 1.61
N ILE A 46 3.80 3.98 1.54
CA ILE A 46 3.97 4.83 2.72
C ILE A 46 2.60 5.20 3.26
N ASN A 47 2.35 4.85 4.52
CA ASN A 47 1.10 5.21 5.19
C ASN A 47 -0.09 4.59 4.49
N CYS A 48 -0.12 3.26 4.43
CA CYS A 48 -1.19 2.56 3.76
C CYS A 48 -2.26 2.10 4.74
N ASN A 49 -3.50 2.18 4.30
CA ASN A 49 -4.62 1.59 5.02
C ASN A 49 -5.58 0.94 4.03
N PRO A 50 -6.23 -0.14 4.45
CA PRO A 50 -7.07 -0.93 3.58
C PRO A 50 -8.33 -0.17 3.18
N ILE A 51 -8.50 0.04 1.89
CA ILE A 51 -9.62 0.82 1.40
C ILE A 51 -10.88 -0.02 1.41
N THR A 52 -11.56 -0.02 2.54
CA THR A 52 -12.76 -0.79 2.68
C THR A 52 -13.95 0.11 3.01
N GLY A 53 -13.84 1.36 2.58
CA GLY A 53 -14.86 2.34 2.86
C GLY A 53 -15.95 2.37 1.80
N ILE A 54 -16.34 3.56 1.40
CA ILE A 54 -17.45 3.73 0.46
C ILE A 54 -16.96 3.74 -0.98
N GLY A 55 -17.69 3.05 -1.84
CA GLY A 55 -17.38 3.04 -3.24
C GLY A 55 -17.90 4.27 -3.95
N ALA A 56 -17.01 4.96 -4.65
CA ALA A 56 -17.38 6.16 -5.38
C ALA A 56 -18.09 5.81 -6.68
N GLY A 57 -17.43 5.02 -7.50
CA GLY A 57 -18.02 4.56 -8.74
C GLY A 57 -17.89 3.07 -8.90
N SER A 58 -16.72 2.63 -9.33
CA SER A 58 -16.45 1.20 -9.48
C SER A 58 -16.05 0.59 -8.14
N GLY A 59 -15.46 1.40 -7.28
CA GLY A 59 -15.06 0.95 -5.97
C GLY A 59 -14.70 2.10 -5.06
N SER A 60 -14.18 1.79 -3.88
CA SER A 60 -13.75 2.82 -2.96
C SER A 60 -12.42 3.43 -3.42
N SER A 61 -12.31 4.74 -3.30
CA SER A 61 -11.14 5.44 -3.79
C SER A 61 -10.23 5.86 -2.64
N CYS A 62 -8.95 5.98 -2.94
CA CYS A 62 -7.97 6.44 -1.97
C CYS A 62 -7.74 7.93 -2.13
N ASN A 63 -7.61 8.62 -1.00
CA ASN A 63 -7.35 10.06 -0.99
C ASN A 63 -6.00 10.37 -1.63
N ALA A 64 -5.06 9.47 -1.48
CA ALA A 64 -3.73 9.67 -2.03
C ALA A 64 -3.46 8.69 -3.18
N ASN A 65 -2.83 7.57 -2.87
CA ASN A 65 -2.47 6.58 -3.88
C ASN A 65 -2.97 5.20 -3.50
N PRO A 66 -3.78 4.58 -4.37
CA PRO A 66 -4.26 3.22 -4.16
C PRO A 66 -3.24 2.19 -4.65
N ALA A 67 -2.94 1.19 -3.84
CA ALA A 67 -1.96 0.19 -4.19
C ALA A 67 -2.37 -1.21 -3.77
N CYS A 68 -1.78 -2.18 -4.44
CA CYS A 68 -1.90 -3.57 -4.06
C CYS A 68 -0.56 -4.04 -3.53
N CYS A 69 -0.54 -4.46 -2.29
CA CYS A 69 0.72 -4.81 -1.64
C CYS A 69 0.73 -6.27 -1.22
N ASP A 70 1.93 -6.83 -1.16
CA ASP A 70 2.13 -8.21 -0.73
C ASP A 70 1.80 -8.35 0.74
N ASN A 71 2.40 -7.48 1.55
CA ASN A 71 2.16 -7.43 2.99
C ASN A 71 2.13 -5.99 3.44
N VAL A 72 1.12 -5.60 4.19
CA VAL A 72 1.15 -4.27 4.80
C VAL A 72 1.04 -4.41 6.30
N TYR A 73 1.58 -3.43 7.01
CA TYR A 73 1.65 -3.48 8.45
C TYR A 73 0.98 -2.26 9.04
N THR A 74 0.55 -2.37 10.29
CA THR A 74 -0.34 -1.38 10.91
C THR A 74 0.33 -0.03 11.16
N ASN A 75 1.65 0.03 11.04
CA ASN A 75 2.36 1.29 11.06
C ASN A 75 2.04 2.06 9.78
N GLY A 76 1.59 1.30 8.79
CA GLY A 76 1.22 1.86 7.52
C GLY A 76 2.23 1.54 6.43
N LEU A 77 3.12 0.58 6.67
CA LEU A 77 4.13 0.24 5.67
C LEU A 77 3.65 -0.93 4.83
N GLY A 78 3.59 -0.71 3.53
CA GLY A 78 3.24 -1.78 2.63
C GLY A 78 4.43 -2.27 1.84
N VAL A 79 4.56 -3.59 1.74
CA VAL A 79 5.66 -4.21 1.01
C VAL A 79 5.16 -4.68 -0.36
N GLN A 80 5.95 -4.41 -1.39
CA GLN A 80 5.62 -4.78 -2.76
C GLN A 80 4.28 -4.19 -3.17
N CYS A 81 4.21 -2.88 -3.10
CA CYS A 81 2.99 -2.16 -3.43
C CYS A 81 2.98 -1.73 -4.89
N ASN A 82 2.07 -2.31 -5.65
CA ASN A 82 1.89 -1.90 -7.03
C ASN A 82 0.62 -1.06 -7.15
N PRO A 83 0.69 0.08 -7.87
CA PRO A 83 -0.41 1.02 -7.99
C PRO A 83 -1.66 0.39 -8.61
N ILE A 84 -2.81 0.73 -8.06
CA ILE A 84 -4.09 0.21 -8.53
C ILE A 84 -4.56 0.95 -9.77
N ASN A 85 -5.25 0.23 -10.62
CA ASN A 85 -5.84 0.78 -11.83
C ASN A 85 -7.06 1.63 -11.48
N VAL A 86 -6.83 2.92 -11.33
CA VAL A 86 -7.89 3.86 -11.03
C VAL A 86 -7.83 4.99 -12.05
N ASN A 87 -8.49 4.75 -13.17
CA ASN A 87 -8.35 5.60 -14.35
C ASN A 87 -6.87 5.69 -14.71
N LEU A 88 -6.34 4.56 -15.18
CA LEU A 88 -4.93 4.44 -15.49
C LEU A 88 -4.55 5.37 -16.64
N GLY A 1 -13.25 -11.94 -0.46
CA GLY A 1 -12.18 -10.96 -0.19
C GLY A 1 -12.43 -10.17 1.07
N SER A 2 -11.99 -8.93 1.10
CA SER A 2 -12.19 -8.08 2.26
C SER A 2 -12.96 -6.82 1.89
N GLY A 3 -13.71 -6.88 0.80
CA GLY A 3 -14.46 -5.73 0.35
C GLY A 3 -13.75 -5.00 -0.77
N SER A 4 -13.04 -5.74 -1.61
CA SER A 4 -12.29 -5.15 -2.71
C SER A 4 -12.14 -6.15 -3.84
N SER A 5 -12.28 -5.66 -5.07
CA SER A 5 -12.22 -6.51 -6.24
C SER A 5 -10.83 -6.47 -6.89
N GLN A 6 -10.10 -5.39 -6.65
CA GLN A 6 -8.80 -5.21 -7.28
C GLN A 6 -7.71 -5.99 -6.56
N CYS A 7 -6.79 -6.54 -7.36
CA CYS A 7 -5.59 -7.20 -6.88
C CYS A 7 -5.86 -8.56 -6.23
N ASN A 8 -5.01 -9.53 -6.57
CA ASN A 8 -5.08 -10.88 -6.01
C ASN A 8 -4.18 -11.00 -4.78
N ALA A 9 -3.11 -10.22 -4.75
CA ALA A 9 -2.11 -10.31 -3.69
C ALA A 9 -2.70 -9.94 -2.33
N GLY A 10 -3.72 -9.12 -2.36
CA GLY A 10 -4.39 -8.70 -1.15
C GLY A 10 -5.57 -7.83 -1.43
N PRO A 11 -5.96 -6.95 -0.50
CA PRO A 11 -7.01 -5.98 -0.71
C PRO A 11 -6.45 -4.68 -1.27
N VAL A 12 -7.32 -3.76 -1.61
CA VAL A 12 -6.87 -2.46 -2.07
C VAL A 12 -6.43 -1.61 -0.89
N GLN A 13 -5.26 -1.01 -1.02
CA GLN A 13 -4.72 -0.17 0.02
C GLN A 13 -4.65 1.26 -0.49
N CYS A 14 -4.67 2.20 0.44
CA CYS A 14 -4.54 3.60 0.09
C CYS A 14 -3.38 4.20 0.88
N CYS A 15 -2.36 4.60 0.16
CA CYS A 15 -1.10 5.01 0.75
C CYS A 15 -0.82 6.48 0.48
N ASN A 16 -0.18 7.13 1.44
CA ASN A 16 0.20 8.52 1.31
C ASN A 16 1.24 8.69 0.23
N THR A 17 2.23 7.79 0.25
CA THR A 17 3.31 7.84 -0.71
C THR A 17 3.63 6.45 -1.24
N LEU A 18 3.58 6.27 -2.55
CA LEU A 18 4.08 5.05 -3.17
C LEU A 18 5.49 5.29 -3.66
N THR A 19 6.42 4.56 -3.09
CA THR A 19 7.82 4.74 -3.42
C THR A 19 8.57 3.43 -3.23
N SER A 20 9.87 3.45 -3.45
CA SER A 20 10.68 2.26 -3.34
C SER A 20 11.19 2.11 -1.91
N ALA A 21 11.64 0.91 -1.57
CA ALA A 21 12.14 0.64 -0.23
C ALA A 21 13.47 1.33 0.02
N SER A 22 13.99 2.02 -1.00
CA SER A 22 15.18 2.82 -0.87
C SER A 22 14.83 4.23 -0.38
N ASN A 23 13.55 4.49 -0.24
CA ASN A 23 13.09 5.78 0.27
C ASN A 23 13.26 5.83 1.78
N SER A 24 13.76 6.96 2.27
CA SER A 24 14.02 7.13 3.69
C SER A 24 12.74 6.98 4.51
N GLN A 25 11.59 7.28 3.90
CA GLN A 25 10.31 7.10 4.56
C GLN A 25 10.03 5.62 4.76
N ALA A 26 10.19 4.86 3.68
CA ALA A 26 9.93 3.44 3.71
C ALA A 26 10.91 2.72 4.61
N ALA A 27 12.20 2.96 4.39
CA ALA A 27 13.24 2.27 5.15
C ALA A 27 13.15 2.57 6.64
N GLY A 28 12.68 3.76 6.98
CA GLY A 28 12.45 4.08 8.38
C GLY A 28 11.44 3.15 8.99
N LEU A 29 10.36 2.91 8.24
CA LEU A 29 9.30 1.99 8.63
C LEU A 29 9.79 0.55 8.57
N ILE A 30 10.40 0.18 7.45
CA ILE A 30 10.97 -1.15 7.22
C ILE A 30 11.88 -1.54 8.37
N GLN A 31 12.78 -0.64 8.71
CA GLN A 31 13.72 -0.88 9.77
C GLN A 31 13.05 -0.84 11.14
N GLN A 32 11.85 -0.27 11.22
CA GLN A 32 11.07 -0.32 12.45
C GLN A 32 10.50 -1.71 12.65
N LEU A 33 9.91 -2.24 11.60
CA LEU A 33 9.28 -3.55 11.64
C LEU A 33 10.34 -4.64 11.67
N GLY A 34 11.51 -4.31 11.17
CA GLY A 34 12.60 -5.26 11.10
C GLY A 34 12.46 -6.18 9.90
N LEU A 35 11.99 -5.60 8.80
CA LEU A 35 11.76 -6.35 7.58
C LEU A 35 13.07 -6.73 6.92
N SER A 36 13.41 -8.01 7.00
CA SER A 36 14.63 -8.51 6.39
C SER A 36 14.29 -9.18 5.06
N GLY A 37 14.69 -8.56 3.97
CA GLY A 37 14.40 -9.11 2.66
C GLY A 37 13.98 -8.04 1.68
N VAL A 38 13.47 -6.94 2.20
CA VAL A 38 13.07 -5.81 1.39
C VAL A 38 14.30 -5.02 0.95
N GLY A 39 14.63 -5.11 -0.34
CA GLY A 39 15.79 -4.41 -0.87
C GLY A 39 15.49 -2.96 -1.18
N ALA A 40 16.06 -2.47 -2.27
CA ALA A 40 15.89 -1.06 -2.64
C ALA A 40 14.94 -0.91 -3.83
N ASN A 41 14.90 -1.90 -4.70
CA ASN A 41 14.04 -1.86 -5.87
C ASN A 41 12.62 -2.31 -5.50
N VAL A 42 12.49 -2.84 -4.29
CA VAL A 42 11.22 -3.33 -3.79
C VAL A 42 10.21 -2.20 -3.65
N PRO A 43 9.01 -2.42 -4.16
CA PRO A 43 7.92 -1.47 -4.04
C PRO A 43 7.35 -1.45 -2.64
N VAL A 44 7.00 -0.29 -2.13
CA VAL A 44 6.42 -0.18 -0.81
C VAL A 44 5.36 0.90 -0.78
N GLY A 45 4.54 0.86 0.25
CA GLY A 45 3.55 1.89 0.43
C GLY A 45 3.72 2.58 1.76
N ILE A 46 3.72 3.91 1.71
CA ILE A 46 3.88 4.73 2.88
C ILE A 46 2.52 5.14 3.43
N ASN A 47 2.24 4.78 4.68
CA ASN A 47 1.00 5.17 5.35
C ASN A 47 -0.21 4.58 4.61
N CYS A 48 -0.25 3.26 4.53
CA CYS A 48 -1.30 2.58 3.80
C CYS A 48 -2.43 2.14 4.70
N ASN A 49 -3.65 2.38 4.25
CA ASN A 49 -4.84 1.82 4.88
C ASN A 49 -5.76 1.25 3.81
N PRO A 50 -6.40 0.10 4.10
CA PRO A 50 -7.20 -0.64 3.13
C PRO A 50 -8.45 0.13 2.72
N ILE A 51 -8.72 0.19 1.43
CA ILE A 51 -9.88 0.89 0.93
C ILE A 51 -11.06 -0.06 0.91
N THR A 52 -11.71 -0.21 2.05
CA THR A 52 -12.84 -1.12 2.15
C THR A 52 -14.11 -0.40 2.57
N GLY A 53 -13.95 0.83 3.06
CA GLY A 53 -15.08 1.64 3.42
C GLY A 53 -14.72 3.10 3.49
N ILE A 54 -13.68 3.48 2.75
CA ILE A 54 -13.17 4.83 2.78
C ILE A 54 -14.12 5.77 2.04
N GLY A 55 -14.75 6.65 2.79
CA GLY A 55 -15.71 7.57 2.21
C GLY A 55 -17.11 7.31 2.71
N ALA A 56 -18.06 7.23 1.80
CA ALA A 56 -19.45 7.00 2.18
C ALA A 56 -20.19 6.19 1.11
N GLY A 57 -19.64 5.04 0.76
CA GLY A 57 -20.27 4.19 -0.23
C GLY A 57 -19.37 3.03 -0.64
N SER A 58 -19.91 2.15 -1.48
CA SER A 58 -19.18 0.99 -1.96
C SER A 58 -18.03 1.41 -2.86
N GLY A 59 -18.20 2.54 -3.53
CA GLY A 59 -17.14 3.09 -4.36
C GLY A 59 -16.17 3.92 -3.54
N SER A 60 -15.45 3.24 -2.66
CA SER A 60 -14.52 3.91 -1.76
C SER A 60 -13.34 4.50 -2.53
N SER A 61 -13.05 5.77 -2.28
CA SER A 61 -12.01 6.47 -3.00
C SER A 61 -10.73 6.53 -2.16
N CYS A 62 -9.58 6.54 -2.82
CA CYS A 62 -8.31 6.71 -2.13
C CYS A 62 -7.92 8.18 -2.14
N ASN A 63 -7.62 8.70 -0.95
CA ASN A 63 -7.29 10.10 -0.78
C ASN A 63 -5.96 10.45 -1.42
N ALA A 64 -5.03 9.51 -1.45
CA ALA A 64 -3.71 9.77 -2.01
C ALA A 64 -3.38 8.79 -3.14
N ASN A 65 -2.70 7.70 -2.81
CA ASN A 65 -2.27 6.74 -3.82
C ASN A 65 -2.79 5.35 -3.50
N PRO A 66 -3.62 4.81 -4.37
CA PRO A 66 -4.15 3.46 -4.21
C PRO A 66 -3.14 2.41 -4.68
N ALA A 67 -2.95 1.40 -3.86
CA ALA A 67 -1.99 0.36 -4.16
C ALA A 67 -2.47 -0.98 -3.63
N CYS A 68 -1.75 -2.03 -3.99
CA CYS A 68 -1.95 -3.32 -3.38
C CYS A 68 -0.60 -3.90 -3.02
N CYS A 69 -0.50 -4.47 -1.84
CA CYS A 69 0.78 -4.94 -1.34
C CYS A 69 0.71 -6.40 -0.95
N ASP A 70 1.88 -7.03 -0.94
CA ASP A 70 2.01 -8.42 -0.52
C ASP A 70 1.71 -8.52 0.96
N ASN A 71 2.23 -7.55 1.72
CA ASN A 71 1.96 -7.44 3.15
C ASN A 71 2.00 -5.99 3.55
N VAL A 72 1.08 -5.57 4.41
CA VAL A 72 1.17 -4.25 5.01
C VAL A 72 1.06 -4.38 6.51
N TYR A 73 1.72 -3.48 7.20
CA TYR A 73 1.85 -3.56 8.64
C TYR A 73 1.18 -2.37 9.30
N THR A 74 0.90 -2.47 10.59
CA THR A 74 0.03 -1.53 11.28
C THR A 74 0.66 -0.16 11.50
N ASN A 75 1.93 -0.02 11.15
CA ASN A 75 2.57 1.29 11.11
C ASN A 75 2.21 1.98 9.80
N GLY A 76 1.62 1.18 8.93
CA GLY A 76 1.18 1.66 7.65
C GLY A 76 2.21 1.41 6.56
N LEU A 77 3.16 0.50 6.82
CA LEU A 77 4.18 0.19 5.83
C LEU A 77 3.75 -1.02 5.02
N GLY A 78 3.81 -0.91 3.71
CA GLY A 78 3.48 -2.02 2.85
C GLY A 78 4.66 -2.52 2.06
N VAL A 79 4.75 -3.82 1.86
CA VAL A 79 5.79 -4.42 1.06
C VAL A 79 5.22 -4.92 -0.27
N GLN A 80 5.84 -4.52 -1.36
CA GLN A 80 5.43 -4.91 -2.71
C GLN A 80 4.09 -4.29 -3.06
N CYS A 81 4.02 -2.97 -2.98
CA CYS A 81 2.82 -2.23 -3.35
C CYS A 81 2.82 -1.84 -4.82
N ASN A 82 1.79 -2.24 -5.52
CA ASN A 82 1.61 -1.83 -6.90
C ASN A 82 0.49 -0.82 -7.01
N PRO A 83 0.69 0.24 -7.80
CA PRO A 83 -0.29 1.31 -7.98
C PRO A 83 -1.55 0.82 -8.67
N ILE A 84 -2.69 1.07 -8.06
CA ILE A 84 -3.98 0.68 -8.61
C ILE A 84 -4.41 1.65 -9.68
N ASN A 85 -5.11 1.14 -10.68
CA ASN A 85 -5.64 1.95 -11.74
C ASN A 85 -6.96 2.57 -11.30
N VAL A 86 -6.95 3.87 -11.07
CA VAL A 86 -8.12 4.57 -10.63
C VAL A 86 -8.38 5.74 -11.57
N ASN A 87 -9.11 5.42 -12.64
CA ASN A 87 -9.39 6.34 -13.74
C ASN A 87 -8.14 6.58 -14.58
N LEU A 88 -7.02 6.02 -14.12
CA LEU A 88 -5.72 6.21 -14.75
C LEU A 88 -5.40 7.69 -14.92
N GLY A 1 -21.40 -2.02 -1.09
CA GLY A 1 -20.46 -1.24 -1.94
C GLY A 1 -19.30 -2.09 -2.43
N SER A 2 -18.15 -1.46 -2.57
CA SER A 2 -16.95 -2.15 -3.05
C SER A 2 -15.85 -2.09 -2.00
N GLY A 3 -14.89 -2.98 -2.11
CA GLY A 3 -13.79 -3.01 -1.17
C GLY A 3 -12.53 -3.57 -1.79
N SER A 4 -12.06 -4.70 -1.26
CA SER A 4 -10.89 -5.36 -1.81
C SER A 4 -11.26 -6.16 -3.05
N SER A 5 -11.81 -5.45 -4.03
CA SER A 5 -12.22 -6.05 -5.28
C SER A 5 -11.02 -6.16 -6.23
N GLN A 6 -10.08 -5.24 -6.07
CA GLN A 6 -8.94 -5.17 -6.96
C GLN A 6 -7.77 -5.99 -6.40
N CYS A 7 -6.97 -6.52 -7.32
CA CYS A 7 -5.74 -7.26 -6.99
C CYS A 7 -6.01 -8.60 -6.32
N ASN A 8 -5.24 -9.59 -6.71
CA ASN A 8 -5.32 -10.94 -6.12
C ASN A 8 -4.34 -11.09 -4.96
N ALA A 9 -3.20 -10.41 -5.05
CA ALA A 9 -2.10 -10.58 -4.09
C ALA A 9 -2.50 -10.21 -2.67
N GLY A 10 -3.42 -9.29 -2.55
CA GLY A 10 -3.87 -8.85 -1.25
C GLY A 10 -4.99 -7.85 -1.35
N PRO A 11 -5.45 -7.30 -0.21
CA PRO A 11 -6.51 -6.31 -0.20
C PRO A 11 -6.03 -4.95 -0.70
N VAL A 12 -6.98 -4.10 -1.02
CA VAL A 12 -6.68 -2.80 -1.58
C VAL A 12 -6.19 -1.83 -0.52
N GLN A 13 -5.15 -1.09 -0.84
CA GLN A 13 -4.54 -0.18 0.11
C GLN A 13 -4.55 1.25 -0.41
N CYS A 14 -4.64 2.19 0.52
CA CYS A 14 -4.57 3.60 0.20
C CYS A 14 -3.35 4.23 0.86
N CYS A 15 -2.30 4.38 0.08
CA CYS A 15 -1.02 4.87 0.58
C CYS A 15 -0.91 6.36 0.38
N ASN A 16 -0.18 7.03 1.25
CA ASN A 16 0.12 8.44 1.09
C ASN A 16 1.15 8.62 -0.01
N THR A 17 2.18 7.79 0.04
CA THR A 17 3.28 7.87 -0.91
C THR A 17 3.66 6.48 -1.40
N LEU A 18 3.55 6.26 -2.70
CA LEU A 18 4.04 5.03 -3.31
C LEU A 18 5.45 5.25 -3.81
N THR A 19 6.38 4.60 -3.17
CA THR A 19 7.77 4.77 -3.50
C THR A 19 8.52 3.44 -3.28
N SER A 20 9.83 3.48 -3.35
CA SER A 20 10.63 2.28 -3.25
C SER A 20 11.27 2.20 -1.87
N ALA A 21 11.68 1.00 -1.47
CA ALA A 21 12.22 0.76 -0.15
C ALA A 21 13.59 1.42 0.06
N SER A 22 14.04 2.16 -0.94
CA SER A 22 15.26 2.93 -0.84
C SER A 22 14.96 4.31 -0.25
N ASN A 23 13.67 4.58 -0.06
CA ASN A 23 13.24 5.86 0.49
C ASN A 23 13.35 5.84 2.00
N SER A 24 13.87 6.93 2.56
CA SER A 24 14.07 7.05 4.00
C SER A 24 12.73 6.98 4.75
N GLN A 25 11.66 7.35 4.06
CA GLN A 25 10.32 7.23 4.62
C GLN A 25 10.00 5.77 4.85
N ALA A 26 10.24 4.97 3.82
CA ALA A 26 9.92 3.55 3.85
C ALA A 26 10.85 2.77 4.73
N ALA A 27 12.16 2.94 4.54
CA ALA A 27 13.15 2.16 5.28
C ALA A 27 13.06 2.43 6.77
N GLY A 28 12.61 3.62 7.14
CA GLY A 28 12.36 3.89 8.55
C GLY A 28 11.33 2.95 9.10
N LEU A 29 10.24 2.81 8.35
CA LEU A 29 9.16 1.90 8.69
C LEU A 29 9.61 0.45 8.60
N ILE A 30 10.22 0.10 7.46
CA ILE A 30 10.73 -1.24 7.21
C ILE A 30 11.61 -1.72 8.34
N GLN A 31 12.52 -0.87 8.76
CA GLN A 31 13.44 -1.20 9.81
C GLN A 31 12.76 -1.17 11.18
N GLN A 32 11.60 -0.51 11.27
CA GLN A 32 10.80 -0.58 12.50
C GLN A 32 10.17 -1.95 12.62
N LEU A 33 9.69 -2.46 11.51
CA LEU A 33 9.03 -3.76 11.46
C LEU A 33 10.08 -4.87 11.46
N GLY A 34 11.28 -4.50 11.03
CA GLY A 34 12.37 -5.45 10.96
C GLY A 34 12.27 -6.33 9.72
N LEU A 35 11.80 -5.73 8.64
CA LEU A 35 11.60 -6.44 7.39
C LEU A 35 12.92 -6.73 6.67
N SER A 36 13.39 -7.95 6.80
CA SER A 36 14.61 -8.37 6.14
C SER A 36 14.25 -9.06 4.83
N GLY A 37 14.83 -8.58 3.74
CA GLY A 37 14.52 -9.14 2.43
C GLY A 37 14.04 -8.06 1.48
N VAL A 38 13.50 -6.99 2.04
CA VAL A 38 13.04 -5.86 1.26
C VAL A 38 14.25 -5.03 0.81
N GLY A 39 14.56 -5.09 -0.47
CA GLY A 39 15.67 -4.33 -1.01
C GLY A 39 15.24 -2.97 -1.49
N ALA A 40 16.17 -2.20 -2.03
CA ALA A 40 15.91 -0.82 -2.41
C ALA A 40 14.96 -0.71 -3.60
N ASN A 41 14.96 -1.74 -4.45
CA ASN A 41 14.13 -1.74 -5.65
C ASN A 41 12.70 -2.18 -5.34
N VAL A 42 12.48 -2.62 -4.12
CA VAL A 42 11.18 -3.17 -3.72
C VAL A 42 10.16 -2.05 -3.55
N PRO A 43 8.95 -2.26 -4.11
CA PRO A 43 7.87 -1.29 -4.00
C PRO A 43 7.31 -1.26 -2.60
N VAL A 44 7.01 -0.07 -2.10
CA VAL A 44 6.45 0.06 -0.77
C VAL A 44 5.41 1.16 -0.73
N GLY A 45 4.49 1.04 0.21
CA GLY A 45 3.48 2.04 0.38
C GLY A 45 3.61 2.75 1.70
N ILE A 46 3.79 4.05 1.62
CA ILE A 46 3.96 4.90 2.79
C ILE A 46 2.59 5.29 3.32
N ASN A 47 2.33 5.01 4.59
CA ASN A 47 1.07 5.41 5.22
C ASN A 47 -0.11 4.76 4.50
N CYS A 48 -0.11 3.45 4.41
CA CYS A 48 -1.17 2.77 3.70
C CYS A 48 -2.17 2.15 4.66
N ASN A 49 -3.43 2.34 4.34
CA ASN A 49 -4.52 1.69 5.05
C ASN A 49 -5.46 1.05 4.04
N PRO A 50 -6.04 -0.10 4.39
CA PRO A 50 -6.84 -0.89 3.47
C PRO A 50 -8.16 -0.21 3.14
N ILE A 51 -8.42 -0.05 1.84
CA ILE A 51 -9.61 0.66 1.40
C ILE A 51 -10.82 -0.24 1.50
N THR A 52 -11.44 -0.27 2.66
CA THR A 52 -12.59 -1.12 2.87
C THR A 52 -13.82 -0.30 3.26
N GLY A 53 -13.58 0.87 3.83
CA GLY A 53 -14.67 1.75 4.20
C GLY A 53 -15.09 2.62 3.03
N ILE A 54 -14.15 2.87 2.14
CA ILE A 54 -14.43 3.65 0.94
C ILE A 54 -15.06 2.74 -0.11
N GLY A 55 -15.88 3.32 -0.98
CA GLY A 55 -16.51 2.56 -2.05
C GLY A 55 -17.99 2.38 -1.82
N ALA A 56 -18.71 3.49 -1.82
CA ALA A 56 -20.15 3.48 -1.62
C ALA A 56 -20.89 3.60 -2.95
N GLY A 57 -20.21 4.17 -3.93
CA GLY A 57 -20.81 4.36 -5.23
C GLY A 57 -20.43 3.25 -6.20
N SER A 58 -19.49 3.53 -7.08
CA SER A 58 -19.09 2.57 -8.09
C SER A 58 -17.87 1.77 -7.64
N GLY A 59 -16.85 2.48 -7.19
CA GLY A 59 -15.62 1.83 -6.74
C GLY A 59 -14.96 2.62 -5.63
N SER A 60 -14.10 1.96 -4.87
CA SER A 60 -13.44 2.60 -3.75
C SER A 60 -12.15 3.29 -4.20
N SER A 61 -12.10 4.60 -4.02
CA SER A 61 -10.94 5.37 -4.43
C SER A 61 -10.06 5.69 -3.22
N CYS A 62 -8.94 6.34 -3.46
CA CYS A 62 -7.98 6.68 -2.42
C CYS A 62 -7.57 8.14 -2.53
N ASN A 63 -7.56 8.81 -1.38
CA ASN A 63 -7.21 10.22 -1.27
C ASN A 63 -5.83 10.52 -1.84
N ALA A 64 -4.94 9.55 -1.75
CA ALA A 64 -3.57 9.77 -2.18
C ALA A 64 -3.18 8.83 -3.31
N ASN A 65 -2.59 7.69 -2.98
CA ASN A 65 -2.21 6.71 -3.99
C ASN A 65 -2.68 5.32 -3.60
N PRO A 66 -3.57 4.74 -4.40
CA PRO A 66 -4.10 3.40 -4.17
C PRO A 66 -3.13 2.33 -4.67
N ALA A 67 -2.95 1.29 -3.87
CA ALA A 67 -2.02 0.24 -4.21
C ALA A 67 -2.50 -1.10 -3.68
N CYS A 68 -1.94 -2.16 -4.22
CA CYS A 68 -2.10 -3.47 -3.66
C CYS A 68 -0.75 -3.93 -3.15
N CYS A 69 -0.68 -4.25 -1.88
CA CYS A 69 0.57 -4.65 -1.29
C CYS A 69 0.51 -6.10 -0.86
N ASP A 70 1.63 -6.79 -1.02
CA ASP A 70 1.72 -8.20 -0.67
C ASP A 70 1.54 -8.38 0.83
N ASN A 71 2.14 -7.48 1.59
CA ASN A 71 1.94 -7.39 3.04
C ASN A 71 2.05 -5.94 3.46
N VAL A 72 1.11 -5.46 4.25
CA VAL A 72 1.21 -4.10 4.79
C VAL A 72 0.86 -4.09 6.26
N TYR A 73 1.69 -3.38 7.01
CA TYR A 73 1.67 -3.44 8.45
C TYR A 73 0.96 -2.22 9.02
N THR A 74 0.55 -2.32 10.28
CA THR A 74 -0.35 -1.36 10.90
C THR A 74 0.32 0.00 11.15
N ASN A 75 1.64 0.05 11.02
CA ASN A 75 2.35 1.33 11.04
C ASN A 75 2.06 2.06 9.74
N GLY A 76 1.54 1.32 8.79
CA GLY A 76 1.18 1.87 7.51
C GLY A 76 2.19 1.55 6.43
N LEU A 77 3.09 0.61 6.69
CA LEU A 77 4.10 0.26 5.71
C LEU A 77 3.66 -0.94 4.91
N GLY A 78 3.53 -0.75 3.60
CA GLY A 78 3.21 -1.85 2.73
C GLY A 78 4.40 -2.29 1.91
N VAL A 79 4.51 -3.59 1.71
CA VAL A 79 5.59 -4.14 0.92
C VAL A 79 5.04 -4.66 -0.41
N GLN A 80 5.81 -4.46 -1.48
CA GLN A 80 5.41 -4.87 -2.81
C GLN A 80 4.09 -4.21 -3.21
N CYS A 81 4.03 -2.92 -2.97
CA CYS A 81 2.82 -2.16 -3.25
C CYS A 81 2.78 -1.73 -4.71
N ASN A 82 1.87 -2.33 -5.43
CA ASN A 82 1.66 -1.97 -6.83
C ASN A 82 0.43 -1.10 -6.98
N PRO A 83 0.57 0.05 -7.67
CA PRO A 83 -0.49 1.05 -7.80
C PRO A 83 -1.74 0.50 -8.49
N ILE A 84 -2.89 0.88 -7.97
CA ILE A 84 -4.17 0.50 -8.54
C ILE A 84 -4.54 1.45 -9.67
N ASN A 85 -5.18 0.90 -10.68
CA ASN A 85 -5.65 1.68 -11.79
C ASN A 85 -6.86 2.51 -11.37
N VAL A 86 -6.62 3.79 -11.13
CA VAL A 86 -7.68 4.71 -10.84
C VAL A 86 -7.54 5.89 -11.79
N ASN A 87 -8.11 5.71 -12.97
CA ASN A 87 -7.87 6.61 -14.10
C ASN A 87 -6.36 6.74 -14.31
N LEU A 88 -5.69 5.59 -14.28
CA LEU A 88 -4.22 5.53 -14.31
C LEU A 88 -3.69 6.14 -15.60
N GLY A 1 -13.34 -10.91 -0.62
CA GLY A 1 -13.59 -9.48 -0.92
C GLY A 1 -14.34 -8.78 0.19
N SER A 2 -13.62 -8.31 1.20
CA SER A 2 -14.21 -7.54 2.28
C SER A 2 -14.01 -6.05 2.03
N GLY A 3 -14.06 -5.67 0.77
CA GLY A 3 -13.76 -4.33 0.36
C GLY A 3 -12.76 -4.32 -0.76
N SER A 4 -11.95 -5.38 -0.81
CA SER A 4 -10.95 -5.54 -1.85
C SER A 4 -11.60 -5.82 -3.19
N SER A 5 -11.62 -4.81 -4.04
CA SER A 5 -12.17 -4.95 -5.38
C SER A 5 -11.07 -5.31 -6.36
N GLN A 6 -9.92 -4.66 -6.20
CA GLN A 6 -8.80 -4.84 -7.11
C GLN A 6 -7.75 -5.75 -6.51
N CYS A 7 -6.96 -6.35 -7.38
CA CYS A 7 -5.75 -7.10 -7.01
C CYS A 7 -6.04 -8.43 -6.32
N ASN A 8 -5.33 -9.46 -6.74
CA ASN A 8 -5.43 -10.79 -6.14
C ASN A 8 -4.37 -10.98 -5.04
N ALA A 9 -3.27 -10.24 -5.13
CA ALA A 9 -2.14 -10.43 -4.22
C ALA A 9 -2.49 -10.04 -2.80
N GLY A 10 -3.56 -9.29 -2.66
CA GLY A 10 -4.02 -8.86 -1.36
C GLY A 10 -5.24 -7.99 -1.47
N PRO A 11 -5.44 -7.07 -0.54
CA PRO A 11 -6.56 -6.15 -0.57
C PRO A 11 -6.17 -4.82 -1.22
N VAL A 12 -7.12 -3.91 -1.27
CA VAL A 12 -6.84 -2.58 -1.79
C VAL A 12 -6.30 -1.71 -0.69
N GLN A 13 -5.18 -1.07 -0.94
CA GLN A 13 -4.55 -0.24 0.05
C GLN A 13 -4.55 1.22 -0.37
N CYS A 14 -4.64 2.09 0.61
CA CYS A 14 -4.60 3.52 0.38
C CYS A 14 -3.35 4.08 1.05
N CYS A 15 -2.43 4.55 0.23
CA CYS A 15 -1.10 4.93 0.70
C CYS A 15 -0.85 6.40 0.44
N ASN A 16 -0.22 7.05 1.42
CA ASN A 16 0.13 8.46 1.32
C ASN A 16 1.17 8.68 0.23
N THR A 17 2.11 7.75 0.15
CA THR A 17 3.17 7.81 -0.84
C THR A 17 3.53 6.43 -1.37
N LEU A 18 3.53 6.28 -2.67
CA LEU A 18 4.04 5.07 -3.28
C LEU A 18 5.45 5.31 -3.77
N THR A 19 6.36 4.48 -3.31
CA THR A 19 7.77 4.61 -3.66
C THR A 19 8.49 3.29 -3.41
N SER A 20 9.81 3.29 -3.46
CA SER A 20 10.58 2.08 -3.28
C SER A 20 11.19 2.03 -1.88
N ALA A 21 11.65 0.85 -1.48
CA ALA A 21 12.15 0.63 -0.12
C ALA A 21 13.50 1.33 0.12
N SER A 22 13.94 2.09 -0.86
CA SER A 22 15.14 2.89 -0.71
C SER A 22 14.78 4.27 -0.15
N ASN A 23 13.49 4.56 -0.09
CA ASN A 23 12.99 5.85 0.40
C ASN A 23 13.11 5.93 1.92
N SER A 24 13.35 7.13 2.42
CA SER A 24 13.54 7.36 3.85
C SER A 24 12.24 7.10 4.63
N GLN A 25 11.09 7.29 3.98
CA GLN A 25 9.83 6.94 4.60
C GLN A 25 9.77 5.44 4.79
N ALA A 26 9.98 4.74 3.68
CA ALA A 26 9.86 3.30 3.64
C ALA A 26 10.84 2.63 4.57
N ALA A 27 12.13 2.89 4.37
CA ALA A 27 13.16 2.22 5.14
C ALA A 27 13.05 2.54 6.62
N GLY A 28 12.63 3.75 6.95
CA GLY A 28 12.37 4.09 8.33
C GLY A 28 11.36 3.15 8.94
N LEU A 29 10.27 2.96 8.22
CA LEU A 29 9.22 2.03 8.60
C LEU A 29 9.74 0.59 8.60
N ILE A 30 10.34 0.19 7.48
CA ILE A 30 10.90 -1.15 7.30
C ILE A 30 11.82 -1.52 8.45
N GLN A 31 12.71 -0.61 8.78
CA GLN A 31 13.66 -0.83 9.83
C GLN A 31 13.00 -0.76 11.22
N GLN A 32 11.80 -0.19 11.29
CA GLN A 32 11.04 -0.23 12.54
C GLN A 32 10.42 -1.60 12.73
N LEU A 33 9.94 -2.17 11.65
CA LEU A 33 9.29 -3.47 11.67
C LEU A 33 10.33 -4.58 11.70
N GLY A 34 11.52 -4.24 11.24
CA GLY A 34 12.61 -5.19 11.17
C GLY A 34 12.48 -6.12 9.99
N LEU A 35 12.03 -5.57 8.87
CA LEU A 35 11.75 -6.34 7.66
C LEU A 35 13.03 -6.66 6.90
N SER A 36 13.52 -7.87 7.08
CA SER A 36 14.64 -8.35 6.32
C SER A 36 14.14 -9.00 5.03
N GLY A 37 14.80 -8.72 3.92
CA GLY A 37 14.38 -9.27 2.64
C GLY A 37 13.92 -8.19 1.69
N VAL A 38 13.37 -7.12 2.24
CA VAL A 38 12.95 -5.97 1.45
C VAL A 38 14.17 -5.16 1.04
N GLY A 39 14.52 -5.20 -0.25
CA GLY A 39 15.62 -4.44 -0.76
C GLY A 39 15.17 -3.11 -1.33
N ALA A 40 16.09 -2.38 -1.95
CA ALA A 40 15.80 -1.03 -2.40
C ALA A 40 14.90 -1.02 -3.64
N ASN A 41 14.96 -2.07 -4.44
CA ASN A 41 14.16 -2.15 -5.65
C ASN A 41 12.73 -2.57 -5.35
N VAL A 42 12.48 -2.90 -4.09
CA VAL A 42 11.19 -3.40 -3.67
C VAL A 42 10.16 -2.28 -3.58
N PRO A 43 8.98 -2.49 -4.18
CA PRO A 43 7.90 -1.53 -4.14
C PRO A 43 7.30 -1.47 -2.74
N VAL A 44 7.03 -0.28 -2.25
CA VAL A 44 6.44 -0.15 -0.93
C VAL A 44 5.39 0.94 -0.90
N GLY A 45 4.62 0.95 0.15
CA GLY A 45 3.64 1.98 0.34
C GLY A 45 3.82 2.67 1.66
N ILE A 46 3.80 3.99 1.61
CA ILE A 46 3.96 4.81 2.79
C ILE A 46 2.60 5.16 3.36
N ASN A 47 2.38 4.79 4.62
CA ASN A 47 1.13 5.10 5.32
C ASN A 47 -0.05 4.46 4.58
N CYS A 48 -0.02 3.14 4.47
CA CYS A 48 -1.06 2.41 3.76
C CYS A 48 -2.11 1.88 4.72
N ASN A 49 -3.36 1.99 4.31
CA ASN A 49 -4.46 1.37 5.02
C ASN A 49 -5.38 0.68 4.03
N PRO A 50 -6.01 -0.42 4.45
CA PRO A 50 -6.89 -1.21 3.59
C PRO A 50 -8.20 -0.50 3.33
N ILE A 51 -8.47 -0.25 2.05
CA ILE A 51 -9.67 0.47 1.67
C ILE A 51 -10.86 -0.49 1.68
N THR A 52 -11.47 -0.64 2.82
CA THR A 52 -12.56 -1.57 2.95
C THR A 52 -13.87 -0.86 3.24
N GLY A 53 -13.78 0.38 3.67
CA GLY A 53 -14.96 1.20 3.86
C GLY A 53 -15.42 1.80 2.56
N ILE A 54 -14.46 2.32 1.79
CA ILE A 54 -14.74 2.85 0.47
C ILE A 54 -14.83 1.70 -0.53
N GLY A 55 -15.64 1.88 -1.56
CA GLY A 55 -15.76 0.88 -2.60
C GLY A 55 -16.64 -0.27 -2.20
N ALA A 56 -16.18 -1.07 -1.25
CA ALA A 56 -16.90 -2.24 -0.75
C ALA A 56 -17.24 -3.22 -1.87
N GLY A 57 -16.37 -3.29 -2.87
CA GLY A 57 -16.60 -4.17 -3.99
C GLY A 57 -16.89 -3.41 -5.27
N SER A 58 -17.24 -2.14 -5.14
CA SER A 58 -17.56 -1.31 -6.29
C SER A 58 -16.31 -0.68 -6.90
N GLY A 59 -15.15 -1.00 -6.34
CA GLY A 59 -13.91 -0.41 -6.80
C GLY A 59 -13.50 0.77 -5.94
N SER A 60 -12.91 0.47 -4.80
CA SER A 60 -12.57 1.49 -3.82
C SER A 60 -11.41 2.37 -4.31
N SER A 61 -11.58 3.68 -4.16
CA SER A 61 -10.54 4.63 -4.50
C SER A 61 -9.81 5.08 -3.24
N CYS A 62 -8.66 5.72 -3.41
CA CYS A 62 -7.86 6.18 -2.29
C CYS A 62 -7.70 7.69 -2.33
N ASN A 63 -7.59 8.31 -1.16
CA ASN A 63 -7.39 9.75 -1.08
C ASN A 63 -6.07 10.15 -1.74
N ALA A 64 -4.99 9.49 -1.36
CA ALA A 64 -3.70 9.78 -1.94
C ALA A 64 -3.38 8.84 -3.10
N ASN A 65 -2.75 7.71 -2.80
CA ASN A 65 -2.36 6.76 -3.84
C ASN A 65 -2.91 5.37 -3.52
N PRO A 66 -3.71 4.83 -4.43
CA PRO A 66 -4.25 3.48 -4.30
C PRO A 66 -3.25 2.43 -4.77
N ALA A 67 -3.00 1.44 -3.95
CA ALA A 67 -2.06 0.39 -4.28
C ALA A 67 -2.52 -0.94 -3.74
N CYS A 68 -1.91 -2.00 -4.24
CA CYS A 68 -2.09 -3.30 -3.65
C CYS A 68 -0.74 -3.82 -3.22
N CYS A 69 -0.63 -4.20 -1.96
CA CYS A 69 0.63 -4.68 -1.44
C CYS A 69 0.51 -6.13 -1.03
N ASP A 70 1.62 -6.85 -1.12
CA ASP A 70 1.66 -8.24 -0.72
C ASP A 70 1.39 -8.36 0.78
N ASN A 71 2.03 -7.50 1.55
CA ASN A 71 1.76 -7.39 2.99
C ASN A 71 1.88 -5.93 3.40
N VAL A 72 1.07 -5.50 4.35
CA VAL A 72 1.27 -4.19 4.97
C VAL A 72 1.18 -4.33 6.48
N TYR A 73 1.64 -3.30 7.17
CA TYR A 73 1.71 -3.32 8.62
C TYR A 73 1.06 -2.08 9.18
N THR A 74 0.71 -2.14 10.47
CA THR A 74 -0.14 -1.13 11.11
C THR A 74 0.56 0.22 11.29
N ASN A 75 1.88 0.24 11.15
CA ASN A 75 2.61 1.51 11.10
C ASN A 75 2.31 2.19 9.78
N GLY A 76 1.78 1.41 8.86
CA GLY A 76 1.40 1.91 7.57
C GLY A 76 2.38 1.53 6.48
N LEU A 77 3.27 0.59 6.76
CA LEU A 77 4.26 0.21 5.79
C LEU A 77 3.76 -0.95 4.94
N GLY A 78 3.69 -0.74 3.64
CA GLY A 78 3.28 -1.79 2.74
C GLY A 78 4.46 -2.31 1.94
N VAL A 79 4.50 -3.62 1.75
CA VAL A 79 5.55 -4.24 0.97
C VAL A 79 4.99 -4.77 -0.35
N GLN A 80 5.75 -4.58 -1.42
CA GLN A 80 5.33 -4.97 -2.76
C GLN A 80 4.01 -4.32 -3.14
N CYS A 81 4.01 -3.01 -3.11
CA CYS A 81 2.83 -2.23 -3.43
C CYS A 81 2.82 -1.81 -4.88
N ASN A 82 1.80 -2.25 -5.60
CA ASN A 82 1.63 -1.83 -6.99
C ASN A 82 0.47 -0.85 -7.11
N PRO A 83 0.65 0.21 -7.93
CA PRO A 83 -0.37 1.26 -8.09
C PRO A 83 -1.61 0.75 -8.80
N ILE A 84 -2.76 1.11 -8.27
CA ILE A 84 -4.04 0.73 -8.85
C ILE A 84 -4.40 1.69 -9.98
N ASN A 85 -5.08 1.16 -10.97
CA ASN A 85 -5.51 1.93 -12.12
C ASN A 85 -6.75 2.74 -11.78
N VAL A 86 -6.53 4.01 -11.48
CA VAL A 86 -7.60 4.92 -11.13
C VAL A 86 -7.50 6.16 -12.01
N ASN A 87 -8.13 6.07 -13.19
CA ASN A 87 -8.02 7.09 -14.23
C ASN A 87 -6.65 7.04 -14.93
N LEU A 88 -5.63 6.69 -14.14
CA LEU A 88 -4.27 6.50 -14.62
C LEU A 88 -3.66 7.83 -15.09
#